data_5A16
#
_entry.id   5A16
#
_cell.length_a   82.190
_cell.length_b   82.190
_cell.length_c   270.380
_cell.angle_alpha   90.00
_cell.angle_beta   90.00
_cell.angle_gamma   90.00
#
_symmetry.space_group_name_H-M   'P 41'
#
loop_
_entity.id
_entity.type
_entity.pdbx_description
1 polymer 'FAB4201 HEAVY CHAIN'
2 polymer 'FAB4201 HEAVY CHAIN'
3 water water
#
loop_
_entity_poly.entity_id
_entity_poly.type
_entity_poly.pdbx_seq_one_letter_code
_entity_poly.pdbx_strand_id
1 'polypeptide(L)'
;EVKLQESGPGKLQPSQTLSLTCSFSGFSLTTSGIGVGWIRQPSGKGLEWLAHIWWSASKYYNTALKSRLTISKDTSNNQV
FLKIASVDTADTATYYCARAYYGNYGGYYFDYWGQGTTLTVSSAKTTAPSVYPLAPVCGDTTGSSVTLGCLVKGYFPEPV
TLTWNSGSLSSGVHTFPAVLQSDLYTLSSSVTVTSSTWPSQSITCNVAHPASSTKVDKKIEPRGPTIKPCPPCKCP
;
A,C,E,G
2 'polypeptide(L)'
;DIVMTQSPASLAVSLGQRATISCRASQSVSTSSYSYMNWYQQKPGQPPKLLIKYASNLESGVPARFSGSGSGTDFTLNIH
PLEEEDTATYYCQHSWEIPWTFGGGTKVEIKRADAAPTVSIFPPSSEQLTSGGASVVCFLNNFYPKDINVKWKIDGSERQ
NGVLNSWTDQDSKDSTYSMSSTLTLTKDEYERHNSYTCEATHKTSTSPIVKSFNRNEC
;
B,D,F,H
#
# COMPACT_ATOMS: atom_id res chain seq x y z
N GLU A 1 -13.88 -27.55 1.44
CA GLU A 1 -14.11 -26.50 2.47
C GLU A 1 -14.03 -27.14 3.86
N VAL A 2 -12.88 -27.01 4.50
CA VAL A 2 -12.65 -27.67 5.79
C VAL A 2 -13.30 -26.90 6.94
N LYS A 3 -14.22 -27.56 7.65
CA LYS A 3 -14.89 -26.94 8.80
C LYS A 3 -14.78 -27.79 10.06
N LEU A 4 -14.59 -27.11 11.19
CA LEU A 4 -14.69 -27.73 12.51
C LEU A 4 -15.68 -26.92 13.35
N GLN A 5 -16.64 -27.61 13.96
CA GLN A 5 -17.68 -26.93 14.72
C GLN A 5 -17.84 -27.52 16.12
N GLU A 6 -17.44 -26.76 17.12
CA GLU A 6 -17.58 -27.17 18.52
C GLU A 6 -19.00 -26.96 19.02
N SER A 7 -19.48 -27.87 19.87
CA SER A 7 -20.70 -27.64 20.64
C SER A 7 -20.52 -28.15 22.07
N GLY A 8 -20.99 -27.38 23.03
CA GLY A 8 -20.92 -27.76 24.43
C GLY A 8 -22.12 -27.25 25.19
N PRO A 9 -22.17 -27.54 26.50
CA PRO A 9 -23.33 -27.17 27.32
C PRO A 9 -23.34 -25.71 27.77
N GLY A 10 -22.35 -24.94 27.34
CA GLY A 10 -22.25 -23.56 27.71
C GLY A 10 -21.80 -23.39 29.15
N LYS A 11 -22.57 -23.92 30.09
CA LYS A 11 -22.16 -23.92 31.48
C LYS A 11 -22.47 -25.25 32.15
N LEU A 12 -21.83 -25.48 33.29
CA LEU A 12 -21.84 -26.76 33.95
C LEU A 12 -21.53 -26.62 35.43
N GLN A 13 -22.26 -27.36 36.26
CA GLN A 13 -22.00 -27.31 37.69
C GLN A 13 -20.65 -27.99 37.98
N PRO A 14 -19.92 -27.49 38.98
CA PRO A 14 -18.68 -28.16 39.37
C PRO A 14 -18.91 -29.63 39.72
N SER A 15 -17.90 -30.47 39.46
CA SER A 15 -17.93 -31.89 39.82
C SER A 15 -18.62 -32.75 38.75
N GLN A 16 -19.35 -32.13 37.83
CA GLN A 16 -20.06 -32.89 36.81
C GLN A 16 -19.16 -33.26 35.64
N THR A 17 -19.69 -34.05 34.71
CA THR A 17 -18.90 -34.53 33.57
C THR A 17 -19.20 -33.73 32.31
N LEU A 18 -18.18 -33.05 31.79
CA LEU A 18 -18.31 -32.27 30.57
C LEU A 18 -18.20 -33.14 29.32
N SER A 19 -19.16 -32.95 28.42
CA SER A 19 -19.13 -33.64 27.12
C SER A 19 -19.04 -32.63 25.99
N LEU A 20 -17.93 -32.66 25.26
CA LEU A 20 -17.75 -31.76 24.12
C LEU A 20 -17.91 -32.53 22.82
N THR A 21 -18.51 -31.87 21.83
CA THR A 21 -18.75 -32.47 20.52
C THR A 21 -18.13 -31.62 19.44
N CYS A 22 -17.53 -32.26 18.45
CA CYS A 22 -16.98 -31.58 17.30
C CYS A 22 -17.48 -32.20 16.00
N SER A 23 -18.14 -31.40 15.18
CA SER A 23 -18.56 -31.84 13.86
C SER A 23 -17.66 -31.22 12.81
N PHE A 24 -17.27 -32.00 11.81
CA PHE A 24 -16.36 -31.47 10.78
C PHE A 24 -16.79 -31.88 9.38
N SER A 25 -16.26 -31.16 8.39
CA SER A 25 -16.53 -31.43 7.00
C SER A 25 -15.33 -30.99 6.16
N GLY A 26 -15.24 -31.49 4.94
CA GLY A 26 -14.13 -31.18 4.05
C GLY A 26 -12.98 -32.17 4.10
N PHE A 27 -13.10 -33.18 4.97
CA PHE A 27 -12.10 -34.24 5.06
C PHE A 27 -12.67 -35.44 5.82
N SER A 28 -12.04 -36.61 5.65
CA SER A 28 -12.46 -37.80 6.37
C SER A 28 -11.46 -38.17 7.46
N LEU A 29 -11.98 -38.68 8.57
CA LEU A 29 -11.13 -39.14 9.66
C LEU A 29 -10.71 -40.60 9.40
N THR A 30 -10.96 -41.08 8.18
CA THR A 30 -10.43 -42.36 7.71
C THR A 30 -9.09 -42.16 7.02
N THR A 31 -8.87 -40.94 6.53
CA THR A 31 -7.66 -40.61 5.78
C THR A 31 -6.44 -40.72 6.69
N SER A 32 -5.39 -41.35 6.16
CA SER A 32 -4.16 -41.55 6.91
C SER A 32 -3.48 -40.22 7.23
N GLY A 33 -3.05 -40.07 8.47
CA GLY A 33 -2.33 -38.89 8.91
C GLY A 33 -3.20 -37.81 9.54
N ILE A 34 -4.51 -38.02 9.54
CA ILE A 34 -5.43 -37.01 10.03
C ILE A 34 -5.95 -37.37 11.40
N GLY A 35 -5.99 -36.38 12.28
CA GLY A 35 -6.57 -36.52 13.59
C GLY A 35 -7.39 -35.31 13.98
N VAL A 36 -8.34 -35.51 14.88
CA VAL A 36 -9.16 -34.41 15.37
C VAL A 36 -9.12 -34.41 16.89
N GLY A 37 -8.99 -33.23 17.48
CA GLY A 37 -8.85 -33.12 18.92
C GLY A 37 -9.15 -31.74 19.48
N TRP A 38 -8.66 -31.50 20.69
CA TRP A 38 -9.10 -30.37 21.48
C TRP A 38 -7.96 -29.59 22.12
N ILE A 39 -8.05 -28.26 22.01
CA ILE A 39 -7.13 -27.36 22.68
C ILE A 39 -7.99 -26.29 23.32
N ARG A 40 -7.68 -25.93 24.56
CA ARG A 40 -8.50 -24.98 25.29
C ARG A 40 -7.70 -23.73 25.66
N GLN A 41 -8.40 -22.60 25.70
CA GLN A 41 -7.80 -21.33 26.06
C GLN A 41 -8.55 -20.75 27.25
N PRO A 42 -7.95 -20.80 28.45
CA PRO A 42 -8.60 -20.15 29.59
C PRO A 42 -8.68 -18.65 29.40
N SER A 43 -9.69 -18.01 29.99
CA SER A 43 -9.93 -16.59 29.74
C SER A 43 -8.67 -15.77 29.97
N GLY A 44 -8.26 -15.06 28.91
CA GLY A 44 -7.09 -14.19 29.00
C GLY A 44 -5.81 -14.94 29.26
N LYS A 45 -5.66 -16.09 28.62
CA LYS A 45 -4.49 -16.94 28.82
C LYS A 45 -4.05 -17.55 27.49
N GLY A 46 -3.08 -18.45 27.57
CA GLY A 46 -2.56 -19.11 26.39
C GLY A 46 -3.26 -20.42 26.09
N LEU A 47 -2.52 -21.35 25.46
CA LEU A 47 -3.14 -22.55 24.91
C LEU A 47 -2.67 -23.82 25.60
N GLU A 48 -3.60 -24.75 25.81
CA GLU A 48 -3.31 -26.03 26.43
C GLU A 48 -3.91 -27.17 25.61
N TRP A 49 -3.05 -28.02 25.07
CA TRP A 49 -3.51 -29.19 24.33
C TRP A 49 -4.16 -30.19 25.29
N LEU A 50 -5.25 -30.79 24.86
CA LEU A 50 -5.97 -31.74 25.71
C LEU A 50 -5.80 -33.16 25.18
N ALA A 51 -6.36 -33.43 24.01
CA ALA A 51 -6.27 -34.77 23.45
C ALA A 51 -6.59 -34.76 21.96
N HIS A 52 -6.14 -35.81 21.27
CA HIS A 52 -6.44 -36.01 19.86
C HIS A 52 -6.68 -37.49 19.59
N ILE A 53 -7.53 -37.78 18.61
CA ILE A 53 -7.77 -39.15 18.19
C ILE A 53 -7.52 -39.24 16.69
N TRP A 54 -6.86 -40.30 16.26
CA TRP A 54 -6.40 -40.42 14.88
C TRP A 54 -7.25 -41.39 14.08
N TRP A 55 -7.11 -41.35 12.76
CA TRP A 55 -7.75 -42.30 11.87
C TRP A 55 -7.42 -43.71 12.35
N SER A 56 -6.24 -43.83 12.95
CA SER A 56 -5.76 -45.09 13.52
C SER A 56 -6.64 -45.61 14.67
N ALA A 57 -7.49 -44.72 15.19
CA ALA A 57 -8.18 -44.93 16.45
C ALA A 57 -7.20 -44.80 17.62
N SER A 58 -5.95 -44.48 17.30
CA SER A 58 -4.97 -44.17 18.32
C SER A 58 -5.35 -42.83 18.93
N LYS A 59 -5.19 -42.69 20.23
CA LYS A 59 -5.59 -41.45 20.89
C LYS A 59 -4.53 -40.90 21.82
N TYR A 60 -4.17 -39.64 21.59
CA TYR A 60 -3.16 -38.96 22.37
C TYR A 60 -3.81 -38.16 23.49
N TYR A 61 -3.22 -38.24 24.67
CA TYR A 61 -3.75 -37.54 25.83
C TYR A 61 -2.68 -36.65 26.44
N ASN A 62 -3.11 -35.50 26.93
CA ASN A 62 -2.24 -34.63 27.70
C ASN A 62 -2.01 -35.26 29.08
N THR A 63 -0.75 -35.51 29.42
CA THR A 63 -0.42 -36.08 30.71
C THR A 63 -0.93 -35.13 31.78
N ALA A 64 -1.10 -35.62 32.99
CA ALA A 64 -1.67 -34.85 34.11
C ALA A 64 -3.20 -34.73 33.97
N LEU A 65 -3.67 -34.43 32.77
CA LEU A 65 -5.11 -34.42 32.50
C LEU A 65 -5.57 -35.82 32.09
N LYS A 66 -4.61 -36.64 31.65
CA LYS A 66 -4.85 -38.01 31.18
C LYS A 66 -5.96 -38.73 31.94
N SER A 67 -5.82 -38.77 33.26
CA SER A 67 -6.77 -39.49 34.11
C SER A 67 -8.21 -39.03 33.91
N ARG A 68 -8.42 -37.75 33.60
CA ARG A 68 -9.77 -37.20 33.49
C ARG A 68 -10.29 -37.12 32.06
N LEU A 69 -9.48 -37.50 31.09
CA LEU A 69 -9.85 -37.32 29.69
C LEU A 69 -10.23 -38.63 29.00
N THR A 70 -11.29 -38.57 28.21
CA THR A 70 -11.67 -39.69 27.34
C THR A 70 -12.10 -39.13 25.99
N ILE A 71 -11.40 -39.54 24.93
CA ILE A 71 -11.72 -39.08 23.60
C ILE A 71 -12.23 -40.27 22.79
N SER A 72 -13.20 -40.00 21.92
CA SER A 72 -13.78 -41.03 21.07
C SER A 72 -14.13 -40.40 19.74
N LYS A 73 -14.69 -41.19 18.84
CA LYS A 73 -15.00 -40.69 17.51
C LYS A 73 -16.15 -41.44 16.85
N ASP A 74 -16.91 -40.70 16.03
CA ASP A 74 -17.91 -41.30 15.16
C ASP A 74 -17.55 -40.96 13.72
N THR A 75 -16.66 -41.78 13.15
CA THR A 75 -16.09 -41.51 11.83
C THR A 75 -17.14 -41.42 10.73
N SER A 76 -18.12 -42.31 10.76
CA SER A 76 -19.11 -42.38 9.69
C SER A 76 -20.01 -41.14 9.67
N ASN A 77 -20.11 -40.45 10.80
CA ASN A 77 -20.90 -39.21 10.88
C ASN A 77 -20.04 -37.97 11.20
N ASN A 78 -18.74 -38.08 10.93
CA ASN A 78 -17.82 -36.95 11.04
C ASN A 78 -17.87 -36.21 12.38
N GLN A 79 -17.74 -36.94 13.46
CA GLN A 79 -17.70 -36.34 14.79
C GLN A 79 -16.67 -36.98 15.71
N VAL A 80 -16.08 -36.16 16.57
CA VAL A 80 -15.27 -36.68 17.67
C VAL A 80 -15.79 -36.03 18.96
N PHE A 81 -15.62 -36.74 20.06
CA PHE A 81 -16.14 -36.30 21.35
C PHE A 81 -15.05 -36.33 22.40
N LEU A 82 -15.12 -35.39 23.35
CA LEU A 82 -14.21 -35.41 24.49
C LEU A 82 -15.03 -35.32 25.76
N LYS A 83 -14.68 -36.17 26.71
CA LYS A 83 -15.32 -36.15 28.03
C LYS A 83 -14.27 -35.80 29.07
N ILE A 84 -14.62 -34.86 29.94
CA ILE A 84 -13.75 -34.46 31.04
C ILE A 84 -14.49 -34.71 32.33
N ALA A 85 -13.93 -35.59 33.16
CA ALA A 85 -14.58 -36.04 34.39
C ALA A 85 -14.36 -35.06 35.55
N SER A 86 -15.31 -35.04 36.48
CA SER A 86 -15.20 -34.26 37.71
C SER A 86 -14.67 -32.85 37.44
N VAL A 87 -15.42 -32.13 36.61
CA VAL A 87 -15.01 -30.79 36.19
C VAL A 87 -14.97 -29.83 37.38
N ASP A 88 -14.01 -28.92 37.36
CA ASP A 88 -13.91 -27.89 38.39
C ASP A 88 -13.77 -26.52 37.72
N THR A 89 -13.75 -25.46 38.52
CA THR A 89 -13.77 -24.10 38.00
C THR A 89 -12.52 -23.76 37.20
N ALA A 90 -11.45 -24.54 37.37
CA ALA A 90 -10.23 -24.34 36.60
C ALA A 90 -10.38 -24.85 35.16
N ASP A 91 -11.52 -25.46 34.86
CA ASP A 91 -11.80 -25.95 33.52
C ASP A 91 -12.57 -24.93 32.69
N THR A 92 -12.89 -23.80 33.32
CA THR A 92 -13.48 -22.67 32.59
C THR A 92 -12.54 -22.22 31.50
N ALA A 93 -13.00 -22.32 30.25
CA ALA A 93 -12.16 -21.98 29.11
C ALA A 93 -12.96 -22.01 27.81
N THR A 94 -12.34 -21.49 26.75
CA THR A 94 -12.84 -21.69 25.39
C THR A 94 -12.26 -22.99 24.86
N TYR A 95 -13.12 -23.87 24.36
CA TYR A 95 -12.66 -25.15 23.84
C TYR A 95 -12.68 -25.15 22.31
N TYR A 96 -11.50 -25.31 21.73
CA TYR A 96 -11.32 -25.35 20.29
C TYR A 96 -11.20 -26.78 19.78
N CYS A 97 -11.94 -27.09 18.73
CA CYS A 97 -11.70 -28.32 17.99
C CYS A 97 -10.72 -28.02 16.87
N ALA A 98 -9.64 -28.79 16.80
CA ALA A 98 -8.61 -28.56 15.80
C ALA A 98 -8.20 -29.87 15.13
N ARG A 99 -7.95 -29.79 13.83
CA ARG A 99 -7.42 -30.92 13.08
C ARG A 99 -5.92 -31.02 13.31
N ALA A 100 -5.44 -32.23 13.59
CA ALA A 100 -4.00 -32.46 13.73
C ALA A 100 -3.51 -33.24 12.52
N TYR A 101 -2.33 -32.88 12.03
CA TYR A 101 -1.74 -33.54 10.88
C TYR A 101 -0.43 -34.19 11.27
N TYR A 102 -0.27 -35.45 10.91
CA TYR A 102 0.96 -36.18 11.18
C TYR A 102 1.94 -35.91 10.05
N GLY A 103 3.01 -35.19 10.38
CA GLY A 103 3.87 -34.63 9.37
C GLY A 103 4.57 -35.67 8.51
N ASN A 104 4.88 -35.28 7.28
CA ASN A 104 5.60 -36.13 6.35
C ASN A 104 6.99 -36.43 6.90
N TYR A 105 7.51 -35.46 7.65
CA TYR A 105 8.83 -35.54 8.26
C TYR A 105 8.77 -35.96 9.74
N GLY A 106 7.62 -36.46 10.16
CA GLY A 106 7.34 -36.67 11.57
C GLY A 106 6.86 -35.37 12.21
N GLY A 107 6.58 -35.42 13.50
CA GLY A 107 6.08 -34.23 14.15
C GLY A 107 4.62 -34.01 13.81
N TYR A 108 4.03 -32.97 14.40
CA TYR A 108 2.60 -32.73 14.31
C TYR A 108 2.33 -31.22 14.28
N TYR A 109 1.24 -30.84 13.64
CA TYR A 109 0.78 -29.45 13.68
C TYR A 109 -0.73 -29.35 13.47
N PHE A 110 -1.31 -28.26 13.95
CA PHE A 110 -2.76 -28.05 13.89
C PHE A 110 -3.10 -27.08 12.78
N ASP A 111 -3.56 -27.61 11.65
CA ASP A 111 -3.73 -26.79 10.46
C ASP A 111 -5.14 -26.20 10.27
N TYR A 112 -6.16 -26.80 10.89
CA TYR A 112 -7.50 -26.21 10.86
C TYR A 112 -8.12 -26.16 12.25
N TRP A 113 -8.73 -25.02 12.57
CA TRP A 113 -9.34 -24.81 13.88
C TRP A 113 -10.81 -24.42 13.78
N GLY A 114 -11.62 -24.91 14.70
CA GLY A 114 -12.98 -24.44 14.85
C GLY A 114 -13.01 -23.06 15.48
N GLN A 115 -14.19 -22.45 15.52
CA GLN A 115 -14.34 -21.10 16.06
C GLN A 115 -14.35 -21.14 17.59
N GLY A 116 -14.55 -22.32 18.15
CA GLY A 116 -14.47 -22.50 19.60
C GLY A 116 -15.83 -22.49 20.26
N THR A 117 -15.91 -23.09 21.44
CA THR A 117 -17.13 -23.03 22.24
C THR A 117 -16.75 -22.64 23.68
N THR A 118 -17.48 -21.67 24.24
CA THR A 118 -17.14 -21.18 25.57
C THR A 118 -17.82 -22.04 26.63
N LEU A 119 -17.04 -22.41 27.64
CA LEU A 119 -17.55 -23.20 28.75
C LEU A 119 -17.26 -22.53 30.08
N THR A 120 -18.27 -22.43 30.92
CA THR A 120 -18.08 -21.91 32.26
C THR A 120 -18.46 -22.96 33.27
N VAL A 121 -17.55 -23.22 34.19
CA VAL A 121 -17.82 -24.11 35.32
C VAL A 121 -18.14 -23.22 36.50
N SER A 122 -19.41 -23.20 36.89
CA SER A 122 -19.85 -22.26 37.92
C SER A 122 -21.08 -22.75 38.67
N SER A 123 -21.11 -22.46 39.96
CA SER A 123 -22.28 -22.72 40.79
C SER A 123 -23.41 -21.75 40.47
N ALA A 124 -23.04 -20.57 39.98
CA ALA A 124 -23.99 -19.47 39.78
C ALA A 124 -25.13 -19.84 38.84
N LYS A 125 -26.16 -18.99 38.84
CA LYS A 125 -27.39 -19.24 38.10
C LYS A 125 -27.39 -18.61 36.70
N THR A 126 -28.02 -19.29 35.75
CA THR A 126 -28.23 -18.72 34.43
C THR A 126 -29.14 -17.51 34.57
N THR A 127 -28.81 -16.42 33.87
CA THR A 127 -29.61 -15.21 33.93
C THR A 127 -29.63 -14.49 32.59
N ALA A 128 -30.82 -14.11 32.13
CA ALA A 128 -30.93 -13.35 30.88
C ALA A 128 -30.43 -11.93 31.09
N PRO A 129 -29.99 -11.28 30.00
CA PRO A 129 -29.48 -9.91 30.12
C PRO A 129 -30.57 -8.85 30.15
N SER A 130 -30.33 -7.78 30.89
CA SER A 130 -31.13 -6.57 30.75
C SER A 130 -30.46 -5.70 29.71
N VAL A 131 -31.22 -5.24 28.72
CA VAL A 131 -30.66 -4.43 27.65
C VAL A 131 -31.17 -3.01 27.82
N TYR A 132 -30.24 -2.06 27.89
CA TYR A 132 -30.58 -0.67 28.16
C TYR A 132 -30.14 0.23 26.99
N PRO A 133 -31.07 1.05 26.47
CA PRO A 133 -30.68 1.99 25.43
C PRO A 133 -29.98 3.21 26.00
N LEU A 134 -28.88 3.63 25.38
CA LEU A 134 -28.12 4.77 25.88
C LEU A 134 -28.05 5.87 24.84
N ALA A 135 -28.97 6.83 24.95
CA ALA A 135 -28.95 8.01 24.08
C ALA A 135 -28.13 9.12 24.75
N PRO A 136 -27.67 10.10 23.97
CA PRO A 136 -26.80 11.14 24.53
C PRO A 136 -27.47 11.98 25.62
N VAL A 137 -26.68 12.77 26.33
CA VAL A 137 -27.20 13.63 27.39
C VAL A 137 -28.21 14.61 26.81
N CYS A 138 -29.30 14.81 27.52
CA CYS A 138 -30.35 15.75 27.12
C CYS A 138 -29.78 17.16 27.12
N GLY A 139 -30.01 17.89 26.03
CA GLY A 139 -29.60 19.28 25.95
C GLY A 139 -28.12 19.45 25.61
N ASP A 140 -27.46 18.33 25.33
CA ASP A 140 -26.06 18.37 24.95
C ASP A 140 -25.92 19.17 23.66
N THR A 141 -24.98 20.11 23.65
CA THR A 141 -24.75 20.90 22.44
C THR A 141 -24.13 19.98 21.40
N THR A 142 -24.96 19.49 20.48
CA THR A 142 -24.56 18.45 19.54
C THR A 142 -23.51 18.94 18.54
N GLY A 143 -22.53 18.08 18.27
CA GLY A 143 -21.46 18.38 17.34
C GLY A 143 -21.70 17.79 15.96
N SER A 144 -20.63 17.65 15.19
CA SER A 144 -20.71 17.10 13.84
C SER A 144 -21.13 15.63 13.82
N SER A 145 -20.87 14.92 14.91
CA SER A 145 -21.28 13.52 15.02
C SER A 145 -21.80 13.24 16.42
N VAL A 146 -22.59 12.17 16.56
CA VAL A 146 -23.14 11.77 17.85
C VAL A 146 -22.79 10.32 18.11
N THR A 147 -22.55 10.00 19.38
CA THR A 147 -22.24 8.65 19.79
C THR A 147 -23.42 8.06 20.55
N LEU A 148 -23.89 6.90 20.10
CA LEU A 148 -24.95 6.19 20.80
C LEU A 148 -24.35 4.98 21.52
N GLY A 149 -25.11 4.40 22.44
CA GLY A 149 -24.63 3.30 23.24
C GLY A 149 -25.68 2.29 23.56
N CYS A 150 -25.23 1.11 23.99
CA CYS A 150 -26.12 0.03 24.37
C CYS A 150 -25.50 -0.76 25.51
N LEU A 151 -26.20 -0.85 26.64
CA LEU A 151 -25.67 -1.50 27.84
C LEU A 151 -26.35 -2.83 28.08
N VAL A 152 -25.54 -3.85 28.37
CA VAL A 152 -26.03 -5.20 28.55
C VAL A 152 -25.55 -5.76 29.89
N LYS A 153 -26.44 -5.74 30.88
CA LYS A 153 -26.07 -6.19 32.23
C LYS A 153 -26.85 -7.40 32.72
N GLY A 154 -26.37 -7.97 33.82
CA GLY A 154 -27.11 -8.95 34.58
C GLY A 154 -27.30 -10.31 33.93
N TYR A 155 -26.38 -10.71 33.07
CA TYR A 155 -26.49 -12.01 32.42
C TYR A 155 -25.33 -12.93 32.78
N PHE A 156 -25.58 -14.22 32.62
CA PHE A 156 -24.59 -15.24 32.92
C PHE A 156 -25.03 -16.55 32.28
N PRO A 157 -24.09 -17.29 31.67
CA PRO A 157 -22.67 -17.01 31.42
C PRO A 157 -22.42 -16.40 30.05
N GLU A 158 -21.16 -16.10 29.76
CA GLU A 158 -20.74 -15.79 28.39
C GLU A 158 -21.24 -16.94 27.52
N PRO A 159 -21.62 -16.68 26.26
CA PRO A 159 -21.51 -15.48 25.44
C PRO A 159 -22.78 -14.66 25.25
N VAL A 160 -22.60 -13.45 24.73
CA VAL A 160 -23.69 -12.59 24.28
C VAL A 160 -23.28 -12.04 22.90
N THR A 161 -24.25 -11.93 21.99
CA THR A 161 -23.97 -11.33 20.68
C THR A 161 -24.78 -10.03 20.49
N LEU A 162 -24.13 -9.03 19.93
CA LEU A 162 -24.73 -7.70 19.79
C LEU A 162 -24.50 -7.11 18.39
N THR A 163 -25.56 -6.56 17.81
CA THR A 163 -25.47 -5.91 16.51
C THR A 163 -26.21 -4.57 16.52
N TRP A 164 -25.93 -3.74 15.50
CA TRP A 164 -26.65 -2.49 15.32
C TRP A 164 -27.46 -2.54 14.03
N ASN A 165 -28.77 -2.39 14.18
CA ASN A 165 -29.70 -2.51 13.05
C ASN A 165 -29.50 -3.86 12.36
N SER A 166 -29.13 -4.86 13.15
CA SER A 166 -28.97 -6.24 12.65
C SER A 166 -27.90 -6.34 11.57
N GLY A 167 -26.72 -5.78 11.85
CA GLY A 167 -25.60 -5.87 10.94
C GLY A 167 -25.52 -4.77 9.89
N SER A 168 -26.67 -4.22 9.52
CA SER A 168 -26.74 -3.20 8.47
C SER A 168 -25.92 -1.96 8.85
N LEU A 169 -25.80 -1.71 10.15
CA LEU A 169 -24.95 -0.62 10.64
C LEU A 169 -23.66 -1.20 11.20
N SER A 170 -22.61 -1.18 10.39
CA SER A 170 -21.38 -1.91 10.69
C SER A 170 -20.23 -0.96 11.01
N SER A 171 -20.24 0.20 10.36
CA SER A 171 -19.15 1.16 10.51
C SER A 171 -19.27 1.94 11.82
N GLY A 172 -18.11 2.29 12.41
CA GLY A 172 -18.07 3.11 13.59
C GLY A 172 -18.59 2.44 14.86
N VAL A 173 -18.50 1.12 14.92
CA VAL A 173 -18.97 0.37 16.08
C VAL A 173 -17.81 -0.10 16.94
N HIS A 174 -17.98 0.04 18.25
CA HIS A 174 -17.07 -0.53 19.23
C HIS A 174 -17.85 -1.36 20.25
N THR A 175 -17.80 -2.67 20.10
CA THR A 175 -18.43 -3.56 21.08
C THR A 175 -17.35 -4.07 22.03
N PHE A 176 -17.55 -3.82 23.32
CA PHE A 176 -16.51 -4.04 24.32
C PHE A 176 -16.56 -5.42 24.97
N PRO A 177 -15.39 -6.03 25.23
CA PRO A 177 -15.39 -7.36 25.85
C PRO A 177 -16.11 -7.37 27.20
N ALA A 178 -16.82 -8.45 27.48
CA ALA A 178 -17.58 -8.60 28.72
C ALA A 178 -16.65 -8.63 29.94
N VAL A 179 -17.20 -8.23 31.09
CA VAL A 179 -16.48 -8.27 32.36
C VAL A 179 -17.37 -8.91 33.42
N LEU A 180 -16.80 -9.81 34.21
CA LEU A 180 -17.55 -10.49 35.26
C LEU A 180 -17.43 -9.76 36.60
N GLN A 181 -18.58 -9.54 37.24
CA GLN A 181 -18.61 -8.96 38.57
C GLN A 181 -19.71 -9.63 39.39
N SER A 182 -19.30 -10.44 40.35
CA SER A 182 -20.23 -11.18 41.20
C SER A 182 -21.11 -12.12 40.37
N ASP A 183 -20.48 -12.98 39.59
CA ASP A 183 -21.20 -14.02 38.83
C ASP A 183 -22.18 -13.43 37.82
N LEU A 184 -21.97 -12.17 37.44
CA LEU A 184 -22.78 -11.53 36.41
C LEU A 184 -21.90 -10.78 35.43
N TYR A 185 -22.26 -10.83 34.15
CA TYR A 185 -21.50 -10.14 33.11
C TYR A 185 -22.12 -8.79 32.76
N THR A 186 -21.26 -7.85 32.39
CA THR A 186 -21.68 -6.56 31.88
C THR A 186 -20.96 -6.29 30.55
N LEU A 187 -21.74 -6.00 29.52
CA LEU A 187 -21.19 -5.71 28.19
C LEU A 187 -21.85 -4.46 27.62
N SER A 188 -21.13 -3.75 26.77
CA SER A 188 -21.66 -2.55 26.14
C SER A 188 -21.17 -2.38 24.70
N SER A 189 -21.84 -1.53 23.95
CA SER A 189 -21.44 -1.23 22.58
C SER A 189 -21.59 0.26 22.27
N SER A 190 -20.63 0.78 21.52
CA SER A 190 -20.66 2.17 21.08
C SER A 190 -20.82 2.22 19.57
N VAL A 191 -21.56 3.21 19.09
CA VAL A 191 -21.70 3.44 17.67
C VAL A 191 -21.75 4.93 17.39
N THR A 192 -21.01 5.37 16.38
CA THR A 192 -20.97 6.79 16.04
C THR A 192 -21.44 7.04 14.61
N VAL A 193 -22.37 7.98 14.47
CA VAL A 193 -22.87 8.42 13.17
C VAL A 193 -22.79 9.93 13.11
N THR A 194 -23.08 10.51 11.95
CA THR A 194 -23.08 11.95 11.82
C THR A 194 -24.38 12.50 12.39
N SER A 195 -24.30 13.68 13.02
CA SER A 195 -25.45 14.28 13.70
C SER A 195 -26.67 14.34 12.80
N SER A 196 -26.44 14.50 11.50
CA SER A 196 -27.53 14.56 10.52
C SER A 196 -28.24 13.21 10.37
N THR A 197 -27.58 12.14 10.81
CA THR A 197 -28.13 10.79 10.67
C THR A 197 -29.12 10.47 11.79
N TRP A 198 -28.79 10.92 12.99
CA TRP A 198 -29.58 10.59 14.17
C TRP A 198 -29.90 11.88 14.92
N PRO A 199 -31.13 12.01 15.44
CA PRO A 199 -32.25 11.08 15.51
C PRO A 199 -33.06 10.94 14.22
N SER A 200 -32.60 11.56 13.14
CA SER A 200 -33.30 11.49 11.86
C SER A 200 -33.59 10.05 11.47
N GLN A 201 -32.56 9.21 11.49
CA GLN A 201 -32.69 7.81 11.11
C GLN A 201 -32.73 6.90 12.33
N SER A 202 -33.51 5.82 12.24
CA SER A 202 -33.69 4.88 13.34
C SER A 202 -32.47 3.97 13.55
N ILE A 203 -31.93 3.98 14.76
CA ILE A 203 -30.84 3.09 15.15
C ILE A 203 -31.37 2.13 16.21
N THR A 204 -31.03 0.85 16.07
CA THR A 204 -31.55 -0.17 16.98
C THR A 204 -30.46 -1.13 17.44
N CYS A 205 -30.31 -1.25 18.75
CA CYS A 205 -29.46 -2.27 19.35
C CYS A 205 -30.17 -3.62 19.31
N ASN A 206 -29.50 -4.63 18.76
CA ASN A 206 -30.01 -6.00 18.77
C ASN A 206 -29.11 -6.92 19.57
N VAL A 207 -29.66 -7.54 20.62
CA VAL A 207 -28.88 -8.37 21.53
C VAL A 207 -29.50 -9.75 21.67
N ALA A 208 -28.67 -10.79 21.64
CA ALA A 208 -29.14 -12.16 21.80
C ALA A 208 -28.28 -12.93 22.82
N HIS A 209 -28.95 -13.71 23.66
CA HIS A 209 -28.28 -14.51 24.70
C HIS A 209 -28.72 -15.97 24.64
N PRO A 210 -27.82 -16.88 24.22
CA PRO A 210 -28.21 -18.30 24.08
C PRO A 210 -28.69 -18.96 25.37
N ALA A 211 -27.88 -18.88 26.43
CA ALA A 211 -28.17 -19.58 27.68
C ALA A 211 -29.56 -19.27 28.23
N SER A 212 -30.09 -18.09 27.91
CA SER A 212 -31.44 -17.72 28.32
C SER A 212 -32.38 -17.73 27.12
N SER A 213 -31.81 -17.89 25.92
CA SER A 213 -32.59 -17.93 24.69
C SER A 213 -33.52 -16.73 24.56
N THR A 214 -32.92 -15.55 24.37
CA THR A 214 -33.68 -14.31 24.19
C THR A 214 -33.18 -13.52 22.99
N LYS A 215 -34.12 -12.98 22.22
CA LYS A 215 -33.80 -12.05 21.13
C LYS A 215 -34.46 -10.71 21.44
N VAL A 216 -33.65 -9.66 21.58
CA VAL A 216 -34.16 -8.36 22.02
C VAL A 216 -33.67 -7.19 21.16
N ASP A 217 -34.62 -6.34 20.76
CA ASP A 217 -34.29 -5.09 20.07
C ASP A 217 -34.61 -3.90 20.98
N LYS A 218 -33.72 -2.91 20.99
CA LYS A 218 -33.95 -1.66 21.73
C LYS A 218 -33.63 -0.47 20.84
N LYS A 219 -34.65 0.23 20.38
CA LYS A 219 -34.44 1.45 19.61
C LYS A 219 -33.84 2.53 20.50
N ILE A 220 -32.96 3.34 19.92
CA ILE A 220 -32.36 4.44 20.66
C ILE A 220 -33.12 5.71 20.32
N GLU A 221 -33.83 6.24 21.31
CA GLU A 221 -34.62 7.45 21.13
C GLU A 221 -34.12 8.52 22.08
N PRO A 222 -34.31 9.80 21.71
CA PRO A 222 -33.84 10.87 22.60
C PRO A 222 -34.50 10.77 23.98
N ARG A 223 -33.80 11.24 25.00
CA ARG A 223 -34.32 11.18 26.35
C ARG A 223 -35.44 12.19 26.53
N GLY A 224 -36.55 11.73 27.10
CA GLY A 224 -37.61 12.61 27.54
C GLY A 224 -37.38 12.97 28.99
N PRO A 225 -38.39 13.55 29.64
CA PRO A 225 -38.25 13.89 31.06
C PRO A 225 -38.47 12.71 32.00
N THR A 226 -38.74 11.52 31.46
CA THR A 226 -39.01 10.35 32.28
C THR A 226 -37.78 9.95 33.09
N ASP B 1 8.49 -32.71 31.10
CA ASP B 1 7.90 -32.27 29.80
C ASP B 1 8.31 -30.84 29.46
N ILE B 2 8.19 -30.50 28.18
CA ILE B 2 8.82 -29.30 27.63
C ILE B 2 8.05 -28.01 27.96
N VAL B 3 8.83 -27.02 28.35
CA VAL B 3 8.32 -25.68 28.64
C VAL B 3 8.85 -24.76 27.56
N MET B 4 8.04 -23.79 27.13
CA MET B 4 8.47 -22.83 26.14
C MET B 4 8.27 -21.40 26.60
N THR B 5 9.33 -20.62 26.47
CA THR B 5 9.34 -19.24 26.94
C THR B 5 9.44 -18.30 25.75
N GLN B 6 8.37 -17.57 25.47
CA GLN B 6 8.37 -16.58 24.40
C GLN B 6 8.78 -15.22 24.96
N SER B 7 9.35 -14.39 24.10
CA SER B 7 9.70 -13.04 24.49
C SER B 7 9.82 -12.15 23.25
N PRO B 8 9.46 -10.86 23.39
CA PRO B 8 8.90 -10.25 24.60
C PRO B 8 7.46 -10.69 24.85
N ALA B 9 6.90 -10.33 26.00
CA ALA B 9 5.50 -10.60 26.25
C ALA B 9 4.66 -9.74 25.32
N SER B 10 5.18 -8.56 25.01
CA SER B 10 4.48 -7.59 24.19
C SER B 10 5.46 -6.84 23.32
N LEU B 11 5.08 -6.57 22.09
CA LEU B 11 5.94 -5.90 21.14
C LEU B 11 5.12 -4.89 20.34
N ALA B 12 5.60 -3.65 20.31
CA ALA B 12 4.98 -2.59 19.53
C ALA B 12 5.95 -2.11 18.46
N VAL B 13 5.53 -2.17 17.21
CA VAL B 13 6.42 -1.94 16.09
C VAL B 13 5.73 -1.05 15.05
N SER B 14 6.47 -0.07 14.55
CA SER B 14 5.90 0.88 13.59
C SER B 14 5.55 0.17 12.29
N LEU B 15 4.59 0.74 11.56
CA LEU B 15 4.16 0.17 10.28
C LEU B 15 5.36 0.06 9.34
N GLY B 16 5.42 -1.06 8.62
CA GLY B 16 6.49 -1.29 7.66
C GLY B 16 7.83 -1.69 8.26
N GLN B 17 7.90 -1.71 9.59
CA GLN B 17 9.12 -2.13 10.26
C GLN B 17 9.10 -3.65 10.46
N ARG B 18 10.05 -4.14 11.25
CA ARG B 18 10.17 -5.57 11.47
C ARG B 18 9.78 -5.96 12.90
N ALA B 19 8.86 -6.90 13.03
CA ALA B 19 8.55 -7.50 14.32
C ALA B 19 9.28 -8.83 14.43
N THR B 20 10.01 -9.00 15.54
CA THR B 20 10.79 -10.22 15.75
C THR B 20 10.43 -10.84 17.09
N ILE B 21 10.05 -12.11 17.05
CA ILE B 21 9.60 -12.85 18.22
C ILE B 21 10.49 -14.06 18.45
N SER B 22 10.78 -14.37 19.71
CA SER B 22 11.62 -15.50 20.05
C SER B 22 10.89 -16.50 20.95
N CYS B 23 11.32 -17.76 20.87
CA CYS B 23 10.70 -18.86 21.61
C CYS B 23 11.80 -19.83 22.07
N ARG B 24 12.13 -19.80 23.37
CA ARG B 24 13.11 -20.74 23.92
C ARG B 24 12.44 -22.03 24.38
N ALA B 25 13.07 -23.16 24.06
CA ALA B 25 12.60 -24.46 24.53
C ALA B 25 13.43 -24.91 25.73
N SER B 26 12.80 -25.62 26.66
CA SER B 26 13.50 -26.11 27.85
C SER B 26 14.48 -27.22 27.48
N GLN B 27 14.31 -27.80 26.29
CA GLN B 27 15.26 -28.76 25.75
C GLN B 27 15.26 -28.67 24.23
N SER B 28 16.29 -29.21 23.60
CA SER B 28 16.40 -29.15 22.15
C SER B 28 15.23 -29.89 21.52
N VAL B 29 14.85 -29.45 20.32
CA VAL B 29 13.61 -29.90 19.72
C VAL B 29 13.82 -30.22 18.25
N SER B 30 15.05 -30.59 17.90
CA SER B 30 15.39 -30.85 16.51
C SER B 30 16.35 -32.04 16.35
N THR B 31 16.20 -32.75 15.24
CA THR B 31 17.15 -33.80 14.86
C THR B 31 18.28 -33.16 14.05
N SER B 32 19.09 -33.96 13.40
CA SER B 32 20.16 -33.41 12.57
C SER B 32 19.62 -32.66 11.35
N SER B 33 18.36 -32.90 11.00
CA SER B 33 17.81 -32.36 9.75
C SER B 33 16.51 -31.55 9.89
N TYR B 34 15.73 -31.80 10.94
CA TYR B 34 14.47 -31.08 11.12
C TYR B 34 14.31 -30.54 12.53
N SER B 35 13.63 -29.41 12.62
CA SER B 35 13.24 -28.83 13.90
C SER B 35 11.71 -28.86 14.00
N TYR B 36 11.21 -29.33 15.13
CA TYR B 36 9.77 -29.55 15.29
C TYR B 36 9.12 -28.45 16.10
N MET B 37 9.13 -27.25 15.52
CA MET B 37 8.54 -26.08 16.15
C MET B 37 7.52 -25.43 15.20
N ASN B 38 6.36 -25.08 15.75
CA ASN B 38 5.29 -24.48 14.96
C ASN B 38 4.99 -23.06 15.44
N TRP B 39 4.46 -22.24 14.53
CA TRP B 39 4.05 -20.87 14.87
C TRP B 39 2.60 -20.63 14.49
N TYR B 40 1.85 -19.99 15.40
CA TYR B 40 0.44 -19.70 15.17
C TYR B 40 0.09 -18.22 15.34
N GLN B 41 -0.92 -17.78 14.61
CA GLN B 41 -1.43 -16.42 14.75
C GLN B 41 -2.87 -16.42 15.25
N GLN B 42 -3.11 -15.72 16.35
CA GLN B 42 -4.47 -15.58 16.85
C GLN B 42 -4.85 -14.10 16.94
N LYS B 43 -5.71 -13.68 16.02
CA LYS B 43 -6.30 -12.35 16.07
C LYS B 43 -7.41 -12.33 17.11
N PRO B 44 -7.65 -11.18 17.74
CA PRO B 44 -8.68 -11.14 18.79
C PRO B 44 -10.03 -11.66 18.31
N GLY B 45 -10.68 -12.47 19.15
CA GLY B 45 -11.96 -13.07 18.84
C GLY B 45 -11.91 -14.13 17.75
N GLN B 46 -10.72 -14.67 17.49
CA GLN B 46 -10.55 -15.68 16.45
C GLN B 46 -9.78 -16.88 16.99
N PRO B 47 -9.90 -18.03 16.31
CA PRO B 47 -9.06 -19.18 16.68
C PRO B 47 -7.63 -19.02 16.19
N PRO B 48 -6.68 -19.71 16.83
CA PRO B 48 -5.31 -19.69 16.30
C PRO B 48 -5.27 -20.14 14.85
N LYS B 49 -4.31 -19.62 14.09
CA LYS B 49 -4.13 -20.00 12.69
C LYS B 49 -2.67 -20.40 12.48
N LEU B 50 -2.46 -21.49 11.75
CA LEU B 50 -1.11 -22.01 11.54
C LEU B 50 -0.35 -21.18 10.50
N LEU B 51 0.80 -20.67 10.89
CA LEU B 51 1.68 -19.90 10.00
C LEU B 51 2.86 -20.74 9.52
N ILE B 52 3.61 -21.26 10.49
CA ILE B 52 4.87 -21.92 10.22
C ILE B 52 4.86 -23.32 10.81
N LYS B 53 5.30 -24.29 10.02
CA LYS B 53 5.58 -25.62 10.52
C LYS B 53 7.05 -25.93 10.27
N TYR B 54 7.61 -26.82 11.08
CA TYR B 54 9.01 -27.19 10.98
C TYR B 54 9.92 -25.97 11.08
N ALA B 55 9.64 -25.11 12.05
CA ALA B 55 10.51 -23.98 12.38
C ALA B 55 10.51 -22.89 11.31
N SER B 56 10.63 -23.29 10.04
CA SER B 56 10.84 -22.33 8.96
C SER B 56 9.94 -22.55 7.75
N ASN B 57 9.13 -23.60 7.77
CA ASN B 57 8.32 -23.90 6.60
C ASN B 57 6.95 -23.22 6.65
N LEU B 58 6.78 -22.26 5.76
CA LEU B 58 5.56 -21.45 5.69
C LEU B 58 4.38 -22.25 5.18
N GLU B 59 3.29 -22.20 5.95
CA GLU B 59 2.06 -22.90 5.60
C GLU B 59 1.45 -22.29 4.34
N SER B 60 0.79 -23.13 3.55
CA SER B 60 0.22 -22.70 2.28
C SER B 60 -0.77 -21.56 2.47
N GLY B 61 -0.57 -20.47 1.74
CA GLY B 61 -1.48 -19.34 1.77
C GLY B 61 -1.06 -18.21 2.70
N VAL B 62 -0.15 -18.51 3.62
CA VAL B 62 0.30 -17.51 4.59
C VAL B 62 1.22 -16.50 3.88
N PRO B 63 1.03 -15.19 4.15
CA PRO B 63 1.86 -14.17 3.48
C PRO B 63 3.35 -14.34 3.71
N ALA B 64 4.15 -13.96 2.72
CA ALA B 64 5.59 -14.14 2.77
C ALA B 64 6.28 -13.15 3.70
N ARG B 65 5.55 -12.16 4.22
CA ARG B 65 6.13 -11.22 5.15
C ARG B 65 6.34 -11.92 6.49
N PHE B 66 5.73 -13.09 6.65
CA PHE B 66 6.00 -13.96 7.79
C PHE B 66 7.14 -14.90 7.45
N SER B 67 8.07 -15.07 8.39
CA SER B 67 9.15 -16.03 8.22
C SER B 67 9.61 -16.52 9.57
N GLY B 68 10.02 -17.78 9.61
CA GLY B 68 10.49 -18.42 10.82
C GLY B 68 11.88 -18.97 10.66
N SER B 69 12.61 -19.06 11.77
CA SER B 69 13.94 -19.63 11.76
C SER B 69 14.30 -20.15 13.14
N GLY B 70 15.51 -20.69 13.26
CA GLY B 70 15.99 -21.24 14.51
C GLY B 70 16.16 -22.74 14.47
N SER B 71 16.76 -23.27 15.53
CA SER B 71 16.97 -24.71 15.68
C SER B 71 17.45 -24.99 17.11
N GLY B 72 17.31 -26.24 17.53
CA GLY B 72 17.71 -26.62 18.86
C GLY B 72 16.73 -26.13 19.90
N THR B 73 17.12 -25.09 20.64
CA THR B 73 16.29 -24.55 21.70
C THR B 73 15.83 -23.12 21.44
N ASP B 74 16.30 -22.53 20.34
CA ASP B 74 16.03 -21.12 20.09
C ASP B 74 15.36 -20.92 18.74
N PHE B 75 14.19 -20.28 18.77
CA PHE B 75 13.41 -20.11 17.56
C PHE B 75 12.88 -18.69 17.43
N THR B 76 12.67 -18.28 16.18
CA THR B 76 12.40 -16.88 15.89
C THR B 76 11.34 -16.72 14.80
N LEU B 77 10.35 -15.87 15.08
CA LEU B 77 9.37 -15.47 14.07
C LEU B 77 9.61 -14.02 13.66
N ASN B 78 9.57 -13.76 12.36
CA ASN B 78 9.78 -12.42 11.82
C ASN B 78 8.59 -11.96 10.99
N ILE B 79 8.20 -10.70 11.15
CA ILE B 79 7.15 -10.10 10.34
C ILE B 79 7.73 -8.85 9.68
N HIS B 80 7.91 -8.87 8.36
CA HIS B 80 8.47 -7.72 7.67
C HIS B 80 8.09 -7.70 6.18
N PRO B 81 7.51 -6.59 5.70
CA PRO B 81 7.11 -5.37 6.41
C PRO B 81 5.80 -5.53 7.18
N LEU B 82 5.79 -5.10 8.44
CA LEU B 82 4.61 -5.20 9.29
C LEU B 82 3.41 -4.42 8.73
N GLU B 83 2.24 -5.06 8.73
CA GLU B 83 1.01 -4.42 8.27
C GLU B 83 -0.01 -4.30 9.41
N GLU B 84 -1.04 -3.47 9.21
CA GLU B 84 -2.02 -3.19 10.25
C GLU B 84 -2.76 -4.44 10.74
N GLU B 85 -3.12 -5.32 9.81
CA GLU B 85 -3.89 -6.51 10.17
C GLU B 85 -3.08 -7.54 10.94
N ASP B 86 -1.77 -7.31 11.06
CA ASP B 86 -0.91 -8.26 11.72
C ASP B 86 -0.97 -8.15 13.24
N THR B 87 -1.73 -7.17 13.73
CA THR B 87 -1.89 -7.02 15.17
C THR B 87 -2.59 -8.27 15.72
N ALA B 88 -1.87 -9.00 16.58
CA ALA B 88 -2.35 -10.29 17.06
C ALA B 88 -1.42 -10.83 18.14
N THR B 89 -1.81 -11.96 18.72
CA THR B 89 -0.93 -12.70 19.61
C THR B 89 -0.34 -13.89 18.86
N TYR B 90 0.97 -14.11 19.01
CA TYR B 90 1.64 -15.19 18.29
C TYR B 90 2.16 -16.24 19.25
N TYR B 91 1.87 -17.49 18.92
CA TYR B 91 2.21 -18.63 19.77
C TYR B 91 3.14 -19.61 19.08
N CYS B 92 4.09 -20.17 19.83
CA CYS B 92 4.89 -21.29 19.33
C CYS B 92 4.44 -22.57 20.01
N GLN B 93 4.57 -23.71 19.33
CA GLN B 93 4.43 -25.01 19.99
C GLN B 93 5.30 -26.08 19.36
N HIS B 94 5.78 -26.99 20.19
CA HIS B 94 6.64 -28.06 19.75
C HIS B 94 5.82 -29.31 19.49
N SER B 95 6.34 -30.18 18.63
CA SER B 95 5.75 -31.49 18.41
C SER B 95 6.81 -32.57 18.56
N TRP B 96 7.68 -32.38 19.54
CA TRP B 96 8.81 -33.27 19.77
C TRP B 96 8.39 -34.49 20.58
N GLU B 97 7.45 -34.29 21.49
CA GLU B 97 6.96 -35.36 22.33
C GLU B 97 5.57 -35.04 22.85
N ILE B 98 4.87 -36.06 23.32
CA ILE B 98 3.65 -35.83 24.08
C ILE B 98 4.10 -35.56 25.51
N PRO B 99 3.55 -34.54 26.16
CA PRO B 99 2.47 -33.63 25.73
C PRO B 99 2.93 -32.49 24.82
N TRP B 100 2.18 -32.21 23.76
CA TRP B 100 2.39 -30.98 22.99
C TRP B 100 2.08 -29.81 23.90
N THR B 101 2.91 -28.77 23.83
CA THR B 101 2.72 -27.59 24.65
C THR B 101 2.87 -26.33 23.81
N PHE B 102 2.38 -25.21 24.32
CA PHE B 102 2.51 -23.92 23.63
C PHE B 102 3.36 -22.97 24.46
N GLY B 103 3.96 -21.99 23.80
CA GLY B 103 4.53 -20.85 24.49
C GLY B 103 3.41 -19.95 24.99
N GLY B 104 3.73 -18.99 25.84
CA GLY B 104 2.71 -18.18 26.48
C GLY B 104 2.10 -17.13 25.56
N GLY B 105 2.73 -16.89 24.42
CA GLY B 105 2.24 -15.95 23.44
C GLY B 105 2.89 -14.56 23.48
N THR B 106 3.01 -13.94 22.33
CA THR B 106 3.52 -12.58 22.22
C THR B 106 2.54 -11.69 21.49
N LYS B 107 2.12 -10.61 22.16
CA LYS B 107 1.23 -9.66 21.54
C LYS B 107 2.00 -8.65 20.70
N VAL B 108 1.71 -8.66 19.39
CA VAL B 108 2.32 -7.71 18.48
C VAL B 108 1.30 -6.60 18.23
N GLU B 109 1.71 -5.37 18.51
CA GLU B 109 0.84 -4.21 18.30
C GLU B 109 1.49 -3.23 17.32
N ILE B 110 0.68 -2.62 16.48
CA ILE B 110 1.17 -1.65 15.52
C ILE B 110 1.34 -0.31 16.22
N LYS B 111 2.50 0.30 16.02
CA LYS B 111 2.77 1.62 16.56
C LYS B 111 2.31 2.69 15.57
N ARG B 112 1.48 3.62 16.05
CA ARG B 112 0.93 4.67 15.20
C ARG B 112 1.00 6.03 15.87
N ALA B 113 0.64 7.06 15.12
CA ALA B 113 0.58 8.41 15.66
C ALA B 113 -0.34 8.47 16.87
N ASP B 114 0.09 9.17 17.90
CA ASP B 114 -0.75 9.39 19.07
C ASP B 114 -2.08 9.99 18.63
N ALA B 115 -3.15 9.68 19.36
CA ALA B 115 -4.47 10.18 19.03
C ALA B 115 -5.30 10.38 20.28
N ALA B 116 -6.15 11.40 20.27
CA ALA B 116 -6.97 11.74 21.43
C ALA B 116 -8.24 10.92 21.45
N PRO B 117 -8.72 10.57 22.66
CA PRO B 117 -10.00 9.85 22.77
C PRO B 117 -11.20 10.73 22.49
N THR B 118 -12.20 10.20 21.81
CA THR B 118 -13.49 10.85 21.69
C THR B 118 -14.34 10.38 22.87
N VAL B 119 -14.72 11.31 23.74
CA VAL B 119 -15.34 10.96 25.01
C VAL B 119 -16.83 11.31 25.06
N SER B 120 -17.63 10.33 25.46
CA SER B 120 -19.08 10.49 25.57
C SER B 120 -19.60 9.90 26.87
N ILE B 121 -20.48 10.62 27.56
CA ILE B 121 -21.04 10.16 28.82
C ILE B 121 -22.54 9.88 28.67
N PHE B 122 -23.05 8.94 29.46
CA PHE B 122 -24.44 8.51 29.33
C PHE B 122 -25.06 8.26 30.70
N PRO B 123 -26.06 9.06 31.07
CA PRO B 123 -26.77 8.75 32.32
C PRO B 123 -27.45 7.40 32.24
N PRO B 124 -27.87 6.84 33.39
CA PRO B 124 -28.65 5.61 33.36
C PRO B 124 -29.88 5.74 32.48
N SER B 125 -30.20 4.71 31.72
CA SER B 125 -31.45 4.67 30.96
C SER B 125 -32.60 4.66 31.97
N SER B 126 -33.75 5.20 31.58
CA SER B 126 -34.89 5.23 32.47
C SER B 126 -35.36 3.81 32.74
N GLU B 127 -35.12 2.92 31.77
CA GLU B 127 -35.52 1.53 31.92
C GLU B 127 -34.76 0.84 33.05
N GLN B 128 -33.48 1.18 33.22
CA GLN B 128 -32.69 0.61 34.30
C GLN B 128 -33.14 1.20 35.62
N LEU B 129 -33.35 2.51 35.62
CA LEU B 129 -33.76 3.22 36.82
C LEU B 129 -35.05 2.64 37.38
N THR B 130 -35.94 2.22 36.49
CA THR B 130 -37.21 1.63 36.91
C THR B 130 -36.99 0.42 37.81
N SER B 131 -35.92 -0.34 37.55
CA SER B 131 -35.68 -1.57 38.29
C SER B 131 -34.75 -1.40 39.50
N GLY B 132 -34.28 -0.18 39.72
CA GLY B 132 -33.54 0.13 40.93
C GLY B 132 -32.04 0.22 40.76
N GLY B 133 -31.57 0.04 39.53
CA GLY B 133 -30.16 0.16 39.23
C GLY B 133 -29.85 1.46 38.52
N ALA B 134 -28.58 1.87 38.55
CA ALA B 134 -28.15 3.08 37.89
C ALA B 134 -26.71 2.95 37.40
N SER B 135 -26.55 2.83 36.09
CA SER B 135 -25.22 2.73 35.50
C SER B 135 -24.89 3.99 34.68
N VAL B 136 -23.80 4.64 35.05
CA VAL B 136 -23.29 5.77 34.27
C VAL B 136 -22.18 5.26 33.38
N VAL B 137 -22.37 5.39 32.08
CA VAL B 137 -21.41 4.86 31.11
C VAL B 137 -20.62 5.99 30.47
N CYS B 138 -19.34 5.74 30.24
CA CYS B 138 -18.45 6.70 29.59
C CYS B 138 -17.61 5.96 28.55
N PHE B 139 -17.72 6.35 27.29
CA PHE B 139 -16.98 5.73 26.21
C PHE B 139 -15.78 6.59 25.82
N LEU B 140 -14.59 5.99 25.86
CA LEU B 140 -13.36 6.66 25.44
C LEU B 140 -12.83 5.96 24.19
N ASN B 141 -13.13 6.52 23.03
CA ASN B 141 -12.97 5.80 21.77
C ASN B 141 -11.83 6.27 20.88
N ASN B 142 -11.21 5.29 20.19
CA ASN B 142 -10.22 5.55 19.15
C ASN B 142 -9.07 6.42 19.61
N PHE B 143 -8.39 5.98 20.67
CA PHE B 143 -7.20 6.68 21.16
C PHE B 143 -5.95 5.81 21.04
N TYR B 144 -4.78 6.41 21.26
CA TYR B 144 -3.51 5.69 21.25
C TYR B 144 -2.42 6.52 21.95
N PRO B 145 -1.60 5.88 22.80
CA PRO B 145 -1.50 4.44 23.11
C PRO B 145 -2.58 3.94 24.06
N LYS B 146 -2.59 2.63 24.31
CA LYS B 146 -3.71 2.00 25.00
C LYS B 146 -3.81 2.42 26.47
N ASP B 147 -2.70 2.89 27.03
CA ASP B 147 -2.71 3.32 28.42
C ASP B 147 -3.47 4.64 28.52
N ILE B 148 -4.42 4.70 29.44
CA ILE B 148 -5.26 5.87 29.60
C ILE B 148 -5.84 5.84 31.00
N ASN B 149 -5.97 7.00 31.62
CA ASN B 149 -6.51 7.07 32.97
C ASN B 149 -7.93 7.63 32.90
N VAL B 150 -8.84 7.02 33.64
CA VAL B 150 -10.22 7.51 33.72
C VAL B 150 -10.58 7.86 35.16
N LYS B 151 -11.08 9.08 35.35
CA LYS B 151 -11.50 9.55 36.66
C LYS B 151 -12.99 9.89 36.65
N TRP B 152 -13.71 9.38 37.65
CA TRP B 152 -15.11 9.74 37.85
C TRP B 152 -15.24 10.78 38.96
N LYS B 153 -15.99 11.84 38.70
CA LYS B 153 -16.22 12.86 39.72
C LYS B 153 -17.70 13.05 40.00
N ILE B 154 -18.06 12.90 41.27
CA ILE B 154 -19.42 13.13 41.72
C ILE B 154 -19.44 14.37 42.60
N ASP B 155 -20.04 15.44 42.08
CA ASP B 155 -20.08 16.70 42.80
C ASP B 155 -18.68 17.20 43.14
N GLY B 156 -17.77 17.11 42.18
CA GLY B 156 -16.43 17.65 42.34
C GLY B 156 -15.41 16.66 42.89
N SER B 157 -15.88 15.75 43.74
CA SER B 157 -15.00 14.78 44.37
C SER B 157 -15.01 13.47 43.58
N GLU B 158 -13.82 12.91 43.37
CA GLU B 158 -13.68 11.74 42.53
C GLU B 158 -14.26 10.48 43.16
N ARG B 159 -14.78 9.59 42.31
CA ARG B 159 -15.34 8.31 42.75
C ARG B 159 -14.51 7.22 42.08
N GLN B 160 -14.18 6.19 42.85
CA GLN B 160 -13.33 5.11 42.36
C GLN B 160 -14.05 3.77 42.47
N ASN B 161 -14.95 3.67 43.44
CA ASN B 161 -15.64 2.45 43.76
C ASN B 161 -16.88 2.24 42.90
N GLY B 162 -17.11 1.00 42.47
CA GLY B 162 -18.25 0.67 41.61
C GLY B 162 -17.95 0.81 40.13
N VAL B 163 -16.74 1.28 39.81
CA VAL B 163 -16.31 1.42 38.44
C VAL B 163 -15.73 0.12 37.93
N LEU B 164 -16.00 -0.19 36.68
CA LEU B 164 -15.27 -1.25 35.99
C LEU B 164 -15.10 -0.88 34.52
N ASN B 165 -13.91 -1.15 34.00
CA ASN B 165 -13.52 -0.71 32.67
C ASN B 165 -13.30 -1.90 31.75
N SER B 166 -13.24 -1.64 30.45
CA SER B 166 -13.05 -2.69 29.47
C SER B 166 -12.41 -2.13 28.21
N TRP B 167 -11.31 -2.76 27.78
CA TRP B 167 -10.58 -2.31 26.60
C TRP B 167 -10.89 -3.11 25.36
N THR B 168 -11.00 -2.38 24.25
CA THR B 168 -11.04 -2.97 22.92
C THR B 168 -9.63 -3.47 22.57
N ASP B 169 -9.54 -4.51 21.76
CA ASP B 169 -8.24 -4.92 21.22
C ASP B 169 -7.86 -3.97 20.10
N GLN B 170 -6.56 -3.78 19.87
CA GLN B 170 -6.11 -2.83 18.87
C GLN B 170 -6.85 -3.04 17.56
N ASP B 171 -7.43 -1.96 17.04
CA ASP B 171 -8.18 -2.06 15.80
C ASP B 171 -7.29 -2.48 14.64
N SER B 172 -7.71 -3.55 13.95
CA SER B 172 -6.92 -4.11 12.85
C SER B 172 -6.91 -3.20 11.62
N LYS B 173 -7.69 -2.12 11.66
CA LYS B 173 -7.80 -1.22 10.52
C LYS B 173 -7.11 0.13 10.76
N ASP B 174 -7.31 0.72 11.93
CA ASP B 174 -6.75 2.04 12.23
C ASP B 174 -5.83 2.06 13.45
N SER B 175 -5.60 0.89 14.04
CA SER B 175 -4.59 0.72 15.08
C SER B 175 -4.86 1.54 16.34
N THR B 176 -6.10 1.99 16.53
CA THR B 176 -6.46 2.68 17.77
C THR B 176 -7.03 1.69 18.77
N TYR B 177 -7.19 2.16 20.01
CA TYR B 177 -7.89 1.40 21.05
C TYR B 177 -9.13 2.19 21.49
N SER B 178 -10.10 1.49 22.05
CA SER B 178 -11.23 2.14 22.69
C SER B 178 -11.45 1.49 24.05
N MET B 179 -12.16 2.17 24.94
CA MET B 179 -12.51 1.56 26.22
C MET B 179 -13.78 2.15 26.84
N SER B 180 -14.29 1.43 27.82
CA SER B 180 -15.61 1.71 28.38
C SER B 180 -15.60 1.68 29.90
N SER B 181 -15.83 2.82 30.54
CA SER B 181 -16.01 2.88 31.99
C SER B 181 -17.49 2.85 32.32
N THR B 182 -17.87 1.97 33.24
CA THR B 182 -19.26 1.92 33.71
C THR B 182 -19.30 2.02 35.23
N LEU B 183 -19.84 3.14 35.71
CA LEU B 183 -20.04 3.34 37.14
C LEU B 183 -21.44 2.91 37.54
N THR B 184 -21.54 1.91 38.40
CA THR B 184 -22.85 1.40 38.81
C THR B 184 -23.16 1.70 40.27
N LEU B 185 -24.24 2.43 40.48
CA LEU B 185 -24.76 2.69 41.82
C LEU B 185 -26.15 2.09 41.93
N THR B 186 -26.70 2.10 43.14
CA THR B 186 -28.12 1.83 43.31
C THR B 186 -28.86 3.09 42.91
N LYS B 187 -30.13 2.94 42.54
CA LYS B 187 -30.97 4.08 42.22
C LYS B 187 -30.95 5.07 43.38
N ASP B 188 -31.07 4.53 44.59
CA ASP B 188 -31.11 5.35 45.80
C ASP B 188 -29.91 6.27 45.95
N GLU B 189 -28.71 5.70 45.93
CA GLU B 189 -27.49 6.50 46.16
C GLU B 189 -27.31 7.48 45.00
N TYR B 190 -27.67 7.03 43.81
CA TYR B 190 -27.57 7.84 42.59
C TYR B 190 -28.36 9.14 42.72
N GLU B 191 -29.50 9.06 43.41
CA GLU B 191 -30.40 10.20 43.55
C GLU B 191 -29.93 11.24 44.57
N ARG B 192 -28.97 10.90 45.40
CA ARG B 192 -28.50 11.80 46.44
C ARG B 192 -27.58 12.87 45.90
N HIS B 193 -27.11 12.64 44.67
CA HIS B 193 -26.11 13.49 44.06
C HIS B 193 -26.65 14.12 42.79
N ASN B 194 -25.97 15.14 42.30
CA ASN B 194 -26.46 15.91 41.17
C ASN B 194 -25.57 15.75 39.94
N SER B 195 -24.31 16.14 40.05
CA SER B 195 -23.41 16.15 38.91
C SER B 195 -22.52 14.90 38.82
N TYR B 196 -22.49 14.30 37.63
CA TYR B 196 -21.68 13.12 37.37
C TYR B 196 -20.71 13.41 36.23
N THR B 197 -19.43 13.09 36.46
CA THR B 197 -18.38 13.42 35.51
C THR B 197 -17.41 12.26 35.33
N CYS B 198 -17.05 11.99 34.08
CA CYS B 198 -15.94 11.11 33.77
C CYS B 198 -14.84 11.93 33.11
N GLU B 199 -13.62 11.81 33.63
CA GLU B 199 -12.48 12.56 33.10
C GLU B 199 -11.46 11.61 32.49
N ALA B 200 -11.10 11.88 31.24
CA ALA B 200 -10.11 11.06 30.55
C ALA B 200 -8.82 11.85 30.40
N THR B 201 -7.79 11.43 31.13
CA THR B 201 -6.47 12.06 31.03
C THR B 201 -5.56 11.12 30.26
N HIS B 202 -4.88 11.67 29.26
CA HIS B 202 -4.12 10.86 28.32
C HIS B 202 -2.88 11.62 27.85
N LYS B 203 -1.81 10.87 27.54
CA LYS B 203 -0.56 11.47 27.08
C LYS B 203 -0.81 12.54 26.02
N THR B 204 -1.85 12.32 25.21
CA THR B 204 -2.09 13.15 24.03
C THR B 204 -2.25 14.62 24.39
N SER B 205 -2.76 14.88 25.60
CA SER B 205 -2.95 16.25 26.08
C SER B 205 -2.69 16.35 27.58
N THR B 206 -2.23 17.52 28.01
CA THR B 206 -2.03 17.80 29.43
C THR B 206 -3.37 18.01 30.11
N SER B 207 -4.33 18.55 29.37
CA SER B 207 -5.66 18.82 29.90
C SER B 207 -6.57 17.59 29.71
N PRO B 208 -7.15 17.08 30.81
CA PRO B 208 -8.09 15.97 30.67
C PRO B 208 -9.30 16.31 29.82
N ILE B 209 -9.79 15.35 29.04
CA ILE B 209 -11.04 15.50 28.32
C ILE B 209 -12.15 15.03 29.25
N VAL B 210 -13.13 15.90 29.47
CA VAL B 210 -14.16 15.65 30.48
C VAL B 210 -15.57 15.82 29.93
N LYS B 211 -16.47 14.94 30.36
CA LYS B 211 -17.87 15.04 30.01
C LYS B 211 -18.73 14.94 31.26
N SER B 212 -19.81 15.71 31.31
CA SER B 212 -20.67 15.74 32.50
C SER B 212 -22.15 15.92 32.21
N PHE B 213 -22.94 15.55 33.20
CA PHE B 213 -24.35 15.86 33.23
C PHE B 213 -24.79 16.04 34.67
N ASN B 214 -25.94 16.68 34.87
CA ASN B 214 -26.55 16.77 36.18
C ASN B 214 -27.79 15.89 36.19
N ARG B 215 -27.94 15.10 37.25
CA ARG B 215 -29.07 14.18 37.36
C ARG B 215 -30.37 14.96 37.22
N ASN B 216 -31.31 14.41 36.47
CA ASN B 216 -32.65 14.98 36.35
C ASN B 216 -32.61 16.44 35.89
N GLU B 217 -31.54 16.81 35.21
CA GLU B 217 -31.40 18.16 34.68
C GLU B 217 -31.04 18.11 33.20
N CYS B 218 -31.36 19.17 32.48
CA CYS B 218 -31.14 19.20 31.03
C CYS B 218 -31.02 20.63 30.54
N GLU C 1 11.68 1.00 -40.55
CA GLU C 1 11.55 1.79 -39.29
C GLU C 1 11.84 0.91 -38.08
N VAL C 2 13.06 0.98 -37.59
CA VAL C 2 13.48 0.10 -36.49
C VAL C 2 12.91 0.63 -35.19
N LYS C 3 12.10 -0.18 -34.53
CA LYS C 3 11.47 0.21 -33.28
C LYS C 3 11.76 -0.79 -32.17
N LEU C 4 11.98 -0.27 -30.96
CA LEU C 4 12.05 -1.07 -29.76
C LEU C 4 11.05 -0.49 -28.78
N GLN C 5 10.18 -1.34 -28.23
CA GLN C 5 9.13 -0.87 -27.34
C GLN C 5 9.13 -1.67 -26.05
N GLU C 6 9.56 -1.01 -24.97
CA GLU C 6 9.60 -1.64 -23.66
C GLU C 6 8.22 -1.62 -23.01
N SER C 7 7.91 -2.67 -22.27
CA SER C 7 6.75 -2.63 -21.38
C SER C 7 7.09 -3.29 -20.05
N GLY C 8 6.66 -2.65 -18.96
CA GLY C 8 6.89 -3.18 -17.63
C GLY C 8 5.75 -2.82 -16.71
N PRO C 9 5.82 -3.28 -15.45
CA PRO C 9 4.73 -3.10 -14.49
C PRO C 9 4.70 -1.72 -13.83
N GLY C 10 5.64 -0.86 -14.18
CA GLY C 10 5.68 0.49 -13.62
C GLY C 10 6.23 0.54 -12.20
N LYS C 11 5.59 -0.19 -11.30
CA LYS C 11 6.10 -0.30 -9.95
C LYS C 11 6.00 -1.74 -9.46
N LEU C 12 6.74 -2.05 -8.41
CA LEU C 12 6.89 -3.42 -7.98
C LEU C 12 7.29 -3.44 -6.52
N GLN C 13 6.70 -4.35 -5.76
CA GLN C 13 7.02 -4.48 -4.35
C GLN C 13 8.43 -5.05 -4.20
N PRO C 14 9.16 -4.63 -3.17
CA PRO C 14 10.48 -5.24 -2.96
C PRO C 14 10.40 -6.75 -2.85
N SER C 15 11.42 -7.44 -3.34
CA SER C 15 11.52 -8.90 -3.25
C SER C 15 10.82 -9.65 -4.38
N GLN C 16 10.00 -8.95 -5.17
CA GLN C 16 9.27 -9.61 -6.25
C GLN C 16 10.11 -9.72 -7.53
N THR C 17 9.58 -10.44 -8.52
CA THR C 17 10.28 -10.70 -9.77
C THR C 17 9.81 -9.79 -10.89
N LEU C 18 10.73 -8.99 -11.42
CA LEU C 18 10.43 -8.06 -12.50
C LEU C 18 10.44 -8.77 -13.85
N SER C 19 9.40 -8.56 -14.64
CA SER C 19 9.33 -9.11 -16.00
C SER C 19 9.26 -7.98 -17.03
N LEU C 20 10.30 -7.86 -17.85
CA LEU C 20 10.34 -6.85 -18.88
C LEU C 20 10.14 -7.46 -20.26
N THR C 21 9.43 -6.74 -21.12
CA THR C 21 9.16 -7.19 -22.47
C THR C 21 9.59 -6.12 -23.46
N CYS C 22 10.18 -6.55 -24.56
CA CYS C 22 10.54 -5.64 -25.64
C CYS C 22 9.97 -6.15 -26.95
N SER C 23 9.11 -5.35 -27.56
CA SER C 23 8.55 -5.67 -28.87
C SER C 23 9.25 -4.82 -29.91
N PHE C 24 9.61 -5.43 -31.04
CA PHE C 24 10.34 -4.71 -32.07
C PHE C 24 9.84 -4.98 -33.49
N SER C 25 10.21 -4.09 -34.40
CA SER C 25 9.85 -4.22 -35.81
C SER C 25 10.92 -3.54 -36.66
N GLY C 26 10.94 -3.85 -37.95
CA GLY C 26 11.93 -3.29 -38.87
C GLY C 26 13.15 -4.16 -39.03
N PHE C 27 13.19 -5.27 -38.30
CA PHE C 27 14.28 -6.23 -38.42
C PHE C 27 13.87 -7.56 -37.80
N SER C 28 14.57 -8.63 -38.17
CA SER C 28 14.31 -9.95 -37.60
C SER C 28 15.44 -10.32 -36.65
N LEU C 29 15.10 -11.02 -35.58
CA LEU C 29 16.10 -11.52 -34.66
C LEU C 29 16.64 -12.88 -35.15
N THR C 30 16.29 -13.23 -36.39
CA THR C 30 16.90 -14.37 -37.07
C THR C 30 18.12 -13.92 -37.86
N THR C 31 18.16 -12.63 -38.16
CA THR C 31 19.24 -12.06 -38.96
C THR C 31 20.59 -12.18 -38.27
N SER C 32 21.60 -12.60 -39.02
CA SER C 32 22.93 -12.79 -38.49
C SER C 32 23.52 -11.48 -38.00
N GLY C 33 24.11 -11.50 -36.80
CA GLY C 33 24.77 -10.34 -36.26
C GLY C 33 23.91 -9.47 -35.37
N ILE C 34 22.63 -9.82 -35.26
CA ILE C 34 21.68 -8.99 -34.53
C ILE C 34 21.36 -9.60 -33.16
N GLY C 35 21.33 -8.73 -32.16
CA GLY C 35 20.92 -9.11 -30.82
C GLY C 35 20.05 -8.02 -30.21
N VAL C 36 19.23 -8.40 -29.23
CA VAL C 36 18.39 -7.45 -28.52
C VAL C 36 18.58 -7.63 -27.02
N GLY C 37 18.69 -6.52 -26.30
CA GLY C 37 18.94 -6.58 -24.87
C GLY C 37 18.56 -5.34 -24.10
N TRP C 38 19.14 -5.19 -22.91
CA TRP C 38 18.65 -4.22 -21.94
C TRP C 38 19.76 -3.42 -21.27
N ILE C 39 19.52 -2.12 -21.18
CA ILE C 39 20.39 -1.20 -20.46
C ILE C 39 19.49 -0.33 -19.59
N ARG C 40 19.88 -0.14 -18.33
CA ARG C 40 19.05 0.61 -17.41
C ARG C 40 19.78 1.85 -16.91
N GLN C 41 19.00 2.89 -16.68
CA GLN C 41 19.52 4.16 -16.18
C GLN C 41 18.78 4.60 -14.91
N PRO C 42 19.43 4.50 -13.75
CA PRO C 42 18.75 5.04 -12.57
C PRO C 42 18.60 6.56 -12.69
N SER C 43 17.54 7.11 -12.10
CA SER C 43 17.23 8.52 -12.24
C SER C 43 18.42 9.41 -11.89
N GLY C 44 18.84 10.24 -12.84
CA GLY C 44 19.95 11.15 -12.65
C GLY C 44 21.27 10.42 -12.46
N LYS C 45 21.47 9.36 -13.23
CA LYS C 45 22.67 8.55 -13.14
C LYS C 45 23.11 8.11 -14.53
N GLY C 46 24.13 7.26 -14.60
CA GLY C 46 24.63 6.79 -15.87
C GLY C 46 24.00 5.49 -16.32
N LEU C 47 24.73 4.73 -17.13
CA LEU C 47 24.15 3.58 -17.82
C LEU C 47 24.80 2.29 -17.35
N GLU C 48 23.97 1.25 -17.21
CA GLU C 48 24.42 -0.07 -16.79
C GLU C 48 23.85 -1.13 -17.72
N TRP C 49 24.72 -1.80 -18.46
CA TRP C 49 24.30 -2.89 -19.34
C TRP C 49 23.84 -4.07 -18.51
N LEU C 50 22.77 -4.73 -18.94
CA LEU C 50 22.20 -5.85 -18.20
C LEU C 50 22.42 -7.18 -18.93
N ALA C 51 21.80 -7.32 -20.10
CA ALA C 51 21.90 -8.56 -20.85
C ALA C 51 21.50 -8.38 -22.31
N HIS C 52 21.95 -9.31 -23.15
CA HIS C 52 21.56 -9.33 -24.56
C HIS C 52 21.38 -10.78 -25.00
N ILE C 53 20.46 -10.99 -25.94
CA ILE C 53 20.27 -12.30 -26.54
C ILE C 53 20.40 -12.13 -28.04
N TRP C 54 21.09 -13.06 -28.68
CA TRP C 54 21.42 -12.95 -30.09
C TRP C 54 20.58 -13.90 -30.92
N TRP C 55 20.61 -13.69 -32.23
CA TRP C 55 19.99 -14.61 -33.19
C TRP C 55 20.48 -16.03 -32.91
N SER C 56 21.70 -16.12 -32.39
CA SER C 56 22.32 -17.40 -32.02
C SER C 56 21.58 -18.14 -30.91
N ALA C 57 20.70 -17.43 -30.21
CA ALA C 57 20.13 -17.87 -28.94
C ALA C 57 21.21 -17.78 -27.85
N SER C 58 22.38 -17.28 -28.23
CA SER C 58 23.44 -16.99 -27.28
C SER C 58 23.00 -15.80 -26.45
N LYS C 59 23.28 -15.83 -25.16
CA LYS C 59 22.85 -14.76 -24.28
C LYS C 59 23.97 -14.27 -23.37
N TYR C 60 24.23 -12.97 -23.46
CA TYR C 60 25.27 -12.32 -22.67
C TYR C 60 24.65 -11.73 -21.41
N TYR C 61 25.35 -11.90 -20.29
CA TYR C 61 24.88 -11.37 -19.02
C TYR C 61 25.93 -10.48 -18.40
N ASN C 62 25.47 -9.42 -17.73
CA ASN C 62 26.35 -8.60 -16.92
C ASN C 62 26.73 -9.41 -15.68
N THR C 63 28.02 -9.60 -15.48
CA THR C 63 28.49 -10.33 -14.31
C THR C 63 27.99 -9.56 -13.10
N ALA C 64 27.97 -10.20 -11.93
CA ALA C 64 27.44 -9.59 -10.70
C ALA C 64 25.91 -9.60 -10.69
N LEU C 65 25.28 -9.22 -11.80
CA LEU C 65 23.82 -9.31 -11.90
C LEU C 65 23.41 -10.69 -12.42
N LYS C 66 24.37 -11.37 -13.04
CA LYS C 66 24.19 -12.69 -13.66
C LYS C 66 23.20 -13.59 -12.91
N SER C 67 23.43 -13.77 -11.62
CA SER C 67 22.60 -14.68 -10.81
C SER C 67 21.13 -14.30 -10.82
N ARG C 68 20.81 -13.01 -10.93
CA ARG C 68 19.42 -12.57 -10.86
C ARG C 68 18.78 -12.34 -12.23
N LEU C 69 19.55 -12.51 -13.30
CA LEU C 69 19.06 -12.19 -14.64
C LEU C 69 18.74 -13.42 -15.48
N THR C 70 17.60 -13.35 -16.17
CA THR C 70 17.25 -14.35 -17.16
C THR C 70 16.64 -13.67 -18.37
N ILE C 71 17.29 -13.82 -19.52
CA ILE C 71 16.82 -13.22 -20.76
C ILE C 71 16.39 -14.33 -21.71
N SER C 72 15.32 -14.08 -22.45
CA SER C 72 14.78 -15.05 -23.41
C SER C 72 14.22 -14.33 -24.64
N LYS C 73 13.67 -15.09 -25.58
CA LYS C 73 13.16 -14.50 -26.81
C LYS C 73 12.04 -15.33 -27.43
N ASP C 74 11.10 -14.63 -28.07
CA ASP C 74 10.08 -15.24 -28.91
C ASP C 74 10.22 -14.64 -30.29
N THR C 75 11.11 -15.23 -31.08
CA THR C 75 11.50 -14.69 -32.38
C THR C 75 10.29 -14.50 -33.31
N SER C 76 9.39 -15.47 -33.30
CA SER C 76 8.27 -15.47 -34.24
C SER C 76 7.29 -14.32 -34.01
N ASN C 77 7.28 -13.78 -32.80
CA ASN C 77 6.42 -12.64 -32.48
C ASN C 77 7.24 -11.40 -32.13
N ASN C 78 8.50 -11.40 -32.53
CA ASN C 78 9.37 -10.22 -32.38
C ASN C 78 9.38 -9.68 -30.96
N GLN C 79 9.66 -10.56 -30.00
CA GLN C 79 9.75 -10.14 -28.61
C GLN C 79 10.94 -10.78 -27.90
N VAL C 80 11.54 -10.04 -26.99
CA VAL C 80 12.51 -10.58 -26.05
C VAL C 80 12.09 -10.17 -24.65
N PHE C 81 12.43 -11.01 -23.67
CA PHE C 81 12.01 -10.77 -22.30
C PHE C 81 13.20 -10.78 -21.36
N LEU C 82 13.13 -9.98 -20.31
CA LEU C 82 14.13 -10.00 -19.26
C LEU C 82 13.46 -10.17 -17.91
N LYS C 83 14.00 -11.07 -17.10
CA LYS C 83 13.50 -11.28 -15.75
C LYS C 83 14.58 -10.95 -14.72
N ILE C 84 14.19 -10.18 -13.71
CA ILE C 84 15.09 -9.84 -12.62
C ILE C 84 14.49 -10.32 -11.30
N ALA C 85 15.22 -11.22 -10.63
CA ALA C 85 14.72 -11.85 -9.41
C ALA C 85 14.97 -10.98 -8.18
N SER C 86 14.12 -11.15 -7.17
CA SER C 86 14.28 -10.50 -5.86
C SER C 86 14.68 -9.03 -5.99
N VAL C 87 13.83 -8.26 -6.65
CA VAL C 87 14.11 -6.86 -6.92
C VAL C 87 14.18 -6.02 -5.62
N ASP C 88 15.10 -5.06 -5.62
CA ASP C 88 15.24 -4.13 -4.50
C ASP C 88 15.28 -2.70 -5.04
N THR C 89 15.36 -1.72 -4.15
CA THR C 89 15.26 -0.32 -4.55
C THR C 89 16.41 0.12 -5.47
N ALA C 90 17.49 -0.66 -5.49
CA ALA C 90 18.61 -0.34 -6.37
C ALA C 90 18.29 -0.72 -7.81
N ASP C 91 17.14 -1.34 -8.03
CA ASP C 91 16.68 -1.69 -9.37
C ASP C 91 15.73 -0.62 -9.92
N THR C 92 15.42 0.38 -9.11
CA THR C 92 14.65 1.52 -9.57
C THR C 92 15.41 2.23 -10.66
N ALA C 93 14.85 2.25 -11.86
CA ALA C 93 15.53 2.83 -13.01
C ALA C 93 14.62 2.87 -14.23
N THR C 94 15.07 3.60 -15.24
CA THR C 94 14.47 3.50 -16.56
C THR C 94 15.18 2.36 -17.28
N TYR C 95 14.39 1.44 -17.79
CA TYR C 95 14.92 0.27 -18.49
C TYR C 95 14.75 0.43 -19.99
N TYR C 96 15.89 0.46 -20.70
CA TYR C 96 15.88 0.64 -22.14
C TYR C 96 16.08 -0.70 -22.86
N CYS C 97 15.27 -0.94 -23.88
CA CYS C 97 15.53 -2.02 -24.81
C CYS C 97 16.40 -1.46 -25.93
N ALA C 98 17.52 -2.12 -26.20
CA ALA C 98 18.43 -1.65 -27.22
C ALA C 98 18.86 -2.79 -28.13
N ARG C 99 18.91 -2.50 -29.42
CA ARG C 99 19.43 -3.45 -30.40
C ARG C 99 20.95 -3.40 -30.40
N ALA C 100 21.57 -4.57 -30.38
CA ALA C 100 23.03 -4.66 -30.48
C ALA C 100 23.43 -5.27 -31.81
N TYR C 101 24.54 -4.77 -32.36
CA TYR C 101 25.10 -5.32 -33.58
C TYR C 101 26.49 -5.88 -33.32
N TYR C 102 26.72 -7.13 -33.76
CA TYR C 102 28.03 -7.73 -33.66
C TYR C 102 28.83 -7.44 -34.93
N GLY C 103 29.84 -6.58 -34.79
CA GLY C 103 30.57 -6.04 -35.91
C GLY C 103 31.41 -7.03 -36.69
N ASN C 104 31.64 -6.71 -37.96
CA ASN C 104 32.56 -7.48 -38.81
C ASN C 104 33.99 -7.40 -38.27
N TYR C 105 34.29 -6.32 -37.55
CA TYR C 105 35.64 -6.13 -36.98
C TYR C 105 35.72 -6.71 -35.58
N GLY C 106 34.69 -7.46 -35.18
CA GLY C 106 34.53 -7.82 -33.79
C GLY C 106 33.95 -6.62 -33.08
N GLY C 107 33.79 -6.72 -31.77
CA GLY C 107 33.24 -5.61 -31.02
C GLY C 107 31.75 -5.46 -31.21
N TYR C 108 31.15 -4.56 -30.44
CA TYR C 108 29.70 -4.45 -30.37
C TYR C 108 29.30 -2.99 -30.19
N TYR C 109 28.12 -2.65 -30.68
CA TYR C 109 27.55 -1.34 -30.40
C TYR C 109 26.03 -1.39 -30.47
N PHE C 110 25.41 -0.43 -29.81
CA PHE C 110 23.95 -0.36 -29.71
C PHE C 110 23.43 0.70 -30.68
N ASP C 111 22.85 0.26 -31.80
CA ASP C 111 22.50 1.19 -32.88
C ASP C 111 21.08 1.75 -32.80
N TYR C 112 20.17 1.03 -32.16
CA TYR C 112 18.82 1.56 -31.93
C TYR C 112 18.36 1.36 -30.48
N TRP C 113 17.73 2.37 -29.92
CA TRP C 113 17.22 2.32 -28.55
C TRP C 113 15.72 2.56 -28.49
N GLY C 114 15.06 1.83 -27.60
CA GLY C 114 13.67 2.11 -27.30
C GLY C 114 13.56 3.36 -26.43
N GLN C 115 12.33 3.83 -26.22
CA GLN C 115 12.12 5.06 -25.47
C GLN C 115 12.25 4.83 -23.96
N GLY C 116 12.19 3.57 -23.57
CA GLY C 116 12.41 3.18 -22.18
C GLY C 116 11.13 3.00 -21.40
N THR C 117 11.23 2.22 -20.32
CA THR C 117 10.12 2.04 -19.39
C THR C 117 10.65 2.27 -17.98
N THR C 118 9.96 3.11 -17.23
CA THR C 118 10.44 3.49 -15.90
C THR C 118 9.89 2.51 -14.86
N LEU C 119 10.76 2.08 -13.95
CA LEU C 119 10.36 1.17 -12.89
C LEU C 119 10.73 1.72 -11.52
N THR C 120 9.77 1.68 -10.60
CA THR C 120 10.00 2.07 -9.23
C THR C 120 9.75 0.89 -8.30
N VAL C 121 10.72 0.58 -7.46
CA VAL C 121 10.57 -0.46 -6.47
C VAL C 121 10.18 0.23 -5.19
N SER C 122 8.91 0.07 -4.80
CA SER C 122 8.37 0.82 -3.67
C SER C 122 7.20 0.12 -3.03
N SER C 123 7.14 0.20 -1.70
CA SER C 123 5.99 -0.26 -0.94
C SER C 123 4.81 0.70 -1.07
N ALA C 124 5.11 1.96 -1.36
CA ALA C 124 4.12 3.03 -1.37
C ALA C 124 2.96 2.72 -2.30
N LYS C 125 1.90 3.51 -2.20
CA LYS C 125 0.65 3.25 -2.90
C LYS C 125 0.59 3.97 -4.24
N THR C 126 0.01 3.31 -5.25
CA THR C 126 -0.25 3.95 -6.53
C THR C 126 -1.33 5.03 -6.36
N THR C 127 -1.10 6.18 -7.00
CA THR C 127 -2.05 7.29 -6.90
C THR C 127 -2.11 8.04 -8.23
N ALA C 128 -3.32 8.26 -8.72
CA ALA C 128 -3.51 9.03 -9.95
C ALA C 128 -3.24 10.51 -9.68
N PRO C 129 -2.88 11.27 -10.73
CA PRO C 129 -2.62 12.71 -10.58
C PRO C 129 -3.89 13.56 -10.61
N SER C 130 -3.85 14.69 -9.90
CA SER C 130 -4.81 15.76 -10.12
C SER C 130 -4.20 16.73 -11.13
N VAL C 131 -4.97 17.11 -12.14
CA VAL C 131 -4.51 18.02 -13.18
C VAL C 131 -5.25 19.33 -13.02
N TYR C 132 -4.50 20.43 -12.89
CA TYR C 132 -5.09 21.72 -12.62
C TYR C 132 -4.75 22.73 -13.71
N PRO C 133 -5.76 23.43 -14.26
CA PRO C 133 -5.48 24.45 -15.27
C PRO C 133 -4.97 25.75 -14.65
N LEU C 134 -3.94 26.33 -15.24
CA LEU C 134 -3.37 27.56 -14.74
C LEU C 134 -3.47 28.66 -15.78
N ALA C 135 -4.53 29.46 -15.67
CA ALA C 135 -4.71 30.62 -16.53
C ALA C 135 -4.09 31.84 -15.85
N PRO C 136 -3.81 32.90 -16.63
CA PRO C 136 -3.15 34.08 -16.05
C PRO C 136 -4.01 34.76 -14.99
N VAL C 137 -3.40 35.69 -14.26
CA VAL C 137 -4.10 36.45 -13.24
C VAL C 137 -5.22 37.26 -13.88
N CYS C 138 -6.37 37.33 -13.20
CA CYS C 138 -7.49 38.11 -13.70
C CYS C 138 -7.12 39.59 -13.74
N GLY C 139 -7.40 40.23 -14.88
CA GLY C 139 -7.19 41.66 -14.98
C GLY C 139 -5.75 42.04 -15.22
N ASP C 140 -4.90 41.05 -15.41
CA ASP C 140 -3.49 41.33 -15.66
C ASP C 140 -3.38 42.17 -16.92
N THR C 141 -2.62 43.26 -16.83
CA THR C 141 -2.41 44.10 -17.99
C THR C 141 -1.57 43.27 -18.96
N THR C 142 -2.25 42.66 -19.93
CA THR C 142 -1.62 41.68 -20.81
C THR C 142 -0.59 42.31 -21.74
N GLY C 143 0.53 41.60 -21.92
CA GLY C 143 1.60 42.06 -22.77
C GLY C 143 1.54 41.45 -24.17
N SER C 144 2.69 41.48 -24.85
CA SER C 144 2.79 40.95 -26.21
C SER C 144 2.59 39.44 -26.28
N SER C 145 2.85 38.74 -25.18
CA SER C 145 2.65 37.30 -25.12
C SER C 145 2.04 36.92 -23.78
N VAL C 146 1.42 35.74 -23.72
CA VAL C 146 0.85 35.25 -22.48
C VAL C 146 1.36 33.84 -22.19
N THR C 147 1.59 33.57 -20.90
CA THR C 147 2.08 32.27 -20.47
C THR C 147 0.97 31.52 -19.73
N LEU C 148 0.71 30.30 -20.17
CA LEU C 148 -0.26 29.42 -19.51
C LEU C 148 0.47 28.28 -18.78
N GLY C 149 -0.26 27.59 -17.92
CA GLY C 149 0.35 26.56 -17.10
C GLY C 149 -0.53 25.35 -16.88
N CYS C 150 0.09 24.27 -16.43
CA CYS C 150 -0.62 23.03 -16.10
C CYS C 150 0.07 22.38 -14.91
N LEU C 151 -0.68 22.15 -13.84
CA LEU C 151 -0.12 21.59 -12.62
C LEU C 151 -0.61 20.16 -12.44
N VAL C 152 0.32 19.27 -12.14
CA VAL C 152 0.03 17.84 -12.01
C VAL C 152 0.53 17.35 -10.66
N LYS C 153 -0.38 17.21 -9.70
CA LYS C 153 0.00 16.82 -8.35
C LYS C 153 -0.56 15.49 -7.87
N GLY C 154 0.03 15.01 -6.79
CA GLY C 154 -0.52 13.90 -6.02
C GLY C 154 -0.46 12.54 -6.68
N TYR C 155 0.53 12.31 -7.54
CA TYR C 155 0.62 11.01 -8.23
C TYR C 155 1.86 10.23 -7.86
N PHE C 156 1.75 8.91 -8.04
CA PHE C 156 2.83 7.99 -7.75
C PHE C 156 2.54 6.64 -8.41
N PRO C 157 3.55 6.01 -9.00
CA PRO C 157 4.93 6.51 -9.16
C PRO C 157 5.14 7.28 -10.47
N GLU C 158 6.35 7.79 -10.65
CA GLU C 158 6.80 8.28 -11.94
C GLU C 158 6.56 7.11 -12.90
N PRO C 159 6.24 7.39 -14.18
CA PRO C 159 6.22 8.65 -14.92
C PRO C 159 4.84 9.26 -15.15
N VAL C 160 4.88 10.51 -15.60
CA VAL C 160 3.70 11.19 -16.13
C VAL C 160 4.14 11.78 -17.46
N THR C 161 3.26 11.73 -18.46
CA THR C 161 3.57 12.33 -19.75
C THR C 161 2.61 13.47 -20.01
N LEU C 162 3.14 14.58 -20.52
CA LEU C 162 2.33 15.78 -20.69
C LEU C 162 2.57 16.44 -22.04
N THR C 163 1.48 16.79 -22.72
CA THR C 163 1.55 17.49 -23.99
C THR C 163 0.55 18.64 -24.03
N TRP C 164 0.73 19.53 -25.00
CA TRP C 164 -0.19 20.63 -25.23
C TRP C 164 -0.87 20.43 -26.58
N ASN C 165 -2.19 20.34 -26.56
CA ASN C 165 -2.96 20.09 -27.78
C ASN C 165 -2.43 18.83 -28.48
N SER C 166 -2.00 17.86 -27.68
CA SER C 166 -1.55 16.57 -28.20
C SER C 166 -0.34 16.70 -29.12
N GLY C 167 0.67 17.45 -28.71
CA GLY C 167 1.88 17.58 -29.50
C GLY C 167 1.87 18.67 -30.54
N SER C 168 0.68 19.02 -31.04
CA SER C 168 0.56 20.01 -32.10
C SER C 168 1.11 21.36 -31.65
N LEU C 169 1.04 21.63 -30.35
CA LEU C 169 1.59 22.86 -29.82
C LEU C 169 2.90 22.52 -29.13
N SER C 170 3.99 22.71 -29.86
CA SER C 170 5.29 22.18 -29.49
C SER C 170 6.25 23.30 -29.10
N SER C 171 6.09 24.45 -29.74
CA SER C 171 6.96 25.59 -29.52
C SER C 171 6.63 26.31 -28.23
N GLY C 172 7.66 26.86 -27.57
CA GLY C 172 7.46 27.67 -26.39
C GLY C 172 6.99 26.90 -25.16
N VAL C 173 7.33 25.61 -25.10
CA VAL C 173 6.91 24.76 -24.00
C VAL C 173 8.04 24.50 -23.02
N HIS C 174 7.72 24.56 -21.73
CA HIS C 174 8.63 24.17 -20.66
C HIS C 174 7.97 23.15 -19.74
N THR C 175 8.30 21.87 -19.89
CA THR C 175 7.78 20.86 -18.97
C THR C 175 8.85 20.52 -17.93
N PHE C 176 8.49 20.68 -16.66
CA PHE C 176 9.46 20.60 -15.58
C PHE C 176 9.59 19.19 -14.99
N PRO C 177 10.83 18.76 -14.66
CA PRO C 177 11.01 17.42 -14.11
C PRO C 177 10.21 17.21 -12.82
N ALA C 178 9.64 16.02 -12.66
CA ALA C 178 8.81 15.74 -11.50
C ALA C 178 9.64 15.81 -10.21
N VAL C 179 8.99 16.14 -9.12
CA VAL C 179 9.65 16.21 -7.83
C VAL C 179 8.82 15.48 -6.80
N LEU C 180 9.48 14.64 -6.02
CA LEU C 180 8.82 13.85 -5.00
C LEU C 180 8.87 14.56 -3.66
N GLN C 181 7.71 14.70 -3.03
CA GLN C 181 7.65 15.17 -1.66
C GLN C 181 6.54 14.45 -0.91
N SER C 182 6.95 13.66 0.07
CA SER C 182 6.02 12.88 0.87
C SER C 182 5.31 11.86 0.00
N ASP C 183 6.10 11.07 -0.72
CA ASP C 183 5.62 9.94 -1.49
C ASP C 183 4.60 10.30 -2.57
N LEU C 184 4.59 11.56 -2.97
CA LEU C 184 3.74 12.01 -4.07
C LEU C 184 4.55 12.92 -4.99
N TYR C 185 4.32 12.80 -6.29
CA TYR C 185 5.04 13.61 -7.26
C TYR C 185 4.26 14.85 -7.64
N THR C 186 4.99 15.92 -7.94
CA THR C 186 4.42 17.13 -8.49
C THR C 186 5.17 17.48 -9.75
N LEU C 187 4.42 17.69 -10.83
CA LEU C 187 5.00 18.09 -12.10
C LEU C 187 4.18 19.25 -12.65
N SER C 188 4.81 20.11 -13.44
CA SER C 188 4.11 21.21 -14.07
C SER C 188 4.69 21.48 -15.45
N SER C 189 3.92 22.20 -16.27
CA SER C 189 4.37 22.58 -17.60
C SER C 189 3.92 24.01 -17.91
N SER C 190 4.80 24.72 -18.61
CA SER C 190 4.53 26.09 -19.05
C SER C 190 4.44 26.16 -20.58
N VAL C 191 3.58 27.03 -21.10
CA VAL C 191 3.52 27.28 -22.53
C VAL C 191 3.28 28.76 -22.77
N THR C 192 4.03 29.34 -23.70
CA THR C 192 3.93 30.76 -24.00
C THR C 192 3.52 30.98 -25.45
N VAL C 193 2.48 31.77 -25.65
CA VAL C 193 2.02 32.13 -26.97
C VAL C 193 1.84 33.65 -27.05
N THR C 194 1.56 34.16 -28.25
CA THR C 194 1.31 35.58 -28.41
C THR C 194 -0.10 35.89 -27.93
N SER C 195 -0.28 37.06 -27.33
CA SER C 195 -1.57 37.44 -26.74
C SER C 195 -2.72 37.26 -27.74
N SER C 196 -2.44 37.45 -29.02
CA SER C 196 -3.46 37.28 -30.07
C SER C 196 -3.84 35.81 -30.26
N THR C 197 -3.00 34.89 -29.76
CA THR C 197 -3.25 33.45 -29.90
C THR C 197 -4.22 32.93 -28.84
N TRP C 198 -4.08 33.42 -27.61
CA TRP C 198 -4.91 32.94 -26.50
C TRP C 198 -5.53 34.13 -25.77
N PRO C 199 -6.81 34.02 -25.36
CA PRO C 199 -7.77 32.90 -25.37
C PRO C 199 -8.49 32.66 -26.70
N SER C 200 -8.09 33.36 -27.76
CA SER C 200 -8.73 33.19 -29.06
C SER C 200 -8.78 31.72 -29.46
N GLN C 201 -7.63 31.07 -29.39
CA GLN C 201 -7.49 29.67 -29.79
C GLN C 201 -7.48 28.74 -28.58
N SER C 202 -8.07 27.57 -28.74
CA SER C 202 -8.18 26.60 -27.66
C SER C 202 -6.83 25.94 -27.35
N ILE C 203 -6.39 26.06 -26.09
CA ILE C 203 -5.19 25.39 -25.62
C ILE C 203 -5.58 24.37 -24.56
N THR C 204 -5.03 23.15 -24.66
CA THR C 204 -5.39 22.06 -23.76
C THR C 204 -4.19 21.27 -23.28
N CYS C 205 -4.09 21.13 -21.96
CA CYS C 205 -3.14 20.25 -21.33
C CYS C 205 -3.57 18.79 -21.46
N ASN C 206 -2.68 17.94 -21.97
CA ASN C 206 -2.96 16.50 -22.04
C ASN C 206 -2.01 15.73 -21.14
N VAL C 207 -2.58 15.02 -20.18
CA VAL C 207 -1.80 14.33 -19.16
C VAL C 207 -2.18 12.87 -19.10
N ALA C 208 -1.18 12.01 -19.07
CA ALA C 208 -1.42 10.58 -18.96
C ALA C 208 -0.51 9.97 -17.89
N HIS C 209 -1.09 9.08 -17.10
CA HIS C 209 -0.37 8.38 -16.06
C HIS C 209 -0.65 6.89 -16.22
N PRO C 210 0.36 6.14 -16.70
CA PRO C 210 0.13 4.71 -16.94
C PRO C 210 -0.23 3.93 -15.67
N ALA C 211 0.58 4.08 -14.61
CA ALA C 211 0.43 3.30 -13.40
C ALA C 211 -0.99 3.37 -12.83
N SER C 212 -1.70 4.46 -13.10
CA SER C 212 -3.08 4.61 -12.68
C SER C 212 -4.01 4.50 -13.87
N SER C 213 -3.42 4.43 -15.07
CA SER C 213 -4.16 4.34 -16.31
C SER C 213 -5.17 5.46 -16.37
N THR C 214 -4.67 6.69 -16.44
CA THR C 214 -5.53 7.85 -16.57
C THR C 214 -5.00 8.73 -17.68
N LYS C 215 -5.91 9.17 -18.54
CA LYS C 215 -5.62 10.19 -19.53
C LYS C 215 -6.59 11.32 -19.25
N VAL C 216 -6.05 12.51 -19.00
CA VAL C 216 -6.88 13.65 -18.62
C VAL C 216 -6.55 14.83 -19.50
N ASP C 217 -7.59 15.47 -20.01
CA ASP C 217 -7.45 16.71 -20.76
C ASP C 217 -8.02 17.88 -19.95
N LYS C 218 -7.28 18.97 -19.93
CA LYS C 218 -7.72 20.20 -19.28
C LYS C 218 -7.55 21.38 -20.22
N LYS C 219 -8.66 21.91 -20.71
CA LYS C 219 -8.61 23.11 -21.49
C LYS C 219 -8.24 24.26 -20.56
N ILE C 220 -7.45 25.20 -21.06
CA ILE C 220 -7.04 26.35 -20.27
C ILE C 220 -7.98 27.49 -20.61
N GLU C 221 -8.79 27.89 -19.65
CA GLU C 221 -9.76 28.96 -19.85
C GLU C 221 -9.51 30.11 -18.89
N PRO C 222 -9.92 31.33 -19.29
CA PRO C 222 -9.72 32.47 -18.39
C PRO C 222 -10.45 32.28 -17.06
N ARG C 223 -9.91 32.87 -16.01
CA ARG C 223 -10.52 32.76 -14.69
C ARG C 223 -11.79 33.58 -14.61
N GLY C 224 -12.84 32.98 -14.07
CA GLY C 224 -14.03 33.72 -13.71
C GLY C 224 -13.91 34.16 -12.27
N PRO C 225 -15.02 34.61 -11.67
CA PRO C 225 -15.01 35.02 -10.26
C PRO C 225 -15.11 33.82 -9.30
N THR C 226 -15.08 32.61 -9.81
CA THR C 226 -15.22 31.41 -8.97
C THR C 226 -14.06 31.32 -8.00
N ASP D 1 37.07 -6.27 -14.42
CA ASP D 1 36.38 -5.68 -15.61
C ASP D 1 36.76 -4.20 -15.76
N ILE D 2 36.55 -3.68 -16.96
CA ILE D 2 37.10 -2.40 -17.35
C ILE D 2 36.30 -1.24 -16.77
N VAL D 3 37.01 -0.25 -16.25
CA VAL D 3 36.41 0.96 -15.71
C VAL D 3 36.75 2.11 -16.66
N MET D 4 35.80 3.02 -16.84
CA MET D 4 36.04 4.19 -17.68
C MET D 4 35.75 5.49 -16.96
N THR D 5 36.73 6.38 -17.01
CA THR D 5 36.66 7.65 -16.32
C THR D 5 36.59 8.77 -17.34
N GLN D 6 35.44 9.44 -17.42
CA GLN D 6 35.29 10.57 -18.32
C GLN D 6 35.66 11.86 -17.59
N SER D 7 36.11 12.86 -18.34
CA SER D 7 36.39 14.16 -17.77
C SER D 7 36.33 15.25 -18.84
N PRO D 8 35.86 16.45 -18.47
CA PRO D 8 35.33 16.77 -17.13
C PRO D 8 33.97 16.14 -16.92
N ALA D 9 33.43 16.23 -15.70
CA ALA D 9 32.08 15.78 -15.43
C ALA D 9 31.11 16.70 -16.15
N SER D 10 31.51 17.96 -16.26
CA SER D 10 30.66 19.00 -16.82
C SER D 10 31.48 19.97 -17.67
N LEU D 11 30.91 20.39 -18.80
CA LEU D 11 31.62 21.27 -19.72
C LEU D 11 30.69 22.35 -20.26
N ALA D 12 31.14 23.60 -20.15
CA ALA D 12 30.39 24.73 -20.69
C ALA D 12 31.20 25.42 -21.78
N VAL D 13 30.63 25.51 -22.97
CA VAL D 13 31.35 25.98 -24.15
C VAL D 13 30.47 26.94 -24.92
N SER D 14 31.07 28.03 -25.38
CA SER D 14 30.32 29.05 -26.11
C SER D 14 29.85 28.49 -27.45
N LEU D 15 28.78 29.08 -27.98
CA LEU D 15 28.25 28.67 -29.28
C LEU D 15 29.32 28.80 -30.35
N GLY D 16 29.36 27.83 -31.24
CA GLY D 16 30.30 27.84 -32.36
C GLY D 16 31.73 27.48 -31.98
N GLN D 17 31.99 27.28 -30.70
CA GLN D 17 33.32 26.86 -30.23
C GLN D 17 33.45 25.34 -30.22
N ARG D 18 34.53 24.86 -29.60
CA ARG D 18 34.85 23.43 -29.56
C ARG D 18 34.65 22.83 -28.17
N ALA D 19 33.85 21.77 -28.12
CA ALA D 19 33.70 20.97 -26.91
C ALA D 19 34.54 19.69 -27.06
N THR D 20 35.36 19.41 -26.06
CA THR D 20 36.23 18.25 -26.10
C THR D 20 36.05 17.40 -24.86
N ILE D 21 35.77 16.12 -25.07
CA ILE D 21 35.49 15.18 -23.99
C ILE D 21 36.52 14.07 -24.03
N SER D 22 36.98 13.63 -22.87
CA SER D 22 37.97 12.56 -22.82
C SER D 22 37.44 11.37 -22.04
N CYS D 23 37.95 10.20 -22.37
CA CYS D 23 37.51 8.95 -21.78
C CYS D 23 38.71 8.03 -21.56
N ARG D 24 39.14 7.90 -20.31
CA ARG D 24 40.25 7.01 -19.99
C ARG D 24 39.75 5.61 -19.68
N ALA D 25 40.45 4.60 -20.22
CA ALA D 25 40.15 3.20 -19.91
C ALA D 25 41.16 2.66 -18.90
N SER D 26 40.70 1.77 -18.03
CA SER D 26 41.55 1.17 -17.01
C SER D 26 42.59 0.23 -17.63
N GLN D 27 42.34 -0.16 -18.87
CA GLN D 27 43.31 -0.96 -19.63
C GLN D 27 43.16 -0.64 -21.11
N SER D 28 44.13 -1.06 -21.92
CA SER D 28 44.08 -0.80 -23.35
C SER D 28 42.86 -1.50 -23.94
N VAL D 29 42.31 -0.92 -25.00
CA VAL D 29 41.03 -1.34 -25.52
C VAL D 29 41.11 -1.38 -27.04
N SER D 30 42.33 -1.56 -27.55
CA SER D 30 42.56 -1.54 -28.99
C SER D 30 43.59 -2.57 -29.44
N THR D 31 43.36 -3.12 -30.63
CA THR D 31 44.33 -3.99 -31.28
C THR D 31 45.26 -3.12 -32.13
N SER D 32 46.08 -3.75 -32.96
CA SER D 32 46.97 -3.02 -33.85
C SER D 32 46.21 -2.21 -34.91
N SER D 33 44.94 -2.56 -35.13
CA SER D 33 44.19 -1.97 -36.23
C SER D 33 42.85 -1.33 -35.82
N TYR D 34 42.24 -1.77 -34.72
CA TYR D 34 40.98 -1.19 -34.28
C TYR D 34 40.96 -0.91 -32.78
N SER D 35 40.22 0.14 -32.41
CA SER D 35 39.97 0.46 -31.01
C SER D 35 38.48 0.26 -30.74
N TYR D 36 38.17 -0.42 -29.65
CA TYR D 36 36.80 -0.84 -29.40
C TYR D 36 36.13 0.08 -28.38
N MET D 37 35.96 1.32 -28.79
CA MET D 37 35.34 2.35 -27.98
C MET D 37 34.21 3.00 -28.77
N ASN D 38 33.06 3.19 -28.12
CA ASN D 38 31.90 3.79 -28.75
C ASN D 38 31.50 5.07 -28.02
N TRP D 39 30.82 5.97 -28.72
CA TRP D 39 30.33 7.21 -28.10
C TRP D 39 28.83 7.36 -28.26
N TYR D 40 28.16 7.80 -27.20
CA TYR D 40 26.72 8.00 -27.23
C TYR D 40 26.34 9.41 -26.80
N GLN D 41 25.23 9.88 -27.38
CA GLN D 41 24.64 11.16 -27.04
C GLN D 41 23.27 10.92 -26.41
N GLN D 42 23.08 11.44 -25.19
CA GLN D 42 21.78 11.37 -24.55
C GLN D 42 21.26 12.76 -24.22
N LYS D 43 20.27 13.21 -24.98
CA LYS D 43 19.57 14.45 -24.68
C LYS D 43 18.58 14.19 -23.54
N PRO D 44 18.29 15.21 -22.73
CA PRO D 44 17.38 15.01 -21.59
C PRO D 44 16.03 14.43 -22.00
N GLY D 45 15.54 13.46 -21.23
CA GLY D 45 14.27 12.82 -21.51
C GLY D 45 14.28 11.95 -22.75
N GLN D 46 15.47 11.57 -23.18
CA GLN D 46 15.62 10.77 -24.39
C GLN D 46 16.52 9.56 -24.12
N PRO D 47 16.43 8.54 -24.98
CA PRO D 47 17.39 7.44 -24.89
C PRO D 47 18.73 7.84 -25.49
N PRO D 48 19.82 7.16 -25.09
CA PRO D 48 21.10 7.40 -25.75
C PRO D 48 21.03 7.18 -27.27
N LYS D 49 21.86 7.90 -28.01
CA LYS D 49 21.94 7.76 -29.46
C LYS D 49 23.41 7.54 -29.83
N LEU D 50 23.65 6.60 -30.74
CA LEU D 50 25.02 6.27 -31.12
C LEU D 50 25.58 7.32 -32.07
N LEU D 51 26.72 7.90 -31.70
CA LEU D 51 27.43 8.85 -32.55
C LEU D 51 28.61 8.19 -33.24
N ILE D 52 29.50 7.62 -32.44
CA ILE D 52 30.77 7.11 -32.93
C ILE D 52 30.92 5.65 -32.54
N LYS D 53 31.32 4.82 -33.50
CA LYS D 53 31.73 3.46 -33.19
C LYS D 53 33.19 3.25 -33.60
N TYR D 54 33.88 2.39 -32.87
CA TYR D 54 35.28 2.12 -33.12
C TYR D 54 36.12 3.41 -33.10
N ALA D 55 35.91 4.20 -32.05
CA ALA D 55 36.73 5.37 -31.74
C ALA D 55 36.53 6.56 -32.67
N SER D 56 36.50 6.32 -33.98
CA SER D 56 36.53 7.42 -34.94
C SER D 56 35.49 7.35 -36.06
N ASN D 57 34.73 6.26 -36.11
CA ASN D 57 33.80 6.06 -37.22
C ASN D 57 32.41 6.65 -36.94
N LEU D 58 32.06 7.70 -37.68
CA LEU D 58 30.78 8.37 -37.50
C LEU D 58 29.63 7.49 -37.97
N GLU D 59 28.63 7.32 -37.09
CA GLU D 59 27.45 6.53 -37.42
C GLU D 59 26.68 7.27 -38.51
N SER D 60 26.00 6.51 -39.37
CA SER D 60 25.29 7.11 -40.50
C SER D 60 24.27 8.14 -40.00
N GLY D 61 24.34 9.35 -40.57
CA GLY D 61 23.41 10.41 -40.23
C GLY D 61 23.90 11.41 -39.22
N VAL D 62 24.96 11.07 -38.49
CA VAL D 62 25.48 11.96 -37.45
C VAL D 62 26.21 13.15 -38.10
N PRO D 63 25.95 14.37 -37.62
CA PRO D 63 26.58 15.57 -38.19
C PRO D 63 28.11 15.53 -38.16
N ALA D 64 28.74 16.16 -39.15
CA ALA D 64 30.20 16.11 -39.28
C ALA D 64 30.92 16.97 -38.24
N ARG D 65 30.18 17.75 -37.46
CA ARG D 65 30.79 18.53 -36.40
C ARG D 65 31.21 17.62 -35.24
N PHE D 66 30.70 16.40 -35.25
CA PHE D 66 31.15 15.36 -34.31
C PHE D 66 32.31 14.59 -34.88
N SER D 67 33.32 14.32 -34.06
CA SER D 67 34.45 13.50 -34.47
C SER D 67 35.06 12.82 -33.27
N GLY D 68 35.58 11.61 -33.48
CA GLY D 68 36.19 10.84 -32.42
C GLY D 68 37.62 10.45 -32.76
N SER D 69 38.45 10.30 -31.73
CA SER D 69 39.83 9.88 -31.93
C SER D 69 40.38 9.22 -30.68
N GLY D 70 41.65 8.81 -30.74
CA GLY D 70 42.29 8.17 -29.63
C GLY D 70 42.59 6.71 -29.88
N SER D 71 43.32 6.09 -28.96
CA SER D 71 43.64 4.68 -29.04
C SER D 71 44.29 4.26 -27.72
N GLY D 72 44.32 2.97 -27.46
CA GLY D 72 44.89 2.47 -26.24
C GLY D 72 43.98 2.71 -25.05
N THR D 73 44.33 3.68 -24.21
CA THR D 73 43.55 3.98 -23.01
C THR D 73 42.95 5.37 -23.05
N ASP D 74 43.28 6.16 -24.08
CA ASP D 74 42.85 7.55 -24.12
C ASP D 74 42.06 7.88 -25.38
N PHE D 75 40.85 8.37 -25.17
CA PHE D 75 39.91 8.63 -26.26
C PHE D 75 39.26 9.99 -26.12
N THR D 76 38.87 10.58 -27.24
CA THR D 76 38.42 11.96 -27.27
C THR D 76 37.23 12.13 -28.20
N LEU D 77 36.19 12.79 -27.71
CA LEU D 77 35.07 13.20 -28.54
C LEU D 77 35.15 14.71 -28.74
N ASN D 78 34.96 15.13 -29.99
CA ASN D 78 35.03 16.54 -30.33
C ASN D 78 33.73 17.01 -30.97
N ILE D 79 33.26 18.18 -30.55
CA ILE D 79 32.10 18.81 -31.17
C ILE D 79 32.52 20.20 -31.62
N HIS D 80 32.59 20.40 -32.94
CA HIS D 80 33.01 21.69 -33.49
C HIS D 80 32.46 21.88 -34.91
N PRO D 81 31.74 22.99 -35.16
CA PRO D 81 31.32 24.06 -34.23
C PRO D 81 30.12 23.66 -33.38
N LEU D 82 30.20 23.89 -32.07
CA LEU D 82 29.12 23.52 -31.16
C LEU D 82 27.83 24.25 -31.52
N GLU D 83 26.72 23.52 -31.56
CA GLU D 83 25.41 24.10 -31.84
C GLU D 83 24.48 23.91 -30.64
N GLU D 84 23.35 24.62 -30.66
CA GLU D 84 22.42 24.65 -29.53
C GLU D 84 21.87 23.26 -29.18
N GLU D 85 21.57 22.47 -30.21
CA GLU D 85 20.97 21.16 -30.01
C GLU D 85 21.93 20.14 -29.41
N ASP D 86 23.20 20.51 -29.30
CA ASP D 86 24.22 19.58 -28.82
C ASP D 86 24.24 19.48 -27.30
N THR D 87 23.41 20.27 -26.63
CA THR D 87 23.33 20.20 -25.17
C THR D 87 22.81 18.83 -24.77
N ALA D 88 23.64 18.08 -24.07
CA ALA D 88 23.35 16.69 -23.75
C ALA D 88 24.41 16.11 -22.82
N THR D 89 24.21 14.87 -22.40
CA THR D 89 25.25 14.11 -21.72
C THR D 89 25.87 13.12 -22.70
N TYR D 90 27.19 13.02 -22.70
CA TYR D 90 27.88 12.13 -23.62
C TYR D 90 28.59 11.00 -22.90
N TYR D 91 28.37 9.78 -23.40
CA TYR D 91 28.90 8.58 -22.77
C TYR D 91 29.84 7.82 -23.71
N CYS D 92 30.92 7.28 -23.14
CA CYS D 92 31.76 6.35 -23.88
C CYS D 92 31.51 4.95 -23.35
N GLN D 93 31.65 3.94 -24.21
CA GLN D 93 31.65 2.56 -23.75
C GLN D 93 32.50 1.67 -24.62
N HIS D 94 33.12 0.68 -23.98
CA HIS D 94 34.00 -0.26 -24.64
C HIS D 94 33.26 -1.52 -25.04
N SER D 95 33.79 -2.21 -26.05
CA SER D 95 33.29 -3.52 -26.45
C SER D 95 34.45 -4.49 -26.54
N TRP D 96 35.39 -4.36 -25.60
CA TRP D 96 36.60 -5.16 -25.60
C TRP D 96 36.34 -6.51 -24.96
N GLU D 97 35.48 -6.52 -23.95
CA GLU D 97 35.13 -7.74 -23.24
C GLU D 97 33.80 -7.59 -22.54
N ILE D 98 33.20 -8.73 -22.21
CA ILE D 98 32.05 -8.76 -21.32
C ILE D 98 32.61 -8.73 -19.89
N PRO D 99 32.04 -7.89 -19.01
CA PRO D 99 30.88 -7.02 -19.20
C PRO D 99 31.17 -5.70 -19.90
N TRP D 100 30.30 -5.32 -20.82
CA TRP D 100 30.33 -3.98 -21.38
C TRP D 100 30.02 -2.98 -20.28
N THR D 101 30.76 -1.88 -20.25
CA THR D 101 30.54 -0.85 -19.25
C THR D 101 30.52 0.50 -19.95
N PHE D 102 30.01 1.52 -19.27
CA PHE D 102 29.97 2.88 -19.80
C PHE D 102 30.82 3.80 -18.94
N GLY D 103 31.27 4.91 -19.52
CA GLY D 103 31.83 5.98 -18.72
C GLY D 103 30.70 6.67 -17.97
N GLY D 104 31.05 7.52 -17.02
CA GLY D 104 30.05 8.15 -16.17
C GLY D 104 29.29 9.26 -16.87
N GLY D 105 29.79 9.69 -18.02
CA GLY D 105 29.11 10.70 -18.80
C GLY D 105 29.67 12.10 -18.60
N THR D 106 29.60 12.91 -19.64
CA THR D 106 29.99 14.32 -19.55
C THR D 106 28.82 15.19 -20.01
N LYS D 107 28.38 16.09 -19.13
CA LYS D 107 27.29 17.00 -19.47
C LYS D 107 27.84 18.20 -20.24
N VAL D 108 27.41 18.35 -21.48
CA VAL D 108 27.81 19.49 -22.30
C VAL D 108 26.70 20.53 -22.33
N GLU D 109 27.02 21.75 -21.88
CA GLU D 109 26.06 22.84 -21.88
C GLU D 109 26.57 24.01 -22.71
N ILE D 110 25.65 24.71 -23.39
CA ILE D 110 26.01 25.86 -24.21
C ILE D 110 26.15 27.09 -23.33
N LYS D 111 27.24 27.81 -23.52
CA LYS D 111 27.46 29.08 -22.82
C LYS D 111 26.89 30.21 -23.68
N ARG D 112 26.01 31.02 -23.09
CA ARG D 112 25.33 32.08 -23.85
C ARG D 112 25.24 33.41 -23.10
N ALA D 113 24.67 34.42 -23.76
CA ALA D 113 24.39 35.71 -23.17
C ALA D 113 23.54 35.60 -21.92
N ASP D 114 23.87 36.38 -20.90
CA ASP D 114 23.02 36.47 -19.73
C ASP D 114 21.62 36.88 -20.20
N ALA D 115 20.59 36.39 -19.52
CA ALA D 115 19.22 36.73 -19.89
C ALA D 115 18.34 36.72 -18.66
N ALA D 116 17.37 37.63 -18.63
CA ALA D 116 16.49 37.77 -17.48
C ALA D 116 15.31 36.81 -17.58
N PRO D 117 14.83 36.31 -16.42
CA PRO D 117 13.66 35.44 -16.44
C PRO D 117 12.37 36.18 -16.72
N THR D 118 11.49 35.55 -17.51
CA THR D 118 10.13 36.04 -17.66
C THR D 118 9.29 35.39 -16.58
N VAL D 119 8.71 36.23 -15.72
CA VAL D 119 8.06 35.75 -14.50
C VAL D 119 6.54 35.87 -14.62
N SER D 120 5.87 34.76 -14.32
CA SER D 120 4.42 34.69 -14.34
C SER D 120 3.92 33.96 -13.10
N ILE D 121 2.88 34.52 -12.47
CA ILE D 121 2.32 33.93 -11.26
C ILE D 121 0.91 33.41 -11.54
N PHE D 122 0.51 32.38 -10.80
CA PHE D 122 -0.76 31.71 -11.02
C PHE D 122 -1.43 31.37 -9.70
N PRO D 123 -2.56 32.00 -9.40
CA PRO D 123 -3.34 31.58 -8.22
C PRO D 123 -3.83 30.15 -8.35
N PRO D 124 -4.26 29.54 -7.23
CA PRO D 124 -4.85 28.19 -7.31
C PRO D 124 -6.00 28.13 -8.32
N SER D 125 -6.10 27.04 -9.07
CA SER D 125 -7.26 26.84 -9.92
C SER D 125 -8.47 26.66 -9.02
N SER D 126 -9.63 27.08 -9.50
CA SER D 126 -10.85 26.95 -8.71
C SER D 126 -11.12 25.48 -8.49
N GLU D 127 -10.68 24.67 -9.43
CA GLU D 127 -10.86 23.23 -9.36
C GLU D 127 -10.08 22.62 -8.18
N GLN D 128 -8.89 23.15 -7.92
CA GLN D 128 -8.09 22.69 -6.80
C GLN D 128 -8.68 23.18 -5.48
N LEU D 129 -9.10 24.44 -5.47
CA LEU D 129 -9.71 25.03 -4.28
C LEU D 129 -10.93 24.23 -3.86
N THR D 130 -11.67 23.72 -4.84
CA THR D 130 -12.85 22.90 -4.56
C THR D 130 -12.50 21.68 -3.71
N SER D 131 -11.30 21.13 -3.89
CA SER D 131 -10.93 19.89 -3.19
C SER D 131 -10.17 20.14 -1.89
N GLY D 132 -9.95 21.41 -1.55
CA GLY D 132 -9.40 21.76 -0.25
C GLY D 132 -7.93 22.13 -0.31
N GLY D 133 -7.36 22.13 -1.52
CA GLY D 133 -5.98 22.51 -1.72
C GLY D 133 -5.83 23.88 -2.37
N ALA D 134 -4.64 24.45 -2.24
CA ALA D 134 -4.33 25.73 -2.86
C ALA D 134 -2.85 25.79 -3.23
N SER D 135 -2.57 25.71 -4.53
CA SER D 135 -1.21 25.81 -5.02
C SER D 135 -1.03 27.10 -5.79
N VAL D 136 -0.07 27.91 -5.35
CA VAL D 136 0.30 29.13 -6.06
C VAL D 136 1.54 28.83 -6.87
N VAL D 137 1.45 29.00 -8.19
CA VAL D 137 2.53 28.64 -9.09
C VAL D 137 3.22 29.88 -9.65
N CYS D 138 4.54 29.78 -9.78
CA CYS D 138 5.35 30.85 -10.35
C CYS D 138 6.38 30.28 -11.34
N PHE D 139 6.30 30.74 -12.58
CA PHE D 139 7.23 30.30 -13.63
C PHE D 139 8.31 31.34 -13.87
N LEU D 140 9.57 30.92 -13.80
CA LEU D 140 10.71 31.78 -14.13
C LEU D 140 11.39 31.23 -15.38
N ASN D 141 11.04 31.76 -16.55
CA ASN D 141 11.39 31.13 -17.82
C ASN D 141 12.46 31.82 -18.65
N ASN D 142 13.25 31.01 -19.36
CA ASN D 142 14.21 31.47 -20.35
C ASN D 142 15.22 32.47 -19.80
N PHE D 143 15.91 32.08 -18.74
CA PHE D 143 16.96 32.90 -18.16
C PHE D 143 18.30 32.20 -18.29
N TYR D 144 19.38 32.94 -18.03
CA TYR D 144 20.73 32.38 -18.07
C TYR D 144 21.69 33.32 -17.33
N PRO D 145 22.59 32.76 -16.50
CA PRO D 145 22.89 31.34 -16.27
C PRO D 145 21.84 30.64 -15.40
N LYS D 146 22.03 29.33 -15.18
CA LYS D 146 21.00 28.50 -14.57
C LYS D 146 20.76 28.85 -13.11
N ASP D 147 21.71 29.53 -12.48
CA ASP D 147 21.61 29.88 -11.08
C ASP D 147 20.56 30.96 -10.86
N ILE D 148 19.62 30.72 -9.94
CA ILE D 148 18.56 31.69 -9.68
C ILE D 148 17.89 31.48 -8.34
N ASN D 149 17.50 32.58 -7.70
CA ASN D 149 16.77 32.55 -6.44
C ASN D 149 15.30 32.91 -6.60
N VAL D 150 14.45 32.16 -5.92
CA VAL D 150 13.03 32.45 -5.88
C VAL D 150 12.59 32.66 -4.43
N LYS D 151 11.92 33.78 -4.18
CA LYS D 151 11.42 34.09 -2.85
C LYS D 151 9.90 34.25 -2.88
N TRP D 152 9.21 33.59 -1.96
CA TRP D 152 7.78 33.78 -1.78
C TRP D 152 7.47 34.71 -0.62
N LYS D 153 6.60 35.67 -0.84
CA LYS D 153 6.18 36.61 0.20
C LYS D 153 4.65 36.59 0.34
N ILE D 154 4.18 36.29 1.54
CA ILE D 154 2.75 36.31 1.81
C ILE D 154 2.46 37.44 2.78
N ASP D 155 1.80 38.49 2.29
CA ASP D 155 1.53 39.67 3.07
C ASP D 155 2.85 40.24 3.61
N GLY D 156 3.85 40.29 2.74
CA GLY D 156 5.12 40.90 3.06
C GLY D 156 6.21 40.01 3.64
N SER D 157 5.82 38.98 4.40
CA SER D 157 6.81 38.13 5.05
C SER D 157 7.11 36.90 4.22
N GLU D 158 8.38 36.57 4.07
CA GLU D 158 8.76 35.48 3.17
C GLU D 158 8.37 34.13 3.76
N ARG D 159 7.93 33.24 2.86
CA ARG D 159 7.46 31.91 3.20
C ARG D 159 8.29 30.83 2.50
N GLN D 160 8.61 29.75 3.21
CA GLN D 160 9.41 28.68 2.61
C GLN D 160 8.72 27.32 2.68
N ASN D 161 7.82 27.12 3.64
CA ASN D 161 7.19 25.81 3.77
C ASN D 161 6.11 25.66 2.71
N GLY D 162 6.05 24.46 2.13
CA GLY D 162 5.10 24.16 1.07
C GLY D 162 5.65 24.47 -0.30
N VAL D 163 6.86 25.06 -0.36
CA VAL D 163 7.47 25.36 -1.64
C VAL D 163 8.24 24.15 -2.15
N LEU D 164 8.15 23.89 -3.46
CA LEU D 164 9.07 22.98 -4.10
C LEU D 164 9.36 23.49 -5.50
N ASN D 165 10.62 23.37 -5.91
CA ASN D 165 11.08 23.93 -7.16
C ASN D 165 11.54 22.81 -8.09
N SER D 166 11.65 23.14 -9.37
CA SER D 166 12.08 22.19 -10.37
C SER D 166 12.69 22.94 -11.54
N TRP D 167 13.88 22.54 -11.93
CA TRP D 167 14.59 23.20 -13.03
C TRP D 167 14.51 22.38 -14.31
N THR D 168 14.28 23.03 -15.44
CA THR D 168 14.44 22.39 -16.74
C THR D 168 15.90 22.22 -17.09
N ASP D 169 16.20 21.21 -17.91
CA ASP D 169 17.52 21.09 -18.50
C ASP D 169 17.62 22.14 -19.58
N GLN D 170 18.84 22.56 -19.88
CA GLN D 170 19.10 23.61 -20.86
C GLN D 170 18.30 23.38 -22.15
N ASP D 171 17.58 24.41 -22.56
CA ASP D 171 16.78 24.37 -23.78
C ASP D 171 17.67 24.11 -24.99
N SER D 172 17.32 23.09 -25.77
CA SER D 172 18.12 22.68 -26.91
C SER D 172 18.12 23.69 -28.06
N LYS D 173 17.30 24.73 -27.95
CA LYS D 173 17.20 25.71 -29.03
C LYS D 173 17.76 27.09 -28.65
N ASP D 174 17.50 27.56 -27.44
CA ASP D 174 18.00 28.89 -27.04
C ASP D 174 18.95 28.82 -25.84
N SER D 175 19.26 27.60 -25.37
CA SER D 175 20.29 27.41 -24.36
C SER D 175 19.97 28.12 -23.05
N THR D 176 18.69 28.47 -22.85
CA THR D 176 18.28 29.10 -21.60
C THR D 176 17.82 28.05 -20.61
N TYR D 177 17.63 28.48 -19.36
CA TYR D 177 17.02 27.64 -18.35
C TYR D 177 15.72 28.25 -17.88
N SER D 178 14.85 27.39 -17.34
CA SER D 178 13.61 27.82 -16.72
C SER D 178 13.45 27.10 -15.40
N MET D 179 12.56 27.61 -14.55
CA MET D 179 12.23 26.86 -13.33
C MET D 179 10.81 27.19 -12.86
N SER D 180 10.32 26.33 -11.98
CA SER D 180 8.93 26.34 -11.58
C SER D 180 8.83 26.24 -10.07
N SER D 181 8.34 27.30 -9.43
CA SER D 181 8.03 27.27 -8.01
C SER D 181 6.56 27.00 -7.77
N THR D 182 6.27 26.04 -6.91
CA THR D 182 4.90 25.75 -6.53
C THR D 182 4.78 25.81 -5.02
N LEU D 183 4.06 26.81 -4.54
CA LEU D 183 3.77 26.93 -3.12
C LEU D 183 2.42 26.30 -2.84
N THR D 184 2.40 25.27 -2.00
CA THR D 184 1.16 24.55 -1.70
C THR D 184 0.72 24.82 -0.27
N LEU D 185 -0.46 25.40 -0.13
CA LEU D 185 -1.09 25.61 1.17
C LEU D 185 -2.43 24.89 1.20
N THR D 186 -3.04 24.85 2.38
CA THR D 186 -4.44 24.42 2.49
C THR D 186 -5.32 25.59 2.05
N LYS D 187 -6.52 25.28 1.59
CA LYS D 187 -7.49 26.29 1.19
C LYS D 187 -7.75 27.26 2.33
N ASP D 188 -7.97 26.70 3.52
CA ASP D 188 -8.27 27.49 4.71
C ASP D 188 -7.15 28.52 4.92
N GLU D 189 -5.90 28.04 4.93
CA GLU D 189 -4.74 28.91 5.14
C GLU D 189 -4.58 29.93 4.01
N TYR D 190 -4.83 29.51 2.79
CA TYR D 190 -4.73 30.39 1.62
C TYR D 190 -5.70 31.57 1.78
N GLU D 191 -6.86 31.28 2.35
CA GLU D 191 -7.91 32.28 2.50
C GLU D 191 -7.66 33.27 3.63
N ARG D 192 -6.74 32.95 4.53
CA ARG D 192 -6.48 33.84 5.66
C ARG D 192 -5.66 35.04 5.23
N HIS D 193 -5.06 34.97 4.04
CA HIS D 193 -4.14 35.99 3.58
C HIS D 193 -4.60 36.65 2.28
N ASN D 194 -4.00 37.79 1.95
CA ASN D 194 -4.46 38.58 0.82
C ASN D 194 -3.46 38.64 -0.33
N SER D 195 -2.26 39.16 -0.06
CA SER D 195 -1.29 39.38 -1.13
C SER D 195 -0.28 38.23 -1.24
N TYR D 196 -0.10 37.75 -2.46
CA TYR D 196 0.83 36.67 -2.75
C TYR D 196 1.87 37.12 -3.78
N THR D 197 3.14 36.91 -3.46
CA THR D 197 4.23 37.40 -4.30
C THR D 197 5.34 36.39 -4.48
N CYS D 198 5.81 36.22 -5.71
CA CYS D 198 7.05 35.48 -5.96
C CYS D 198 8.10 36.44 -6.50
N GLU D 199 9.30 36.39 -5.91
CA GLU D 199 10.40 37.26 -6.30
C GLU D 199 11.54 36.45 -6.91
N ALA D 200 11.98 36.87 -8.09
CA ALA D 200 13.09 36.20 -8.78
C ALA D 200 14.34 37.06 -8.74
N THR D 201 15.36 36.59 -8.02
CA THR D 201 16.64 37.29 -7.96
C THR D 201 17.65 36.57 -8.83
N HIS D 202 18.28 37.32 -9.72
CA HIS D 202 19.14 36.74 -10.74
C HIS D 202 20.29 37.69 -11.07
N LYS D 203 21.45 37.13 -11.42
CA LYS D 203 22.61 37.95 -11.76
C LYS D 203 22.27 39.08 -12.73
N THR D 204 21.29 38.83 -13.58
CA THR D 204 20.97 39.75 -14.68
C THR D 204 20.62 41.15 -14.19
N SER D 205 20.05 41.24 -12.99
CA SER D 205 19.66 42.53 -12.43
C SER D 205 19.87 42.58 -10.91
N THR D 206 20.15 43.78 -10.39
CA THR D 206 20.28 43.98 -8.95
C THR D 206 18.90 43.98 -8.30
N SER D 207 17.91 44.49 -9.04
CA SER D 207 16.55 44.58 -8.56
C SER D 207 15.79 43.29 -8.88
N PRO D 208 15.18 42.65 -7.86
CA PRO D 208 14.39 41.45 -8.13
C PRO D 208 13.20 41.67 -9.04
N ILE D 209 12.90 40.67 -9.87
CA ILE D 209 11.68 40.69 -10.67
C ILE D 209 10.58 40.08 -9.81
N VAL D 210 9.49 40.83 -9.64
CA VAL D 210 8.44 40.42 -8.72
C VAL D 210 7.09 40.46 -9.40
N LYS D 211 6.28 39.44 -9.11
CA LYS D 211 4.92 39.35 -9.61
C LYS D 211 3.99 39.12 -8.44
N SER D 212 2.82 39.74 -8.47
CA SER D 212 1.89 39.65 -7.36
C SER D 212 0.44 39.59 -7.79
N PHE D 213 -0.40 39.09 -6.89
CA PHE D 213 -1.83 39.22 -7.02
C PHE D 213 -2.40 39.28 -5.61
N ASN D 214 -3.63 39.79 -5.50
CA ASN D 214 -4.36 39.75 -4.24
C ASN D 214 -5.49 38.75 -4.36
N ARG D 215 -5.64 37.91 -3.35
CA ARG D 215 -6.66 36.88 -3.37
C ARG D 215 -8.04 37.51 -3.60
N ASN D 216 -8.83 36.87 -4.47
CA ASN D 216 -10.21 37.27 -4.68
C ASN D 216 -10.32 38.73 -5.10
N GLU D 217 -9.25 39.25 -5.70
CA GLU D 217 -9.26 40.62 -6.21
C GLU D 217 -8.77 40.61 -7.66
N CYS D 218 -9.18 41.60 -8.45
CA CYS D 218 -8.87 41.63 -9.87
C CYS D 218 -8.91 43.04 -10.44
N GLU E 1 -40.49 6.72 4.29
CA GLU E 1 -39.91 6.05 3.09
C GLU E 1 -40.93 5.97 1.96
N VAL E 2 -40.84 6.92 1.03
CA VAL E 2 -41.81 7.01 -0.06
C VAL E 2 -41.49 6.02 -1.19
N LYS E 3 -42.42 5.11 -1.45
CA LYS E 3 -42.26 4.11 -2.50
C LYS E 3 -43.44 4.13 -3.46
N LEU E 4 -43.17 3.97 -4.75
CA LEU E 4 -44.20 3.77 -5.75
C LEU E 4 -43.86 2.49 -6.53
N GLN E 5 -44.82 1.58 -6.67
CA GLN E 5 -44.57 0.30 -7.33
C GLN E 5 -45.61 -0.03 -8.39
N GLU E 6 -45.20 0.03 -9.65
CA GLU E 6 -46.08 -0.29 -10.77
C GLU E 6 -46.19 -1.79 -10.99
N SER E 7 -47.38 -2.24 -11.39
CA SER E 7 -47.53 -3.60 -11.90
C SER E 7 -48.44 -3.60 -13.12
N GLY E 8 -48.06 -4.37 -14.13
CA GLY E 8 -48.82 -4.48 -15.36
C GLY E 8 -48.69 -5.86 -15.96
N PRO E 9 -49.34 -6.09 -17.10
CA PRO E 9 -49.38 -7.42 -17.73
C PRO E 9 -48.12 -7.77 -18.53
N GLY E 10 -47.16 -6.86 -18.58
CA GLY E 10 -45.93 -7.10 -19.31
C GLY E 10 -46.11 -6.97 -20.82
N LYS E 11 -47.00 -7.79 -21.39
CA LYS E 11 -47.37 -7.63 -22.78
C LYS E 11 -48.87 -7.82 -22.94
N LEU E 12 -49.39 -7.37 -24.08
CA LEU E 12 -50.83 -7.30 -24.28
C LEU E 12 -51.13 -7.30 -25.77
N GLN E 13 -52.17 -8.03 -26.18
CA GLN E 13 -52.57 -8.02 -27.59
C GLN E 13 -53.18 -6.67 -27.96
N PRO E 14 -52.98 -6.24 -29.22
CA PRO E 14 -53.63 -5.00 -29.68
C PRO E 14 -55.14 -5.04 -29.51
N SER E 15 -55.74 -3.89 -29.24
CA SER E 15 -57.20 -3.74 -29.13
C SER E 15 -57.72 -4.07 -27.73
N GLN E 16 -56.88 -4.67 -26.90
CA GLN E 16 -57.32 -5.04 -25.55
C GLN E 16 -57.22 -3.87 -24.58
N THR E 17 -57.74 -4.08 -23.38
CA THR E 17 -57.77 -3.04 -22.37
C THR E 17 -56.66 -3.24 -21.34
N LEU E 18 -55.77 -2.26 -21.26
CA LEU E 18 -54.66 -2.31 -20.32
C LEU E 18 -55.09 -1.87 -18.93
N SER E 19 -54.72 -2.67 -17.93
CA SER E 19 -54.96 -2.30 -16.54
C SER E 19 -53.65 -2.18 -15.78
N LEU E 20 -53.32 -0.95 -15.37
CA LEU E 20 -52.10 -0.71 -14.60
C LEU E 20 -52.45 -0.42 -13.16
N THR E 21 -51.61 -0.92 -12.25
CA THR E 21 -51.81 -0.71 -10.83
C THR E 21 -50.56 -0.11 -10.21
N CYS E 22 -50.75 0.85 -9.30
CA CYS E 22 -49.64 1.43 -8.56
C CYS E 22 -49.92 1.34 -7.08
N SER E 23 -49.04 0.65 -6.36
CA SER E 23 -49.12 0.56 -4.91
C SER E 23 -48.04 1.46 -4.34
N PHE E 24 -48.38 2.20 -3.29
CA PHE E 24 -47.41 3.14 -2.71
C PHE E 24 -47.42 3.10 -1.19
N SER E 25 -46.34 3.61 -0.61
CA SER E 25 -46.21 3.69 0.84
C SER E 25 -45.36 4.91 1.19
N GLY E 26 -45.44 5.34 2.45
CA GLY E 26 -44.70 6.50 2.89
C GLY E 26 -45.50 7.79 2.84
N PHE E 27 -46.73 7.71 2.35
CA PHE E 27 -47.63 8.87 2.34
C PHE E 27 -49.07 8.41 2.10
N SER E 28 -50.03 9.26 2.44
CA SER E 28 -51.44 8.95 2.23
C SER E 28 -52.02 9.78 1.09
N LEU E 29 -52.92 9.17 0.33
CA LEU E 29 -53.61 9.87 -0.74
C LEU E 29 -54.83 10.61 -0.19
N THR E 30 -54.94 10.67 1.13
CA THR E 30 -55.94 11.51 1.78
C THR E 30 -55.35 12.89 2.06
N THR E 31 -54.01 12.93 2.12
CA THR E 31 -53.30 14.16 2.44
C THR E 31 -53.55 15.25 1.40
N SER E 32 -53.81 16.46 1.89
CA SER E 32 -54.10 17.58 1.01
C SER E 32 -52.89 17.93 0.16
N GLY E 33 -53.13 18.15 -1.14
CA GLY E 33 -52.07 18.56 -2.04
C GLY E 33 -51.40 17.41 -2.78
N ILE E 34 -51.77 16.18 -2.42
CA ILE E 34 -51.12 15.01 -2.98
C ILE E 34 -51.99 14.34 -4.04
N GLY E 35 -51.34 13.94 -5.12
CA GLY E 35 -51.97 13.16 -6.16
C GLY E 35 -51.03 12.07 -6.65
N VAL E 36 -51.58 11.01 -7.22
CA VAL E 36 -50.78 9.94 -7.78
C VAL E 36 -51.28 9.68 -9.19
N GLY E 37 -50.35 9.45 -10.11
CA GLY E 37 -50.71 9.28 -11.50
C GLY E 37 -49.65 8.58 -12.33
N TRP E 38 -49.71 8.76 -13.64
CA TRP E 38 -48.95 7.96 -14.58
C TRP E 38 -48.28 8.80 -15.67
N ILE E 39 -47.02 8.47 -15.93
CA ILE E 39 -46.25 9.06 -17.02
C ILE E 39 -45.56 7.92 -17.75
N ARG E 40 -45.61 7.94 -19.07
CA ARG E 40 -45.05 6.85 -19.86
C ARG E 40 -43.91 7.30 -20.76
N GLN E 41 -42.96 6.40 -20.97
CA GLN E 41 -41.84 6.67 -21.85
C GLN E 41 -41.76 5.62 -22.95
N PRO E 42 -42.15 5.99 -24.18
CA PRO E 42 -41.94 5.03 -25.24
C PRO E 42 -40.41 4.83 -25.39
N SER E 43 -39.99 3.62 -25.75
CA SER E 43 -38.58 3.20 -25.82
C SER E 43 -37.70 4.18 -26.63
N GLY E 44 -36.65 4.70 -26.01
CA GLY E 44 -35.81 5.63 -26.75
C GLY E 44 -36.53 6.90 -27.17
N LYS E 45 -37.38 7.42 -26.29
CA LYS E 45 -38.14 8.65 -26.56
C LYS E 45 -38.24 9.45 -25.26
N GLY E 46 -39.01 10.53 -25.29
CA GLY E 46 -39.17 11.37 -24.11
C GLY E 46 -40.36 10.95 -23.27
N LEU E 47 -40.94 11.91 -22.57
CA LEU E 47 -41.96 11.62 -21.57
C LEU E 47 -43.30 12.17 -21.97
N GLU E 48 -44.35 11.40 -21.67
CA GLU E 48 -45.72 11.81 -21.95
C GLU E 48 -46.58 11.62 -20.71
N TRP E 49 -47.09 12.72 -20.16
CA TRP E 49 -47.97 12.65 -19.01
C TRP E 49 -49.30 12.06 -19.44
N LEU E 50 -49.86 11.19 -18.60
CA LEU E 50 -51.11 10.52 -18.94
C LEU E 50 -52.29 11.03 -18.11
N ALA E 51 -52.25 10.78 -16.82
CA ALA E 51 -53.33 11.19 -15.94
C ALA E 51 -52.90 11.18 -14.49
N HIS E 52 -53.62 11.90 -13.65
CA HIS E 52 -53.39 11.92 -12.22
C HIS E 52 -54.71 11.98 -11.46
N ILE E 53 -54.74 11.39 -10.27
CA ILE E 53 -55.91 11.47 -9.41
C ILE E 53 -55.46 12.03 -8.07
N TRP E 54 -56.24 12.94 -7.52
CA TRP E 54 -55.86 13.66 -6.32
C TRP E 54 -56.64 13.19 -5.10
N TRP E 55 -56.15 13.59 -3.92
CA TRP E 55 -56.85 13.34 -2.67
C TRP E 55 -58.31 13.80 -2.77
N SER E 56 -58.54 14.81 -3.59
CA SER E 56 -59.86 15.35 -3.87
C SER E 56 -60.82 14.37 -4.53
N ALA E 57 -60.28 13.27 -5.05
CA ALA E 57 -60.97 12.38 -6.00
C ALA E 57 -61.07 13.06 -7.37
N SER E 58 -60.48 14.24 -7.47
CA SER E 58 -60.33 14.94 -8.74
C SER E 58 -59.33 14.21 -9.61
N LYS E 59 -59.60 14.12 -10.91
CA LYS E 59 -58.69 13.40 -11.79
C LYS E 59 -58.35 14.19 -13.06
N TYR E 60 -57.05 14.38 -13.27
CA TYR E 60 -56.54 15.09 -14.43
C TYR E 60 -56.20 14.09 -15.53
N TYR E 61 -56.59 14.43 -16.76
CA TYR E 61 -56.36 13.56 -17.92
C TYR E 61 -55.60 14.32 -19.00
N ASN E 62 -54.73 13.60 -19.71
CA ASN E 62 -54.09 14.16 -20.88
C ASN E 62 -55.10 14.27 -22.02
N THR E 63 -55.30 15.47 -22.54
CA THR E 63 -56.23 15.67 -23.65
C THR E 63 -55.76 14.82 -24.82
N ALA E 64 -56.69 14.49 -25.73
CA ALA E 64 -56.44 13.61 -26.88
C ALA E 64 -56.41 12.14 -26.48
N LEU E 65 -55.74 11.83 -25.37
CA LEU E 65 -55.76 10.47 -24.84
C LEU E 65 -56.97 10.32 -23.93
N LYS E 66 -57.48 11.47 -23.49
CA LYS E 66 -58.62 11.56 -22.59
C LYS E 66 -59.67 10.48 -22.85
N SER E 67 -60.09 10.37 -24.10
CA SER E 67 -61.14 9.43 -24.49
C SER E 67 -60.83 7.99 -24.10
N ARG E 68 -59.55 7.61 -24.09
CA ARG E 68 -59.16 6.23 -23.81
C ARG E 68 -58.70 5.98 -22.36
N LEU E 69 -58.65 7.03 -21.54
CA LEU E 69 -58.09 6.91 -20.20
C LEU E 69 -59.15 6.92 -19.09
N THR E 70 -58.99 6.04 -18.11
CA THR E 70 -59.79 6.08 -16.89
C THR E 70 -58.92 5.79 -15.68
N ILE E 71 -58.85 6.74 -14.75
CA ILE E 71 -58.04 6.58 -13.55
C ILE E 71 -58.93 6.48 -12.33
N SER E 72 -58.54 5.64 -11.38
CA SER E 72 -59.30 5.45 -10.15
C SER E 72 -58.33 5.22 -8.99
N LYS E 73 -58.88 5.05 -7.79
CA LYS E 73 -58.05 4.88 -6.61
C LYS E 73 -58.74 4.09 -5.51
N ASP E 74 -57.93 3.35 -4.76
CA ASP E 74 -58.37 2.69 -3.55
C ASP E 74 -57.52 3.23 -2.40
N THR E 75 -57.99 4.35 -1.84
CA THR E 75 -57.23 5.11 -0.86
C THR E 75 -56.88 4.25 0.36
N SER E 76 -57.84 3.45 0.82
CA SER E 76 -57.67 2.68 2.04
C SER E 76 -56.59 1.60 1.88
N ASN E 77 -56.32 1.22 0.63
CA ASN E 77 -55.32 0.19 0.39
C ASN E 77 -54.14 0.77 -0.40
N ASN E 78 -54.02 2.09 -0.41
CA ASN E 78 -52.88 2.80 -1.00
C ASN E 78 -52.57 2.36 -2.43
N GLN E 79 -53.58 2.39 -3.30
CA GLN E 79 -53.40 2.01 -4.70
C GLN E 79 -54.14 2.96 -5.65
N VAL E 80 -53.57 3.19 -6.82
CA VAL E 80 -54.31 3.84 -7.91
C VAL E 80 -54.17 2.97 -9.16
N PHE E 81 -55.17 3.03 -10.02
CA PHE E 81 -55.22 2.20 -11.21
C PHE E 81 -55.44 3.06 -12.44
N LEU E 82 -54.86 2.64 -13.56
CA LEU E 82 -55.11 3.29 -14.84
C LEU E 82 -55.58 2.28 -15.85
N LYS E 83 -56.63 2.64 -16.59
CA LYS E 83 -57.11 1.79 -17.68
C LYS E 83 -56.99 2.52 -19.00
N ILE E 84 -56.43 1.83 -19.99
CA ILE E 84 -56.31 2.36 -21.34
C ILE E 84 -57.05 1.44 -22.29
N ALA E 85 -58.07 1.98 -22.95
CA ALA E 85 -58.95 1.19 -23.82
C ALA E 85 -58.35 1.03 -25.22
N SER E 86 -58.72 -0.07 -25.88
CA SER E 86 -58.34 -0.31 -27.27
C SER E 86 -56.87 -0.01 -27.52
N VAL E 87 -56.00 -0.71 -26.78
CA VAL E 87 -54.58 -0.48 -26.83
C VAL E 87 -54.00 -0.81 -28.21
N ASP E 88 -53.02 -0.02 -28.65
CA ASP E 88 -52.34 -0.26 -29.91
C ASP E 88 -50.82 -0.26 -29.72
N THR E 89 -50.08 -0.58 -30.76
CA THR E 89 -48.63 -0.75 -30.63
C THR E 89 -47.91 0.54 -30.26
N ALA E 90 -48.57 1.67 -30.47
CA ALA E 90 -48.01 2.96 -30.08
C ALA E 90 -48.10 3.18 -28.57
N ASP E 91 -48.76 2.26 -27.88
CA ASP E 91 -48.86 2.32 -26.43
C ASP E 91 -47.74 1.51 -25.79
N THR E 92 -46.93 0.88 -26.64
CA THR E 92 -45.73 0.21 -26.18
C THR E 92 -44.82 1.22 -25.53
N ALA E 93 -44.59 1.05 -24.23
CA ALA E 93 -43.81 2.02 -23.47
C ALA E 93 -43.52 1.51 -22.07
N THR E 94 -42.63 2.21 -21.39
CA THR E 94 -42.46 2.04 -19.95
C THR E 94 -43.43 2.98 -19.25
N TYR E 95 -44.24 2.43 -18.34
CA TYR E 95 -45.22 3.25 -17.63
C TYR E 95 -44.76 3.52 -16.21
N TYR E 96 -44.54 4.79 -15.90
CA TYR E 96 -44.09 5.20 -14.57
C TYR E 96 -45.23 5.70 -13.69
N CYS E 97 -45.26 5.23 -12.45
CA CYS E 97 -46.11 5.80 -11.43
C CYS E 97 -45.34 6.91 -10.72
N ALA E 98 -45.93 8.08 -10.65
CA ALA E 98 -45.26 9.23 -10.03
C ALA E 98 -46.18 9.99 -9.09
N ARG E 99 -45.63 10.43 -7.96
CA ARG E 99 -46.35 11.30 -7.05
C ARG E 99 -46.30 12.73 -7.55
N ALA E 100 -47.46 13.39 -7.57
CA ALA E 100 -47.54 14.80 -7.91
C ALA E 100 -47.95 15.61 -6.69
N TYR E 101 -47.36 16.80 -6.54
CA TYR E 101 -47.73 17.69 -5.45
C TYR E 101 -48.31 18.99 -5.98
N TYR E 102 -49.47 19.37 -5.47
CA TYR E 102 -50.10 20.63 -5.87
C TYR E 102 -49.56 21.74 -4.97
N GLY E 103 -48.79 22.62 -5.58
CA GLY E 103 -47.99 23.59 -4.86
C GLY E 103 -48.73 24.63 -4.05
N ASN E 104 -48.02 25.15 -3.06
CA ASN E 104 -48.49 26.28 -2.26
C ASN E 104 -48.66 27.47 -3.20
N TYR E 105 -47.88 27.45 -4.29
CA TYR E 105 -47.87 28.51 -5.29
C TYR E 105 -48.83 28.22 -6.44
N GLY E 106 -49.64 27.18 -6.32
CA GLY E 106 -50.32 26.67 -7.49
C GLY E 106 -49.25 25.86 -8.21
N GLY E 107 -49.57 25.32 -9.37
CA GLY E 107 -48.57 24.55 -10.11
C GLY E 107 -48.34 23.15 -9.56
N TYR E 108 -47.55 22.37 -10.29
CA TYR E 108 -47.39 20.95 -10.03
C TYR E 108 -45.98 20.46 -10.37
N TYR E 109 -45.53 19.42 -9.66
CA TYR E 109 -44.29 18.73 -9.99
C TYR E 109 -44.34 17.28 -9.50
N PHE E 110 -43.54 16.43 -10.11
CA PHE E 110 -43.50 15.01 -9.75
C PHE E 110 -42.25 14.71 -8.92
N ASP E 111 -42.39 14.56 -7.60
CA ASP E 111 -41.21 14.46 -6.73
C ASP E 111 -40.76 13.02 -6.46
N TYR E 112 -41.67 12.05 -6.61
CA TYR E 112 -41.30 10.64 -6.49
C TYR E 112 -41.83 9.81 -7.64
N TRP E 113 -40.96 8.92 -8.13
CA TRP E 113 -41.27 8.03 -9.23
C TRP E 113 -41.08 6.57 -8.85
N GLY E 114 -41.95 5.71 -9.36
CA GLY E 114 -41.72 4.28 -9.28
C GLY E 114 -40.63 3.86 -10.25
N GLN E 115 -40.20 2.62 -10.18
CA GLN E 115 -39.13 2.15 -11.04
C GLN E 115 -39.66 1.88 -12.45
N GLY E 116 -40.98 1.79 -12.56
CA GLY E 116 -41.63 1.64 -13.85
C GLY E 116 -41.98 0.21 -14.18
N THR E 117 -42.95 0.04 -15.07
CA THR E 117 -43.33 -1.27 -15.59
C THR E 117 -43.37 -1.20 -17.11
N THR E 118 -42.72 -2.17 -17.75
CA THR E 118 -42.59 -2.17 -19.19
C THR E 118 -43.80 -2.86 -19.80
N LEU E 119 -44.36 -2.27 -20.83
CA LEU E 119 -45.49 -2.85 -21.54
C LEU E 119 -45.17 -2.94 -23.02
N THR E 120 -45.39 -4.10 -23.59
CA THR E 120 -45.24 -4.27 -25.02
C THR E 120 -46.58 -4.67 -25.61
N VAL E 121 -47.03 -3.90 -26.60
CA VAL E 121 -48.26 -4.23 -27.31
C VAL E 121 -47.88 -4.92 -28.61
N SER E 122 -48.10 -6.22 -28.66
CA SER E 122 -47.65 -7.03 -29.78
C SER E 122 -48.50 -8.28 -29.95
N SER E 123 -48.75 -8.65 -31.20
CA SER E 123 -49.42 -9.90 -31.51
C SER E 123 -48.48 -11.09 -31.28
N ALA E 124 -47.18 -10.84 -31.39
CA ALA E 124 -46.17 -11.89 -31.35
C ALA E 124 -46.27 -12.69 -30.06
N LYS E 125 -45.62 -13.85 -30.02
CA LYS E 125 -45.70 -14.78 -28.89
C LYS E 125 -44.57 -14.59 -27.89
N THR E 126 -44.88 -14.80 -26.61
CA THR E 126 -43.89 -14.79 -25.54
C THR E 126 -42.91 -15.96 -25.68
N THR E 127 -41.64 -15.69 -25.45
CA THR E 127 -40.60 -16.70 -25.53
C THR E 127 -39.53 -16.48 -24.46
N ALA E 128 -39.19 -17.54 -23.74
CA ALA E 128 -38.13 -17.48 -22.73
C ALA E 128 -36.77 -17.39 -23.42
N PRO E 129 -35.76 -16.85 -22.72
CA PRO E 129 -34.42 -16.70 -23.30
C PRO E 129 -33.57 -17.95 -23.24
N SER E 130 -32.70 -18.14 -24.23
CA SER E 130 -31.60 -19.09 -24.10
C SER E 130 -30.41 -18.30 -23.55
N VAL E 131 -29.81 -18.83 -22.49
CA VAL E 131 -28.68 -18.15 -21.85
C VAL E 131 -27.43 -18.96 -22.13
N TYR E 132 -26.42 -18.30 -22.68
CA TYR E 132 -25.20 -18.99 -23.10
C TYR E 132 -23.98 -18.41 -22.40
N PRO E 133 -23.16 -19.28 -21.76
CA PRO E 133 -21.93 -18.79 -21.14
C PRO E 133 -20.82 -18.56 -22.17
N LEU E 134 -20.09 -17.45 -22.03
CA LEU E 134 -19.02 -17.13 -22.98
C LEU E 134 -17.68 -17.06 -22.27
N ALA E 135 -16.94 -18.17 -22.29
CA ALA E 135 -15.61 -18.22 -21.72
C ALA E 135 -14.60 -17.88 -22.80
N PRO E 136 -13.37 -17.49 -22.41
CA PRO E 136 -12.39 -17.07 -23.41
C PRO E 136 -11.99 -18.20 -24.36
N VAL E 137 -11.28 -17.87 -25.43
CA VAL E 137 -10.82 -18.85 -26.38
C VAL E 137 -9.86 -19.83 -25.70
N CYS E 138 -10.01 -21.11 -26.00
CA CYS E 138 -9.15 -22.15 -25.43
C CYS E 138 -7.71 -21.96 -25.87
N GLY E 139 -6.79 -22.00 -24.91
CA GLY E 139 -5.37 -21.91 -25.19
C GLY E 139 -4.89 -20.49 -25.41
N ASP E 140 -5.81 -19.54 -25.27
CA ASP E 140 -5.47 -18.13 -25.38
C ASP E 140 -4.54 -17.76 -24.24
N THR E 141 -3.48 -17.01 -24.55
CA THR E 141 -2.55 -16.56 -23.52
C THR E 141 -3.21 -15.55 -22.59
N THR E 142 -3.54 -15.97 -21.38
CA THR E 142 -4.28 -15.11 -20.47
C THR E 142 -3.41 -13.91 -20.16
N GLY E 143 -4.02 -12.73 -20.12
CA GLY E 143 -3.28 -11.52 -19.85
C GLY E 143 -3.36 -11.18 -18.37
N SER E 144 -3.11 -9.94 -18.03
CA SER E 144 -3.18 -9.53 -16.62
C SER E 144 -4.62 -9.63 -16.14
N SER E 145 -5.56 -9.55 -17.09
CA SER E 145 -6.98 -9.68 -16.80
C SER E 145 -7.68 -10.52 -17.86
N VAL E 146 -8.87 -11.03 -17.52
CA VAL E 146 -9.67 -11.82 -18.45
C VAL E 146 -11.08 -11.24 -18.53
N THR E 147 -11.66 -11.29 -19.72
CA THR E 147 -13.03 -10.83 -19.91
C THR E 147 -13.94 -12.03 -20.16
N LEU E 148 -15.01 -12.13 -19.37
CA LEU E 148 -16.00 -13.18 -19.56
C LEU E 148 -17.27 -12.58 -20.15
N GLY E 149 -18.15 -13.43 -20.64
CA GLY E 149 -19.36 -12.96 -21.30
C GLY E 149 -20.58 -13.83 -21.05
N CYS E 150 -21.74 -13.27 -21.35
CA CYS E 150 -23.00 -13.99 -21.21
C CYS E 150 -23.94 -13.52 -22.31
N LEU E 151 -24.41 -14.47 -23.11
CA LEU E 151 -25.28 -14.17 -24.25
C LEU E 151 -26.70 -14.61 -23.98
N VAL E 152 -27.65 -13.73 -24.27
CA VAL E 152 -29.05 -13.96 -23.99
C VAL E 152 -29.85 -13.73 -25.27
N LYS E 153 -30.24 -14.82 -25.93
CA LYS E 153 -30.97 -14.73 -27.20
C LYS E 153 -32.36 -15.33 -27.11
N GLY E 154 -33.17 -15.02 -28.12
CA GLY E 154 -34.43 -15.70 -28.35
C GLY E 154 -35.55 -15.44 -27.36
N TYR E 155 -35.57 -14.26 -26.75
CA TYR E 155 -36.63 -13.95 -25.79
C TYR E 155 -37.51 -12.79 -26.25
N PHE E 156 -38.72 -12.75 -25.72
CA PHE E 156 -39.68 -11.71 -26.05
C PHE E 156 -40.81 -11.72 -25.03
N PRO E 157 -41.28 -10.53 -24.61
CA PRO E 157 -40.77 -9.20 -24.93
C PRO E 157 -39.73 -8.69 -23.92
N GLU E 158 -39.20 -7.51 -24.17
CA GLU E 158 -38.43 -6.78 -23.17
C GLU E 158 -39.36 -6.74 -21.94
N PRO E 159 -38.80 -6.76 -20.72
CA PRO E 159 -37.42 -6.66 -20.27
C PRO E 159 -36.76 -7.97 -19.85
N VAL E 160 -35.44 -7.89 -19.68
CA VAL E 160 -34.66 -8.94 -19.06
C VAL E 160 -33.75 -8.26 -18.05
N THR E 161 -33.56 -8.89 -16.90
CA THR E 161 -32.62 -8.37 -15.91
C THR E 161 -31.47 -9.36 -15.77
N LEU E 162 -30.26 -8.84 -15.70
CA LEU E 162 -29.06 -9.67 -15.70
C LEU E 162 -28.08 -9.20 -14.65
N THR E 163 -27.55 -10.14 -13.87
CA THR E 163 -26.53 -9.82 -12.88
C THR E 163 -25.38 -10.80 -12.94
N TRP E 164 -24.27 -10.43 -12.32
CA TRP E 164 -23.12 -11.31 -12.20
C TRP E 164 -22.92 -11.64 -10.72
N ASN E 165 -22.99 -12.93 -10.40
CA ASN E 165 -22.92 -13.40 -9.02
C ASN E 165 -23.99 -12.73 -8.18
N SER E 166 -25.13 -12.44 -8.80
CA SER E 166 -26.28 -11.89 -8.09
C SER E 166 -25.97 -10.54 -7.44
N GLY E 167 -25.35 -9.63 -8.19
CA GLY E 167 -25.05 -8.30 -7.68
C GLY E 167 -23.73 -8.18 -6.97
N SER E 168 -23.27 -9.25 -6.35
CA SER E 168 -22.03 -9.22 -5.57
C SER E 168 -20.85 -8.83 -6.46
N LEU E 169 -20.94 -9.15 -7.74
CA LEU E 169 -19.92 -8.73 -8.70
C LEU E 169 -20.45 -7.58 -9.55
N SER E 170 -20.08 -6.36 -9.17
CA SER E 170 -20.68 -5.16 -9.73
C SER E 170 -19.70 -4.36 -10.58
N SER E 171 -18.43 -4.39 -10.20
CA SER E 171 -17.42 -3.60 -10.88
C SER E 171 -17.00 -4.25 -12.20
N GLY E 172 -16.68 -3.41 -13.18
CA GLY E 172 -16.17 -3.88 -14.46
C GLY E 172 -17.18 -4.61 -15.32
N VAL E 173 -18.45 -4.29 -15.15
CA VAL E 173 -19.52 -4.93 -15.91
C VAL E 173 -20.02 -3.99 -17.00
N HIS E 174 -20.24 -4.56 -18.18
CA HIS E 174 -20.89 -3.84 -19.26
C HIS E 174 -22.08 -4.65 -19.76
N THR E 175 -23.29 -4.25 -19.37
CA THR E 175 -24.49 -4.92 -19.86
C THR E 175 -25.07 -4.10 -21.02
N PHE E 176 -25.20 -4.75 -22.17
CA PHE E 176 -25.51 -4.06 -23.41
C PHE E 176 -27.02 -4.06 -23.66
N PRO E 177 -27.57 -2.92 -24.13
CA PRO E 177 -29.02 -2.85 -24.39
C PRO E 177 -29.49 -3.89 -25.41
N ALA E 178 -30.66 -4.47 -25.17
CA ALA E 178 -31.20 -5.50 -26.05
C ALA E 178 -31.49 -4.96 -27.43
N VAL E 179 -31.47 -5.85 -28.42
CA VAL E 179 -31.77 -5.49 -29.81
C VAL E 179 -32.77 -6.49 -30.36
N LEU E 180 -33.77 -5.99 -31.08
CA LEU E 180 -34.81 -6.83 -31.65
C LEU E 180 -34.43 -7.26 -33.06
N GLN E 181 -34.53 -8.56 -33.31
CA GLN E 181 -34.30 -9.11 -34.64
C GLN E 181 -35.31 -10.23 -34.91
N SER E 182 -36.28 -9.95 -35.77
CA SER E 182 -37.32 -10.92 -36.11
C SER E 182 -38.11 -11.33 -34.88
N ASP E 183 -38.66 -10.34 -34.19
CA ASP E 183 -39.56 -10.59 -33.04
C ASP E 183 -38.87 -11.35 -31.92
N LEU E 184 -37.54 -11.28 -31.88
CA LEU E 184 -36.78 -11.87 -30.78
C LEU E 184 -35.69 -10.89 -30.33
N TYR E 185 -35.45 -10.83 -29.03
CA TYR E 185 -34.43 -9.94 -28.49
C TYR E 185 -33.11 -10.65 -28.26
N THR E 186 -32.02 -9.90 -28.42
CA THR E 186 -30.69 -10.39 -28.09
C THR E 186 -30.01 -9.39 -27.16
N LEU E 187 -29.52 -9.90 -26.04
CA LEU E 187 -28.83 -9.08 -25.08
C LEU E 187 -27.54 -9.78 -24.67
N SER E 188 -26.54 -9.01 -24.28
CA SER E 188 -25.28 -9.58 -23.82
C SER E 188 -24.70 -8.77 -22.68
N SER E 189 -23.80 -9.39 -21.94
CA SER E 189 -23.10 -8.72 -20.85
C SER E 189 -21.64 -9.14 -20.81
N SER E 190 -20.78 -8.19 -20.53
CA SER E 190 -19.36 -8.42 -20.40
C SER E 190 -18.93 -8.16 -18.96
N VAL E 191 -17.96 -8.93 -18.48
CA VAL E 191 -17.39 -8.68 -17.17
C VAL E 191 -15.88 -8.94 -17.22
N THR E 192 -15.11 -8.04 -16.63
CA THR E 192 -13.67 -8.18 -16.61
C THR E 192 -13.17 -8.27 -15.18
N VAL E 193 -12.37 -9.30 -14.92
CA VAL E 193 -11.72 -9.48 -13.64
C VAL E 193 -10.25 -9.71 -13.91
N THR E 194 -9.45 -9.77 -12.85
CA THR E 194 -8.03 -10.07 -12.99
C THR E 194 -7.85 -11.56 -13.23
N SER E 195 -6.88 -11.92 -14.05
CA SER E 195 -6.65 -13.32 -14.43
C SER E 195 -6.52 -14.23 -13.21
N SER E 196 -6.01 -13.69 -12.10
CA SER E 196 -5.86 -14.46 -10.86
C SER E 196 -7.21 -14.77 -10.21
N THR E 197 -8.25 -14.05 -10.65
CA THR E 197 -9.58 -14.23 -10.10
C THR E 197 -10.32 -15.40 -10.72
N TRP E 198 -10.15 -15.57 -12.03
CA TRP E 198 -10.88 -16.58 -12.77
C TRP E 198 -9.89 -17.40 -13.61
N PRO E 199 -10.10 -18.72 -13.69
CA PRO E 199 -11.22 -19.53 -13.17
C PRO E 199 -11.11 -19.87 -11.69
N SER E 200 -10.14 -19.29 -11.00
CA SER E 200 -9.92 -19.56 -9.58
C SER E 200 -11.20 -19.37 -8.79
N GLN E 201 -11.83 -18.21 -8.95
CA GLN E 201 -13.07 -17.91 -8.24
C GLN E 201 -14.26 -18.07 -9.18
N SER E 202 -15.37 -18.55 -8.63
CA SER E 202 -16.57 -18.83 -9.42
C SER E 202 -17.32 -17.56 -9.84
N ILE E 203 -17.53 -17.43 -11.15
CA ILE E 203 -18.32 -16.34 -11.72
C ILE E 203 -19.58 -16.91 -12.35
N THR E 204 -20.72 -16.27 -12.10
CA THR E 204 -21.99 -16.80 -12.57
C THR E 204 -22.90 -15.72 -13.15
N CYS E 205 -23.34 -15.94 -14.38
CA CYS E 205 -24.38 -15.13 -15.01
C CYS E 205 -25.74 -15.45 -14.42
N ASN E 206 -26.46 -14.43 -13.94
CA ASN E 206 -27.83 -14.62 -13.47
C ASN E 206 -28.78 -13.84 -14.36
N VAL E 207 -29.71 -14.54 -14.99
CA VAL E 207 -30.63 -13.93 -15.94
C VAL E 207 -32.06 -14.25 -15.55
N ALA E 208 -32.92 -13.24 -15.56
CA ALA E 208 -34.33 -13.44 -15.24
C ALA E 208 -35.22 -12.75 -16.26
N HIS E 209 -36.30 -13.44 -16.65
CA HIS E 209 -37.24 -12.93 -17.63
C HIS E 209 -38.68 -13.02 -17.08
N PRO E 210 -39.29 -11.87 -16.76
CA PRO E 210 -40.62 -11.86 -16.15
C PRO E 210 -41.71 -12.50 -17.01
N ALA E 211 -41.83 -12.05 -18.25
CA ALA E 211 -42.91 -12.50 -19.13
C ALA E 211 -42.98 -14.04 -19.21
N SER E 212 -41.85 -14.70 -19.03
CA SER E 212 -41.79 -16.16 -19.03
C SER E 212 -41.57 -16.71 -17.62
N SER E 213 -41.31 -15.82 -16.68
CA SER E 213 -41.07 -16.19 -15.28
C SER E 213 -39.99 -17.25 -15.17
N THR E 214 -38.75 -16.88 -15.51
CA THR E 214 -37.60 -17.77 -15.41
C THR E 214 -36.40 -17.11 -14.75
N LYS E 215 -35.72 -17.82 -13.87
CA LYS E 215 -34.43 -17.41 -13.34
C LYS E 215 -33.40 -18.46 -13.68
N VAL E 216 -32.36 -18.06 -14.39
CA VAL E 216 -31.35 -18.99 -14.89
C VAL E 216 -29.98 -18.48 -14.49
N ASP E 217 -29.18 -19.40 -13.94
CA ASP E 217 -27.81 -19.13 -13.60
C ASP E 217 -26.90 -19.90 -14.55
N LYS E 218 -25.82 -19.25 -14.99
CA LYS E 218 -24.82 -19.91 -15.83
C LYS E 218 -23.43 -19.68 -15.26
N LYS E 219 -22.85 -20.74 -14.70
CA LYS E 219 -21.49 -20.66 -14.23
C LYS E 219 -20.64 -20.49 -15.47
N ILE E 220 -19.61 -19.66 -15.39
CA ILE E 220 -18.72 -19.47 -16.52
C ILE E 220 -17.53 -20.36 -16.27
N GLU E 221 -17.41 -21.42 -17.06
CA GLU E 221 -16.31 -22.36 -16.91
C GLU E 221 -15.50 -22.42 -18.18
N PRO E 222 -14.21 -22.78 -18.07
CA PRO E 222 -13.40 -22.87 -19.29
C PRO E 222 -13.99 -23.86 -20.28
N ARG E 223 -13.75 -23.63 -21.56
CA ARG E 223 -14.27 -24.51 -22.59
C ARG E 223 -13.54 -25.83 -22.55
N GLY E 224 -14.31 -26.91 -22.64
CA GLY E 224 -13.74 -28.23 -22.84
C GLY E 224 -13.68 -28.50 -24.33
N PRO E 225 -13.43 -29.77 -24.70
CA PRO E 225 -13.39 -30.13 -26.12
C PRO E 225 -14.78 -30.35 -26.72
N THR E 226 -15.82 -30.14 -25.92
CA THR E 226 -17.19 -30.38 -26.36
C THR E 226 -17.59 -29.44 -27.49
N ASP F 1 -52.28 23.77 -26.87
CA ASP F 1 -51.49 23.29 -25.70
C ASP F 1 -49.98 23.55 -25.91
N ILE F 2 -49.25 23.58 -24.79
CA ILE F 2 -47.90 24.12 -24.78
C ILE F 2 -46.87 23.14 -25.34
N VAL F 3 -45.99 23.67 -26.18
CA VAL F 3 -44.87 22.90 -26.74
C VAL F 3 -43.59 23.44 -26.14
N MET F 4 -42.64 22.56 -25.86
CA MET F 4 -41.37 22.97 -25.32
C MET F 4 -40.19 22.46 -26.13
N THR F 5 -39.30 23.39 -26.45
CA THR F 5 -38.16 23.10 -27.30
C THR F 5 -36.88 23.21 -26.47
N GLN F 6 -36.23 22.08 -26.25
CA GLN F 6 -34.95 22.06 -25.55
C GLN F 6 -33.82 22.16 -26.57
N SER F 7 -32.69 22.73 -26.16
CA SER F 7 -31.51 22.76 -27.02
C SER F 7 -30.25 22.94 -26.20
N PRO F 8 -29.13 22.33 -26.63
CA PRO F 8 -29.05 21.46 -27.81
C PRO F 8 -29.73 20.11 -27.57
N ALA F 9 -29.85 19.29 -28.62
CA ALA F 9 -30.33 17.93 -28.46
C ALA F 9 -29.31 17.09 -27.71
N SER F 10 -28.04 17.42 -27.92
CA SER F 10 -26.93 16.65 -27.37
C SER F 10 -25.80 17.57 -26.95
N LEU F 11 -25.19 17.27 -25.81
CA LEU F 11 -24.14 18.12 -25.26
C LEU F 11 -23.00 17.28 -24.68
N ALA F 12 -21.77 17.57 -25.08
CA ALA F 12 -20.60 16.90 -24.51
C ALA F 12 -19.70 17.91 -23.82
N VAL F 13 -19.44 17.69 -22.53
CA VAL F 13 -18.76 18.68 -21.71
C VAL F 13 -17.69 18.00 -20.86
N SER F 14 -16.51 18.62 -20.79
CA SER F 14 -15.39 18.06 -20.05
C SER F 14 -15.68 18.05 -18.56
N LEU F 15 -15.00 17.16 -17.85
CA LEU F 15 -15.17 17.04 -16.41
C LEU F 15 -14.86 18.38 -15.74
N GLY F 16 -15.67 18.73 -14.74
CA GLY F 16 -15.47 19.96 -13.99
C GLY F 16 -15.91 21.22 -14.70
N GLN F 17 -16.33 21.10 -15.95
CA GLN F 17 -16.81 22.24 -16.71
C GLN F 17 -18.30 22.49 -16.47
N ARG F 18 -18.90 23.36 -17.28
CA ARG F 18 -20.30 23.73 -17.12
C ARG F 18 -21.16 23.18 -18.25
N ALA F 19 -22.22 22.45 -17.88
CA ALA F 19 -23.23 22.03 -18.85
C ALA F 19 -24.44 22.95 -18.75
N THR F 20 -24.88 23.47 -19.89
CA THR F 20 -25.99 24.42 -19.91
C THR F 20 -27.07 23.95 -20.87
N ILE F 21 -28.29 23.85 -20.35
CA ILE F 21 -29.42 23.36 -21.12
C ILE F 21 -30.47 24.45 -21.13
N SER F 22 -31.11 24.66 -22.28
CA SER F 22 -32.14 25.69 -22.39
C SER F 22 -33.47 25.06 -22.81
N CYS F 23 -34.56 25.71 -22.42
CA CYS F 23 -35.90 25.19 -22.67
C CYS F 23 -36.84 26.34 -23.04
N ARG F 24 -37.18 26.43 -24.31
CA ARG F 24 -38.11 27.44 -24.79
C ARG F 24 -39.55 26.96 -24.70
N ALA F 25 -40.44 27.81 -24.22
CA ALA F 25 -41.87 27.52 -24.19
C ALA F 25 -42.57 28.24 -25.33
N SER F 26 -43.61 27.63 -25.86
CA SER F 26 -44.37 28.22 -26.97
C SER F 26 -45.18 29.43 -26.49
N GLN F 27 -45.36 29.54 -25.18
CA GLN F 27 -46.01 30.71 -24.60
C GLN F 27 -45.43 30.95 -23.21
N SER F 28 -45.67 32.13 -22.65
CA SER F 28 -45.13 32.45 -21.33
C SER F 28 -45.71 31.49 -20.31
N VAL F 29 -44.93 31.22 -19.26
CA VAL F 29 -45.27 30.15 -18.34
C VAL F 29 -45.02 30.62 -16.90
N SER F 30 -45.07 31.93 -16.69
CA SER F 30 -44.77 32.51 -15.40
C SER F 30 -45.68 33.69 -15.08
N THR F 31 -46.03 33.85 -13.79
CA THR F 31 -46.73 35.03 -13.32
C THR F 31 -45.72 36.10 -12.93
N SER F 32 -46.20 37.17 -12.29
CA SER F 32 -45.31 38.22 -11.83
C SER F 32 -44.37 37.72 -10.72
N SER F 33 -44.72 36.58 -10.11
CA SER F 33 -43.98 36.11 -8.94
C SER F 33 -43.45 34.67 -9.07
N TYR F 34 -44.09 33.84 -9.89
CA TYR F 34 -43.61 32.47 -10.06
C TYR F 34 -43.56 32.02 -11.52
N SER F 35 -42.60 31.17 -11.82
CA SER F 35 -42.49 30.53 -13.13
C SER F 35 -42.73 29.04 -12.96
N TYR F 36 -43.58 28.49 -13.82
CA TYR F 36 -44.03 27.12 -13.66
C TYR F 36 -43.30 26.16 -14.60
N MET F 37 -41.99 26.03 -14.35
CA MET F 37 -41.14 25.14 -15.12
C MET F 37 -40.39 24.22 -14.18
N ASN F 38 -40.34 22.93 -14.51
CA ASN F 38 -39.63 21.95 -13.70
C ASN F 38 -38.54 21.27 -14.51
N TRP F 39 -37.52 20.75 -13.84
CA TRP F 39 -36.43 20.03 -14.51
C TRP F 39 -36.25 18.61 -13.96
N TYR F 40 -36.01 17.66 -14.85
CA TYR F 40 -35.81 16.26 -14.44
C TYR F 40 -34.52 15.64 -14.99
N GLN F 41 -33.97 14.72 -14.22
CA GLN F 41 -32.79 13.95 -14.64
C GLN F 41 -33.16 12.49 -14.77
N GLN F 42 -32.91 11.92 -15.95
CA GLN F 42 -33.10 10.50 -16.15
C GLN F 42 -31.79 9.84 -16.57
N LYS F 43 -31.21 9.09 -15.65
CA LYS F 43 -30.04 8.27 -15.97
C LYS F 43 -30.53 7.02 -16.70
N PRO F 44 -29.69 6.47 -17.58
CA PRO F 44 -30.10 5.29 -18.37
C PRO F 44 -30.59 4.13 -17.50
N GLY F 45 -31.69 3.51 -17.92
CA GLY F 45 -32.26 2.39 -17.20
C GLY F 45 -32.91 2.79 -15.87
N GLN F 46 -33.19 4.07 -15.72
CA GLN F 46 -33.79 4.59 -14.50
C GLN F 46 -35.00 5.46 -14.76
N PRO F 47 -35.83 5.67 -13.73
CA PRO F 47 -36.91 6.65 -13.85
C PRO F 47 -36.38 8.07 -13.78
N PRO F 48 -37.13 9.04 -14.33
CA PRO F 48 -36.76 10.45 -14.16
C PRO F 48 -36.66 10.84 -12.68
N LYS F 49 -35.79 11.80 -12.38
CA LYS F 49 -35.64 12.30 -11.02
C LYS F 49 -35.77 13.82 -11.03
N LEU F 50 -36.49 14.35 -10.05
CA LEU F 50 -36.75 15.79 -9.97
C LEU F 50 -35.52 16.54 -9.44
N LEU F 51 -35.07 17.53 -10.21
CA LEU F 51 -33.97 18.39 -9.79
C LEU F 51 -34.49 19.74 -9.32
N ILE F 52 -35.20 20.43 -10.21
CA ILE F 52 -35.64 21.81 -10.00
C ILE F 52 -37.14 21.90 -10.18
N LYS F 53 -37.81 22.57 -9.26
CA LYS F 53 -39.21 22.93 -9.47
C LYS F 53 -39.38 24.44 -9.42
N TYR F 54 -40.36 24.95 -10.14
CA TYR F 54 -40.61 26.39 -10.21
C TYR F 54 -39.34 27.15 -10.63
N ALA F 55 -38.73 26.67 -11.71
CA ALA F 55 -37.63 27.35 -12.38
C ALA F 55 -36.30 27.35 -11.63
N SER F 56 -36.33 27.65 -10.33
CA SER F 56 -35.08 27.87 -9.59
C SER F 56 -35.00 27.16 -8.25
N ASN F 57 -36.06 26.48 -7.84
CA ASN F 57 -36.06 25.85 -6.52
C ASN F 57 -35.46 24.46 -6.55
N LEU F 58 -34.30 24.32 -5.94
CA LEU F 58 -33.60 23.05 -5.91
C LEU F 58 -34.35 22.08 -4.98
N GLU F 59 -34.66 20.90 -5.50
CA GLU F 59 -35.35 19.89 -4.71
C GLU F 59 -34.46 19.40 -3.59
N SER F 60 -35.07 19.04 -2.47
CA SER F 60 -34.33 18.63 -1.28
C SER F 60 -33.45 17.42 -1.61
N GLY F 61 -32.17 17.53 -1.29
CA GLY F 61 -31.25 16.42 -1.51
C GLY F 61 -30.46 16.51 -2.79
N VAL F 62 -30.91 17.35 -3.72
CA VAL F 62 -30.23 17.48 -5.01
C VAL F 62 -28.93 18.25 -4.80
N PRO F 63 -27.82 17.77 -5.41
CA PRO F 63 -26.53 18.46 -5.27
C PRO F 63 -26.59 19.91 -5.75
N ALA F 64 -25.78 20.77 -5.12
CA ALA F 64 -25.82 22.19 -5.41
C ALA F 64 -25.18 22.57 -6.74
N ARG F 65 -24.54 21.61 -7.40
CA ARG F 65 -23.95 21.89 -8.71
C ARG F 65 -25.04 22.02 -9.77
N PHE F 66 -26.25 21.59 -9.43
CA PHE F 66 -27.41 21.84 -10.27
C PHE F 66 -28.09 23.15 -9.89
N SER F 67 -28.47 23.93 -10.89
CA SER F 67 -29.21 25.16 -10.66
C SER F 67 -30.07 25.51 -11.86
N GLY F 68 -31.21 26.13 -11.60
CA GLY F 68 -32.12 26.52 -12.66
C GLY F 68 -32.43 28.01 -12.64
N SER F 69 -32.72 28.57 -13.80
CA SER F 69 -33.07 29.98 -13.90
C SER F 69 -33.91 30.23 -15.12
N GLY F 70 -34.30 31.49 -15.31
CA GLY F 70 -35.12 31.87 -16.45
C GLY F 70 -36.51 32.30 -16.03
N SER F 71 -37.26 32.80 -17.00
CA SER F 71 -38.63 33.22 -16.76
C SER F 71 -39.28 33.51 -18.10
N GLY F 72 -40.61 33.54 -18.11
CA GLY F 72 -41.36 33.82 -19.32
C GLY F 72 -41.41 32.61 -20.23
N THR F 73 -40.63 32.66 -21.31
CA THR F 73 -40.62 31.58 -22.27
C THR F 73 -39.27 30.87 -22.36
N ASP F 74 -38.27 31.38 -21.64
CA ASP F 74 -36.92 30.83 -21.74
C ASP F 74 -36.37 30.40 -20.38
N PHE F 75 -35.95 29.15 -20.30
CA PHE F 75 -35.49 28.57 -19.05
C PHE F 75 -34.19 27.80 -19.24
N THR F 76 -33.41 27.71 -18.18
CA THR F 76 -32.05 27.22 -18.28
C THR F 76 -31.68 26.30 -17.11
N LEU F 77 -31.11 25.14 -17.43
CA LEU F 77 -30.54 24.26 -16.43
C LEU F 77 -29.02 24.33 -16.51
N ASN F 78 -28.37 24.46 -15.36
CA ASN F 78 -26.92 24.51 -15.30
C ASN F 78 -26.33 23.42 -14.42
N ILE F 79 -25.26 22.79 -14.89
CA ILE F 79 -24.51 21.82 -14.10
C ILE F 79 -23.05 22.24 -14.05
N HIS F 80 -22.59 22.67 -12.88
CA HIS F 80 -21.20 23.11 -12.71
C HIS F 80 -20.74 23.01 -11.26
N PRO F 81 -19.58 22.36 -11.02
CA PRO F 81 -18.72 21.64 -11.97
C PRO F 81 -19.25 20.26 -12.32
N LEU F 82 -19.29 19.95 -13.62
CA LEU F 82 -19.83 18.69 -14.11
C LEU F 82 -19.06 17.48 -13.57
N GLU F 83 -19.79 16.46 -13.14
CA GLU F 83 -19.20 15.23 -12.62
C GLU F 83 -19.55 14.02 -13.49
N GLU F 84 -18.83 12.91 -13.29
CA GLU F 84 -19.00 11.73 -14.14
C GLU F 84 -20.41 11.15 -14.10
N GLU F 85 -21.00 11.11 -12.91
CA GLU F 85 -22.32 10.52 -12.73
C GLU F 85 -23.44 11.38 -13.32
N ASP F 86 -23.10 12.59 -13.76
CA ASP F 86 -24.11 13.50 -14.28
C ASP F 86 -24.48 13.18 -15.73
N THR F 87 -23.82 12.19 -16.32
CA THR F 87 -24.16 11.76 -17.67
C THR F 87 -25.60 11.23 -17.67
N ALA F 88 -26.47 11.91 -18.41
CA ALA F 88 -27.90 11.59 -18.39
C ALA F 88 -28.68 12.41 -19.41
N THR F 89 -29.97 12.11 -19.53
CA THR F 89 -30.88 12.95 -20.31
C THR F 89 -31.64 13.85 -19.35
N TYR F 90 -31.78 15.12 -19.72
CA TYR F 90 -32.47 16.09 -18.88
C TYR F 90 -33.73 16.62 -19.56
N TYR F 91 -34.82 16.66 -18.81
CA TYR F 91 -36.12 17.06 -19.34
C TYR F 91 -36.67 18.28 -18.60
N CYS F 92 -37.32 19.19 -19.33
CA CYS F 92 -38.08 20.26 -18.71
C CYS F 92 -39.57 19.97 -18.84
N GLN F 93 -40.37 20.41 -17.87
CA GLN F 93 -41.82 20.40 -18.03
C GLN F 93 -42.51 21.53 -17.29
N HIS F 94 -43.61 21.99 -17.89
CA HIS F 94 -44.39 23.09 -17.35
C HIS F 94 -45.55 22.57 -16.51
N SER F 95 -46.03 23.41 -15.59
CA SER F 95 -47.24 23.11 -14.84
C SER F 95 -48.20 24.28 -14.93
N TRP F 96 -48.24 24.90 -16.10
CA TRP F 96 -49.03 26.10 -16.35
C TRP F 96 -50.47 25.77 -16.66
N GLU F 97 -50.69 24.67 -17.35
CA GLU F 97 -52.04 24.26 -17.74
C GLU F 97 -52.06 22.77 -18.00
N ILE F 98 -53.25 22.18 -17.96
CA ILE F 98 -53.43 20.81 -18.45
C ILE F 98 -53.64 20.92 -19.95
N PRO F 99 -52.96 20.08 -20.74
CA PRO F 99 -52.06 18.98 -20.35
C PRO F 99 -50.64 19.42 -20.00
N TRP F 100 -50.10 18.85 -18.94
CA TRP F 100 -48.67 18.97 -18.64
C TRP F 100 -47.91 18.29 -19.76
N THR F 101 -46.83 18.91 -20.21
CA THR F 101 -46.01 18.35 -21.28
C THR F 101 -44.54 18.44 -20.91
N PHE F 102 -43.70 17.68 -21.62
CA PHE F 102 -42.27 17.70 -21.41
C PHE F 102 -41.55 18.22 -22.64
N GLY F 103 -40.34 18.74 -22.44
CA GLY F 103 -39.45 19.01 -23.55
C GLY F 103 -38.93 17.68 -24.09
N GLY F 104 -38.27 17.71 -25.23
CA GLY F 104 -37.84 16.48 -25.89
C GLY F 104 -36.63 15.84 -25.22
N GLY F 105 -35.99 16.58 -24.33
CA GLY F 105 -34.85 16.07 -23.59
C GLY F 105 -33.51 16.46 -24.18
N THR F 106 -32.53 16.64 -23.31
CA THR F 106 -31.16 16.90 -23.75
C THR F 106 -30.24 15.86 -23.11
N LYS F 107 -29.53 15.10 -23.93
CA LYS F 107 -28.57 14.11 -23.44
C LYS F 107 -27.22 14.76 -23.17
N VAL F 108 -26.80 14.70 -21.91
CA VAL F 108 -25.51 15.25 -21.48
C VAL F 108 -24.50 14.12 -21.34
N GLU F 109 -23.39 14.25 -22.05
CA GLU F 109 -22.31 13.27 -22.01
C GLU F 109 -21.01 13.92 -21.54
N ILE F 110 -20.21 13.17 -20.80
CA ILE F 110 -18.93 13.67 -20.32
C ILE F 110 -17.88 13.51 -21.42
N LYS F 111 -17.16 14.60 -21.67
CA LYS F 111 -16.06 14.59 -22.62
C LYS F 111 -14.76 14.20 -21.91
N ARG F 112 -14.08 13.19 -22.43
CA ARG F 112 -12.87 12.71 -21.80
C ARG F 112 -11.77 12.43 -22.82
N ALA F 113 -10.59 12.10 -22.32
CA ALA F 113 -9.47 11.68 -23.16
C ALA F 113 -9.86 10.45 -24.00
N ASP F 114 -9.42 10.44 -25.25
CA ASP F 114 -9.60 9.26 -26.10
C ASP F 114 -9.00 8.02 -25.43
N ALA F 115 -9.59 6.86 -25.71
CA ALA F 115 -9.10 5.61 -25.16
C ALA F 115 -9.36 4.48 -26.14
N ALA F 116 -8.44 3.52 -26.16
CA ALA F 116 -8.54 2.40 -27.09
C ALA F 116 -9.41 1.30 -26.51
N PRO F 117 -10.17 0.60 -27.39
CA PRO F 117 -10.99 -0.53 -26.95
C PRO F 117 -10.19 -1.78 -26.58
N THR F 118 -10.62 -2.46 -25.53
CA THR F 118 -10.12 -3.79 -25.22
C THR F 118 -11.00 -4.80 -25.94
N VAL F 119 -10.41 -5.59 -26.84
CA VAL F 119 -11.20 -6.44 -27.73
C VAL F 119 -11.07 -7.92 -27.33
N SER F 120 -12.21 -8.58 -27.19
CA SER F 120 -12.26 -9.99 -26.83
C SER F 120 -13.26 -10.72 -27.72
N ILE F 121 -12.86 -11.90 -28.21
CA ILE F 121 -13.71 -12.68 -29.10
C ILE F 121 -14.12 -13.99 -28.42
N PHE F 122 -15.30 -14.50 -28.78
CA PHE F 122 -15.87 -15.68 -28.15
C PHE F 122 -16.53 -16.63 -29.14
N PRO F 123 -15.99 -17.84 -29.29
CA PRO F 123 -16.70 -18.82 -30.12
C PRO F 123 -18.07 -19.14 -29.54
N PRO F 124 -18.96 -19.74 -30.34
CA PRO F 124 -20.25 -20.18 -29.80
C PRO F 124 -20.08 -21.11 -28.60
N SER F 125 -20.91 -20.96 -27.57
CA SER F 125 -20.90 -21.93 -26.48
C SER F 125 -21.36 -23.27 -27.04
N SER F 126 -20.86 -24.36 -26.47
CA SER F 126 -21.21 -25.69 -26.94
C SER F 126 -22.69 -25.97 -26.68
N GLU F 127 -23.26 -25.34 -25.65
CA GLU F 127 -24.67 -25.52 -25.34
C GLU F 127 -25.54 -24.98 -26.47
N GLN F 128 -25.11 -23.88 -27.07
CA GLN F 128 -25.84 -23.30 -28.19
C GLN F 128 -25.69 -24.16 -29.43
N LEU F 129 -24.47 -24.62 -29.69
CA LEU F 129 -24.19 -25.47 -30.85
C LEU F 129 -25.06 -26.73 -30.82
N THR F 130 -25.27 -27.28 -29.63
CA THR F 130 -26.08 -28.49 -29.48
C THR F 130 -27.50 -28.27 -30.02
N SER F 131 -28.00 -27.05 -29.91
CA SER F 131 -29.38 -26.75 -30.32
C SER F 131 -29.48 -26.23 -31.75
N GLY F 132 -28.34 -26.11 -32.44
CA GLY F 132 -28.35 -25.81 -33.85
C GLY F 132 -28.02 -24.37 -34.23
N GLY F 133 -27.71 -23.56 -33.23
CA GLY F 133 -27.31 -22.18 -33.46
C GLY F 133 -25.83 -21.96 -33.28
N ALA F 134 -25.31 -20.85 -33.82
CA ALA F 134 -23.90 -20.51 -33.66
C ALA F 134 -23.70 -19.00 -33.62
N SER F 135 -23.44 -18.48 -32.44
CA SER F 135 -23.17 -17.05 -32.27
C SER F 135 -21.72 -16.78 -31.87
N VAL F 136 -21.03 -15.99 -32.69
CA VAL F 136 -19.68 -15.55 -32.37
C VAL F 136 -19.76 -14.14 -31.82
N VAL F 137 -19.31 -13.95 -30.58
CA VAL F 137 -19.45 -12.66 -29.90
C VAL F 137 -18.11 -11.94 -29.81
N CYS F 138 -18.15 -10.62 -29.95
CA CYS F 138 -16.97 -9.78 -29.84
C CYS F 138 -17.29 -8.55 -28.98
N PHE F 139 -16.56 -8.39 -27.87
CA PHE F 139 -16.74 -7.27 -26.95
C PHE F 139 -15.66 -6.22 -27.18
N LEU F 140 -16.09 -4.98 -27.42
CA LEU F 140 -15.16 -3.86 -27.55
C LEU F 140 -15.38 -2.90 -26.38
N ASN F 141 -14.56 -3.01 -25.34
CA ASN F 141 -14.88 -2.36 -24.06
C ASN F 141 -14.04 -1.14 -23.72
N ASN F 142 -14.69 -0.19 -23.07
CA ASN F 142 -14.05 0.98 -22.47
C ASN F 142 -13.24 1.82 -23.44
N PHE F 143 -13.86 2.26 -24.52
CA PHE F 143 -13.20 3.14 -25.49
C PHE F 143 -13.86 4.51 -25.53
N TYR F 144 -13.21 5.45 -26.20
CA TYR F 144 -13.76 6.80 -26.39
C TYR F 144 -13.01 7.48 -27.53
N PRO F 145 -13.75 8.17 -28.43
CA PRO F 145 -15.18 8.47 -28.44
C PRO F 145 -16.03 7.28 -28.90
N LYS F 146 -17.36 7.45 -28.88
CA LYS F 146 -18.28 6.33 -29.07
C LYS F 146 -18.30 5.73 -30.47
N ASP F 147 -17.85 6.50 -31.46
CA ASP F 147 -17.83 5.99 -32.84
C ASP F 147 -16.73 4.95 -33.01
N ILE F 148 -17.10 3.80 -33.55
CA ILE F 148 -16.18 2.69 -33.73
C ILE F 148 -16.71 1.75 -34.80
N ASN F 149 -15.79 1.20 -35.59
CA ASN F 149 -16.16 0.25 -36.63
C ASN F 149 -15.71 -1.17 -36.26
N VAL F 150 -16.59 -2.15 -36.47
CA VAL F 150 -16.23 -3.54 -36.27
C VAL F 150 -16.43 -4.30 -37.58
N LYS F 151 -15.41 -5.08 -37.96
CA LYS F 151 -15.45 -5.88 -39.18
C LYS F 151 -15.29 -7.36 -38.81
N TRP F 152 -16.18 -8.20 -39.35
CA TRP F 152 -16.06 -9.66 -39.19
C TRP F 152 -15.43 -10.31 -40.40
N LYS F 153 -14.46 -11.18 -40.16
CA LYS F 153 -13.78 -11.91 -41.23
C LYS F 153 -13.85 -13.43 -41.02
N ILE F 154 -14.38 -14.12 -42.02
CA ILE F 154 -14.43 -15.59 -42.00
C ILE F 154 -13.50 -16.14 -43.09
N ASP F 155 -12.41 -16.75 -42.66
CA ASP F 155 -11.40 -17.27 -43.59
C ASP F 155 -10.90 -16.15 -44.51
N GLY F 156 -10.62 -14.99 -43.91
CA GLY F 156 -10.03 -13.87 -44.65
C GLY F 156 -11.02 -12.90 -45.25
N SER F 157 -12.19 -13.40 -45.67
CA SER F 157 -13.18 -12.57 -46.34
C SER F 157 -14.21 -12.02 -45.35
N GLU F 158 -14.54 -10.73 -45.47
CA GLU F 158 -15.40 -10.08 -44.49
C GLU F 158 -16.84 -10.57 -44.59
N ARG F 159 -17.51 -10.61 -43.44
CA ARG F 159 -18.91 -11.01 -43.35
C ARG F 159 -19.70 -9.83 -42.76
N GLN F 160 -20.88 -9.57 -43.33
CA GLN F 160 -21.69 -8.44 -42.89
C GLN F 160 -23.08 -8.85 -42.42
N ASN F 161 -23.60 -9.92 -43.00
CA ASN F 161 -24.96 -10.38 -42.69
C ASN F 161 -24.97 -11.28 -41.45
N GLY F 162 -26.00 -11.13 -40.63
CA GLY F 162 -26.10 -11.89 -39.40
C GLY F 162 -25.46 -11.18 -38.20
N VAL F 163 -24.86 -10.03 -38.47
CA VAL F 163 -24.27 -9.22 -37.41
C VAL F 163 -25.31 -8.27 -36.79
N LEU F 164 -25.24 -8.10 -35.48
CA LEU F 164 -25.96 -7.01 -34.83
C LEU F 164 -25.18 -6.49 -33.63
N ASN F 165 -25.16 -5.16 -33.50
CA ASN F 165 -24.33 -4.49 -32.50
C ASN F 165 -25.18 -3.72 -31.48
N SER F 166 -24.57 -3.38 -30.36
CA SER F 166 -25.24 -2.66 -29.30
C SER F 166 -24.24 -1.90 -28.45
N TRP F 167 -24.50 -0.61 -28.23
CA TRP F 167 -23.59 0.24 -27.47
C TRP F 167 -24.02 0.40 -26.03
N THR F 168 -23.03 0.39 -25.14
CA THR F 168 -23.23 0.76 -23.76
C THR F 168 -23.50 2.27 -23.72
N ASP F 169 -24.29 2.72 -22.74
CA ASP F 169 -24.44 4.14 -22.51
C ASP F 169 -23.20 4.63 -21.77
N GLN F 170 -22.84 5.90 -21.94
CA GLN F 170 -21.59 6.39 -21.36
C GLN F 170 -21.50 5.95 -19.90
N ASP F 171 -20.39 5.30 -19.58
CA ASP F 171 -20.15 4.79 -18.23
C ASP F 171 -20.13 5.91 -17.20
N SER F 172 -20.94 5.76 -16.17
CA SER F 172 -21.07 6.77 -15.13
C SER F 172 -19.83 6.89 -14.25
N LYS F 173 -18.85 5.99 -14.45
CA LYS F 173 -17.66 5.97 -13.63
C LYS F 173 -16.40 6.41 -14.38
N ASP F 174 -16.21 5.93 -15.61
CA ASP F 174 -15.02 6.28 -16.38
C ASP F 174 -15.36 6.96 -17.73
N SER F 175 -16.64 7.17 -17.98
CA SER F 175 -17.08 7.96 -19.13
C SER F 175 -16.68 7.37 -20.48
N THR F 176 -16.39 6.07 -20.51
CA THR F 176 -16.10 5.40 -21.78
C THR F 176 -17.36 4.78 -22.35
N TYR F 177 -17.28 4.31 -23.59
CA TYR F 177 -18.35 3.52 -24.17
C TYR F 177 -17.84 2.12 -24.45
N SER F 178 -18.75 1.17 -24.53
CA SER F 178 -18.44 -0.19 -24.95
C SER F 178 -19.50 -0.64 -25.95
N MET F 179 -19.21 -1.69 -26.72
CA MET F 179 -20.23 -2.27 -27.58
C MET F 179 -19.99 -3.75 -27.87
N SER F 180 -21.02 -4.39 -28.41
CA SER F 180 -21.07 -5.83 -28.53
C SER F 180 -21.50 -6.29 -29.93
N SER F 181 -20.59 -6.91 -30.66
CA SER F 181 -20.93 -7.55 -31.93
C SER F 181 -21.21 -9.02 -31.77
N THR F 182 -22.34 -9.45 -32.33
CA THR F 182 -22.71 -10.86 -32.32
C THR F 182 -23.00 -11.30 -33.74
N LEU F 183 -22.14 -12.17 -34.26
CA LEU F 183 -22.36 -12.76 -35.57
C LEU F 183 -23.05 -14.10 -35.39
N THR F 184 -24.27 -14.20 -35.92
CA THR F 184 -25.04 -15.43 -35.77
C THR F 184 -25.20 -16.16 -37.09
N LEU F 185 -24.69 -17.39 -37.10
CA LEU F 185 -24.85 -18.29 -38.23
C LEU F 185 -25.62 -19.50 -37.75
N THR F 186 -26.01 -20.36 -38.68
CA THR F 186 -26.48 -21.68 -38.32
C THR F 186 -25.27 -22.52 -38.00
N LYS F 187 -25.44 -23.56 -37.19
CA LYS F 187 -24.32 -24.46 -36.89
C LYS F 187 -23.73 -25.03 -38.17
N ASP F 188 -24.60 -25.41 -39.10
CA ASP F 188 -24.17 -25.95 -40.37
C ASP F 188 -23.19 -25.00 -41.06
N GLU F 189 -23.63 -23.75 -41.24
CA GLU F 189 -22.84 -22.73 -41.91
C GLU F 189 -21.54 -22.47 -41.17
N TYR F 190 -21.64 -22.43 -39.85
CA TYR F 190 -20.51 -22.18 -38.97
C TYR F 190 -19.39 -23.22 -39.12
N GLU F 191 -19.80 -24.48 -39.29
CA GLU F 191 -18.84 -25.56 -39.36
C GLU F 191 -18.11 -25.66 -40.70
N ARG F 192 -18.62 -24.97 -41.72
CA ARG F 192 -18.00 -25.07 -43.04
C ARG F 192 -16.70 -24.29 -43.13
N HIS F 193 -16.44 -23.42 -42.15
CA HIS F 193 -15.26 -22.55 -42.17
C HIS F 193 -14.39 -22.75 -40.93
N ASN F 194 -13.17 -22.22 -40.98
CA ASN F 194 -12.18 -22.50 -39.94
C ASN F 194 -11.85 -21.31 -39.05
N SER F 195 -11.36 -20.23 -39.64
CA SER F 195 -10.90 -19.08 -38.86
C SER F 195 -11.98 -17.97 -38.79
N TYR F 196 -12.23 -17.48 -37.57
CA TYR F 196 -13.19 -16.41 -37.34
C TYR F 196 -12.51 -15.21 -36.66
N THR F 197 -12.73 -14.02 -37.21
CA THR F 197 -12.06 -12.81 -36.73
C THR F 197 -13.00 -11.61 -36.64
N CYS F 198 -12.90 -10.85 -35.55
CA CYS F 198 -13.54 -9.55 -35.46
C CYS F 198 -12.46 -8.47 -35.37
N GLU F 199 -12.60 -7.44 -36.20
CA GLU F 199 -11.62 -6.35 -36.26
C GLU F 199 -12.26 -5.07 -35.75
N ALA F 200 -11.60 -4.44 -34.78
CA ALA F 200 -12.10 -3.20 -34.21
C ALA F 200 -11.24 -2.03 -34.68
N THR F 201 -11.82 -1.16 -35.51
CA THR F 201 -11.10 0.01 -35.99
C THR F 201 -11.61 1.26 -35.28
N HIS F 202 -10.70 2.07 -34.76
CA HIS F 202 -11.05 3.19 -33.90
C HIS F 202 -10.08 4.36 -34.11
N LYS F 203 -10.56 5.60 -33.93
CA LYS F 203 -9.72 6.78 -34.11
C LYS F 203 -8.37 6.64 -33.45
N THR F 204 -8.38 5.99 -32.30
CA THR F 204 -7.25 5.96 -31.41
C THR F 204 -5.99 5.39 -32.09
N SER F 205 -6.20 4.52 -33.07
CA SER F 205 -5.09 3.91 -33.78
C SER F 205 -5.37 3.73 -35.27
N THR F 206 -4.32 3.80 -36.07
CA THR F 206 -4.41 3.55 -37.51
C THR F 206 -4.59 2.06 -37.74
N SER F 207 -4.01 1.26 -36.86
CA SER F 207 -4.05 -0.19 -36.97
C SER F 207 -5.26 -0.80 -36.25
N PRO F 208 -6.05 -1.63 -36.96
CA PRO F 208 -7.16 -2.32 -36.29
C PRO F 208 -6.69 -3.25 -35.18
N ILE F 209 -7.46 -3.33 -34.10
CA ILE F 209 -7.22 -4.33 -33.08
C ILE F 209 -8.00 -5.56 -33.51
N VAL F 210 -7.34 -6.71 -33.61
CA VAL F 210 -7.97 -7.89 -34.18
C VAL F 210 -7.82 -9.10 -33.25
N LYS F 211 -8.90 -9.87 -33.15
CA LYS F 211 -8.94 -11.09 -32.34
C LYS F 211 -9.43 -12.26 -33.17
N SER F 212 -8.84 -13.43 -32.95
CA SER F 212 -9.18 -14.61 -33.74
C SER F 212 -9.17 -15.92 -32.98
N PHE F 213 -9.87 -16.90 -33.53
CA PHE F 213 -9.77 -18.29 -33.14
C PHE F 213 -10.04 -19.14 -34.36
N ASN F 214 -9.62 -20.40 -34.30
CA ASN F 214 -9.98 -21.36 -35.35
C ASN F 214 -10.99 -22.34 -34.76
N ARG F 215 -12.04 -22.63 -35.50
CA ARG F 215 -13.09 -23.53 -35.02
C ARG F 215 -12.52 -24.89 -34.61
N ASN F 216 -13.01 -25.39 -33.48
CA ASN F 216 -12.68 -26.75 -33.02
C ASN F 216 -11.16 -26.93 -32.90
N GLU F 217 -10.48 -25.81 -32.67
CA GLU F 217 -9.03 -25.82 -32.50
C GLU F 217 -8.68 -25.09 -31.21
N CYS F 218 -7.52 -25.39 -30.63
CA CYS F 218 -7.12 -24.81 -29.35
C CYS F 218 -5.61 -24.77 -29.21
N GLU G 1 41.30 17.72 25.55
CA GLU G 1 40.95 16.35 25.10
C GLU G 1 39.54 16.04 25.60
N VAL G 2 38.55 16.22 24.73
CA VAL G 2 37.17 16.06 25.15
C VAL G 2 36.80 14.59 25.25
N LYS G 3 36.46 14.15 26.46
CA LYS G 3 36.10 12.76 26.70
C LYS G 3 34.74 12.63 27.37
N LEU G 4 33.98 11.63 26.96
CA LEU G 4 32.76 11.22 27.64
C LEU G 4 32.88 9.75 27.97
N GLN G 5 32.62 9.39 29.23
CA GLN G 5 32.76 8.00 29.67
C GLN G 5 31.52 7.50 30.41
N GLU G 6 30.79 6.59 29.78
CA GLU G 6 29.62 5.98 30.39
C GLU G 6 30.02 4.87 31.36
N SER G 7 29.27 4.74 32.44
CA SER G 7 29.36 3.57 33.30
C SER G 7 27.95 3.15 33.70
N GLY G 8 27.70 1.84 33.71
CA GLY G 8 26.41 1.30 34.08
C GLY G 8 26.54 -0.06 34.75
N PRO G 9 25.41 -0.65 35.16
CA PRO G 9 25.42 -1.91 35.90
C PRO G 9 25.61 -3.14 35.02
N GLY G 10 25.77 -2.93 33.71
CA GLY G 10 25.97 -4.02 32.77
C GLY G 10 24.72 -4.82 32.48
N LYS G 11 24.12 -5.41 33.51
CA LYS G 11 22.84 -6.08 33.35
C LYS G 11 21.94 -5.77 34.56
N LEU G 12 20.64 -6.00 34.37
CA LEU G 12 19.64 -5.56 35.33
C LEU G 12 18.38 -6.39 35.23
N GLN G 13 17.80 -6.74 36.37
CA GLN G 13 16.55 -7.48 36.39
C GLN G 13 15.40 -6.59 35.90
N PRO G 14 14.42 -7.19 35.20
CA PRO G 14 13.25 -6.40 34.80
C PRO G 14 12.57 -5.74 35.99
N SER G 15 11.99 -4.56 35.77
CA SER G 15 11.23 -3.83 36.77
C SER G 15 12.11 -2.96 37.66
N GLN G 16 13.43 -3.17 37.62
CA GLN G 16 14.35 -2.40 38.45
C GLN G 16 14.69 -1.06 37.82
N THR G 17 15.40 -0.23 38.58
CA THR G 17 15.75 1.12 38.15
C THR G 17 17.18 1.22 37.66
N LEU G 18 17.34 1.61 36.39
CA LEU G 18 18.64 1.78 35.80
C LEU G 18 19.26 3.13 36.18
N SER G 19 20.50 3.09 36.66
CA SER G 19 21.25 4.31 36.97
C SER G 19 22.49 4.40 36.09
N LEU G 20 22.53 5.39 35.22
CA LEU G 20 23.66 5.60 34.34
C LEU G 20 24.47 6.81 34.77
N THR G 21 25.79 6.71 34.65
CA THR G 21 26.67 7.81 35.01
C THR G 21 27.59 8.14 33.84
N CYS G 22 27.81 9.42 33.61
CA CYS G 22 28.72 9.87 32.57
C CYS G 22 29.74 10.83 33.14
N SER G 23 31.00 10.46 33.04
CA SER G 23 32.11 11.30 33.47
C SER G 23 32.75 11.90 32.24
N PHE G 24 33.09 13.18 32.31
CA PHE G 24 33.67 13.86 31.16
C PHE G 24 34.85 14.73 31.56
N SER G 25 35.66 15.07 30.56
CA SER G 25 36.81 15.94 30.75
C SER G 25 37.09 16.69 29.45
N GLY G 26 37.87 17.78 29.55
CA GLY G 26 38.17 18.58 28.39
C GLY G 26 37.22 19.76 28.21
N PHE G 27 36.24 19.86 29.10
CA PHE G 27 35.32 20.98 29.09
C PHE G 27 34.56 21.06 30.42
N SER G 28 33.97 22.21 30.70
CA SER G 28 33.18 22.40 31.91
C SER G 28 31.70 22.46 31.56
N LEU G 29 30.87 21.92 32.44
CA LEU G 29 29.43 21.97 32.26
C LEU G 29 28.88 23.28 32.85
N THR G 30 29.79 24.20 33.18
CA THR G 30 29.42 25.55 33.53
C THR G 30 29.41 26.43 32.28
N THR G 31 30.14 25.98 31.25
CA THR G 31 30.29 26.74 30.02
C THR G 31 28.95 26.93 29.32
N SER G 32 28.71 28.16 28.89
CA SER G 32 27.47 28.50 28.21
C SER G 32 27.36 27.78 26.86
N GLY G 33 26.20 27.21 26.59
CA GLY G 33 25.94 26.53 25.34
C GLY G 33 26.18 25.04 25.38
N ILE G 34 26.70 24.55 26.50
CA ILE G 34 27.08 23.15 26.63
C ILE G 34 26.05 22.35 27.42
N GLY G 35 25.75 21.16 26.93
CA GLY G 35 24.90 20.22 27.63
C GLY G 35 25.42 18.80 27.49
N VAL G 36 25.07 17.94 28.45
CA VAL G 36 25.45 16.54 28.40
C VAL G 36 24.21 15.71 28.63
N GLY G 37 24.07 14.64 27.86
CA GLY G 37 22.87 13.82 27.93
C GLY G 37 23.05 12.45 27.32
N TRP G 38 21.93 11.81 26.98
CA TRP G 38 21.93 10.39 26.67
C TRP G 38 21.16 10.03 25.40
N ILE G 39 21.77 9.13 24.63
CA ILE G 39 21.18 8.55 23.44
C ILE G 39 21.41 7.05 23.50
N ARG G 40 20.40 6.25 23.18
CA ARG G 40 20.55 4.81 23.26
C ARG G 40 20.33 4.16 21.89
N GLN G 41 21.05 3.08 21.65
CA GLN G 41 20.93 2.32 20.42
C GLN G 41 20.68 0.83 20.73
N PRO G 42 19.45 0.35 20.51
CA PRO G 42 19.25 -1.09 20.70
C PRO G 42 20.04 -1.89 19.69
N SER G 43 20.46 -3.10 20.06
CA SER G 43 21.34 -3.89 19.21
C SER G 43 20.79 -4.03 17.79
N GLY G 44 21.59 -3.59 16.82
CA GLY G 44 21.21 -3.65 15.42
C GLY G 44 20.01 -2.79 15.08
N LYS G 45 19.94 -1.61 15.66
CA LYS G 45 18.83 -0.69 15.45
C LYS G 45 19.36 0.73 15.35
N GLY G 46 18.46 1.70 15.30
CA GLY G 46 18.85 3.09 15.16
C GLY G 46 19.00 3.80 16.49
N LEU G 47 18.83 5.11 16.48
CA LEU G 47 19.17 5.93 17.62
C LEU G 47 17.94 6.58 18.24
N GLU G 48 17.92 6.64 19.57
CA GLU G 48 16.83 7.26 20.30
C GLU G 48 17.36 8.23 21.35
N TRP G 49 17.07 9.51 21.18
CA TRP G 49 17.47 10.52 22.16
C TRP G 49 16.65 10.32 23.43
N LEU G 50 17.31 10.44 24.58
CA LEU G 50 16.66 10.22 25.87
C LEU G 50 16.47 11.52 26.64
N ALA G 51 17.57 12.16 27.03
CA ALA G 51 17.50 13.40 27.79
C ALA G 51 18.82 14.15 27.76
N HIS G 52 18.75 15.43 28.06
CA HIS G 52 19.94 16.27 28.20
C HIS G 52 19.77 17.26 29.33
N ILE G 53 20.88 17.61 29.98
CA ILE G 53 20.89 18.64 31.00
C ILE G 53 21.93 19.69 30.62
N TRP G 54 21.57 20.96 30.80
CA TRP G 54 22.42 22.06 30.35
C TRP G 54 23.12 22.76 31.50
N TRP G 55 24.11 23.58 31.17
CA TRP G 55 24.78 24.43 32.15
C TRP G 55 23.77 25.24 32.95
N SER G 56 22.65 25.57 32.30
CA SER G 56 21.55 26.30 32.91
C SER G 56 20.87 25.57 34.05
N ALA G 57 21.12 24.27 34.15
CA ALA G 57 20.32 23.35 34.98
C ALA G 57 18.98 23.08 34.31
N SER G 58 18.77 23.62 33.12
CA SER G 58 17.61 23.29 32.32
C SER G 58 17.78 21.87 31.80
N LYS G 59 16.70 21.10 31.78
CA LYS G 59 16.79 19.71 31.35
C LYS G 59 15.71 19.35 30.34
N TYR G 60 16.17 18.81 29.21
CA TYR G 60 15.31 18.38 28.12
C TYR G 60 15.01 16.89 28.22
N TYR G 61 13.75 16.52 28.00
CA TYR G 61 13.34 15.13 28.07
C TYR G 61 12.66 14.69 26.77
N ASN G 62 12.86 13.43 26.40
CA ASN G 62 12.08 12.82 25.34
C ASN G 62 10.66 12.68 25.88
N THR G 63 9.68 13.22 25.16
CA THR G 63 8.31 13.26 25.65
C THR G 63 7.70 11.89 25.98
N ALA G 64 7.99 10.88 25.16
CA ALA G 64 7.39 9.56 25.36
C ALA G 64 7.93 8.88 26.61
N LEU G 65 9.23 9.01 26.82
CA LEU G 65 9.93 8.45 27.96
C LEU G 65 9.92 9.36 29.19
N LYS G 66 9.54 10.62 29.00
CA LYS G 66 9.51 11.65 30.05
C LYS G 66 9.17 11.11 31.44
N SER G 67 8.06 10.40 31.55
CA SER G 67 7.59 9.87 32.83
C SER G 67 8.61 8.97 33.52
N ARG G 68 9.44 8.29 32.73
CA ARG G 68 10.38 7.29 33.25
C ARG G 68 11.79 7.84 33.46
N LEU G 69 12.01 9.08 33.05
CA LEU G 69 13.36 9.66 33.05
C LEU G 69 13.59 10.70 34.12
N THR G 70 14.77 10.63 34.73
CA THR G 70 15.24 11.66 35.63
C THR G 70 16.71 11.90 35.36
N ILE G 71 17.05 13.11 34.93
CA ILE G 71 18.44 13.46 34.66
C ILE G 71 18.93 14.48 35.66
N SER G 72 20.18 14.34 36.07
CA SER G 72 20.78 15.26 37.03
C SER G 72 22.26 15.45 36.69
N LYS G 73 22.95 16.25 37.49
CA LYS G 73 24.34 16.58 37.22
C LYS G 73 25.11 16.92 38.49
N ASP G 74 26.40 16.60 38.50
CA ASP G 74 27.30 17.07 39.53
C ASP G 74 28.43 17.84 38.86
N THR G 75 28.20 19.13 38.64
CA THR G 75 29.11 19.96 37.86
C THR G 75 30.53 19.94 38.43
N SER G 76 30.63 20.00 39.75
CA SER G 76 31.92 20.11 40.41
C SER G 76 32.74 18.83 40.23
N ASN G 77 32.07 17.73 39.94
CA ASN G 77 32.74 16.45 39.74
C ASN G 77 32.62 15.94 38.30
N ASN G 78 32.27 16.84 37.39
CA ASN G 78 32.23 16.51 35.96
C ASN G 78 31.45 15.23 35.67
N GLN G 79 30.23 15.15 36.20
CA GLN G 79 29.38 13.99 35.97
C GLN G 79 27.93 14.38 35.73
N VAL G 80 27.24 13.65 34.87
CA VAL G 80 25.79 13.75 34.79
C VAL G 80 25.23 12.34 34.91
N PHE G 81 24.03 12.24 35.47
CA PHE G 81 23.43 10.94 35.74
C PHE G 81 22.04 10.82 35.13
N LEU G 82 21.69 9.61 34.70
CA LEU G 82 20.36 9.33 34.20
C LEU G 82 19.73 8.15 34.92
N LYS G 83 18.47 8.31 35.31
CA LYS G 83 17.72 7.21 35.91
C LYS G 83 16.53 6.84 35.03
N ILE G 84 16.39 5.54 34.80
CA ILE G 84 15.25 5.02 34.04
C ILE G 84 14.49 4.05 34.94
N ALA G 85 13.23 4.35 35.22
CA ALA G 85 12.44 3.58 36.16
C ALA G 85 11.79 2.36 35.53
N SER G 86 11.54 1.33 36.34
CA SER G 86 10.81 0.14 35.92
C SER G 86 11.29 -0.37 34.56
N VAL G 87 12.56 -0.71 34.50
CA VAL G 87 13.19 -1.12 33.26
C VAL G 87 12.58 -2.39 32.69
N ASP G 88 12.49 -2.44 31.37
CA ASP G 88 11.97 -3.60 30.64
C ASP G 88 12.94 -4.03 29.56
N THR G 89 12.66 -5.15 28.89
CA THR G 89 13.58 -5.69 27.91
C THR G 89 13.71 -4.75 26.72
N ALA G 90 12.76 -3.85 26.57
CA ALA G 90 12.81 -2.87 25.49
C ALA G 90 13.83 -1.78 25.81
N ASP G 91 14.38 -1.83 27.02
CA ASP G 91 15.42 -0.90 27.44
C ASP G 91 16.81 -1.51 27.25
N THR G 92 16.85 -2.75 26.80
CA THR G 92 18.11 -3.38 26.42
C THR G 92 18.72 -2.59 25.26
N ALA G 93 19.89 -2.02 25.48
CA ALA G 93 20.54 -1.20 24.48
C ALA G 93 21.94 -0.80 24.92
N THR G 94 22.69 -0.26 23.98
CA THR G 94 23.92 0.44 24.30
C THR G 94 23.53 1.88 24.56
N TYR G 95 23.95 2.40 25.71
CA TYR G 95 23.60 3.77 26.09
C TYR G 95 24.80 4.69 25.90
N TYR G 96 24.64 5.67 25.01
CA TYR G 96 25.71 6.62 24.72
C TYR G 96 25.53 7.92 25.49
N CYS G 97 26.62 8.40 26.07
CA CYS G 97 26.70 9.75 26.59
C CYS G 97 27.20 10.67 25.50
N ALA G 98 26.49 11.77 25.25
CA ALA G 98 26.88 12.70 24.20
C ALA G 98 26.82 14.14 24.68
N ARG G 99 27.79 14.93 24.25
CA ARG G 99 27.79 16.36 24.50
C ARG G 99 26.87 17.05 23.50
N ALA G 100 26.04 17.97 23.99
CA ALA G 100 25.19 18.77 23.11
C ALA G 100 25.66 20.21 23.08
N TYR G 101 25.59 20.82 21.91
CA TYR G 101 25.98 22.22 21.78
C TYR G 101 24.76 23.03 21.35
N TYR G 102 24.46 24.10 22.08
CA TYR G 102 23.35 24.97 21.71
C TYR G 102 23.86 26.01 20.74
N GLY G 103 23.41 25.89 19.50
CA GLY G 103 24.00 26.65 18.41
C GLY G 103 23.89 28.15 18.49
N ASN G 104 24.84 28.80 17.83
CA ASN G 104 24.86 30.24 17.67
C ASN G 104 23.63 30.65 16.85
N TYR G 105 23.17 29.71 16.01
CA TYR G 105 22.00 29.89 15.17
C TYR G 105 20.73 29.36 15.83
N GLY G 106 20.82 29.00 17.10
CA GLY G 106 19.77 28.21 17.72
C GLY G 106 20.01 26.80 17.25
N GLY G 107 19.14 25.87 17.64
CA GLY G 107 19.34 24.50 17.22
C GLY G 107 20.45 23.80 17.98
N TYR G 108 20.59 22.51 17.74
CA TYR G 108 21.44 21.66 18.56
C TYR G 108 22.11 20.60 17.72
N TYR G 109 23.29 20.17 18.17
CA TYR G 109 23.95 19.02 17.58
C TYR G 109 24.85 18.34 18.61
N PHE G 110 25.12 17.05 18.37
CA PHE G 110 25.91 16.25 19.29
C PHE G 110 27.32 16.10 18.74
N ASP G 111 28.25 16.86 19.29
CA ASP G 111 29.58 16.97 18.70
C ASP G 111 30.60 15.98 19.31
N TYR G 112 30.34 15.50 20.52
CA TYR G 112 31.19 14.46 21.11
C TYR G 112 30.37 13.33 21.71
N TRP G 113 30.83 12.10 21.49
CA TRP G 113 30.15 10.91 21.99
C TRP G 113 31.08 10.04 22.83
N GLY G 114 30.53 9.43 23.88
CA GLY G 114 31.25 8.41 24.60
C GLY G 114 31.28 7.13 23.80
N GLN G 115 32.05 6.15 24.26
CA GLN G 115 32.19 4.89 23.52
C GLN G 115 30.98 3.99 23.77
N GLY G 116 30.21 4.31 24.81
CA GLY G 116 28.98 3.60 25.10
C GLY G 116 29.10 2.53 26.17
N THR G 117 27.97 2.22 26.80
CA THR G 117 27.90 1.14 27.77
C THR G 117 26.71 0.26 27.41
N THR G 118 26.94 -1.04 27.34
CA THR G 118 25.90 -1.96 26.93
C THR G 118 25.10 -2.36 28.16
N LEU G 119 23.79 -2.36 28.02
CA LEU G 119 22.91 -2.76 29.11
C LEU G 119 21.99 -3.86 28.64
N THR G 120 21.92 -4.93 29.43
CA THR G 120 20.99 -6.00 29.15
C THR G 120 19.99 -6.16 30.28
N VAL G 121 18.72 -6.15 29.93
CA VAL G 121 17.66 -6.40 30.89
C VAL G 121 17.31 -7.87 30.79
N SER G 122 17.72 -8.63 31.79
CA SER G 122 17.56 -10.07 31.72
C SER G 122 17.50 -10.71 33.09
N SER G 123 16.64 -11.71 33.21
CA SER G 123 16.58 -12.55 34.40
C SER G 123 17.78 -13.50 34.42
N ALA G 124 18.30 -13.80 33.24
CA ALA G 124 19.33 -14.83 33.08
C ALA G 124 20.54 -14.58 33.96
N LYS G 125 21.38 -15.61 34.11
CA LYS G 125 22.48 -15.56 35.04
C LYS G 125 23.80 -15.17 34.35
N THR G 126 24.65 -14.42 35.05
CA THR G 126 25.98 -14.09 34.54
C THR G 126 26.87 -15.33 34.43
N THR G 127 27.63 -15.43 33.34
CA THR G 127 28.51 -16.57 33.12
C THR G 127 29.79 -16.15 32.41
N ALA G 128 30.93 -16.58 32.94
CA ALA G 128 32.20 -16.30 32.30
C ALA G 128 32.39 -17.14 31.05
N PRO G 129 33.20 -16.65 30.09
CA PRO G 129 33.43 -17.41 28.86
C PRO G 129 34.48 -18.50 29.00
N SER G 130 34.33 -19.58 28.26
CA SER G 130 35.42 -20.52 28.03
C SER G 130 36.15 -20.07 26.78
N VAL G 131 37.47 -19.96 26.86
CA VAL G 131 38.26 -19.51 25.71
C VAL G 131 39.08 -20.67 25.16
N TYR G 132 38.92 -20.92 23.87
CA TYR G 132 39.56 -22.07 23.22
C TYR G 132 40.49 -21.64 22.10
N PRO G 133 41.75 -22.10 22.13
CA PRO G 133 42.69 -21.82 21.03
C PRO G 133 42.44 -22.70 19.82
N LEU G 134 42.47 -22.13 18.62
CA LEU G 134 42.21 -22.90 17.41
C LEU G 134 43.42 -22.88 16.48
N ALA G 135 44.26 -23.91 16.55
CA ALA G 135 45.38 -24.06 15.65
C ALA G 135 44.94 -24.87 14.43
N PRO G 136 45.68 -24.75 13.32
CA PRO G 136 45.27 -25.43 12.08
C PRO G 136 45.27 -26.94 12.20
N VAL G 137 44.68 -27.61 11.20
CA VAL G 137 44.62 -29.06 11.18
C VAL G 137 46.04 -29.65 11.13
N CYS G 138 46.26 -30.72 11.88
CA CYS G 138 47.56 -31.38 11.91
C CYS G 138 47.88 -31.93 10.52
N GLY G 139 49.09 -31.67 10.06
CA GLY G 139 49.55 -32.25 8.81
C GLY G 139 49.03 -31.54 7.58
N ASP G 140 48.34 -30.43 7.78
CA ASP G 140 47.82 -29.66 6.66
C ASP G 140 48.99 -29.22 5.79
N THR G 141 48.85 -29.43 4.48
CA THR G 141 49.88 -28.99 3.57
C THR G 141 49.83 -27.47 3.60
N THR G 142 50.73 -26.88 4.38
CA THR G 142 50.69 -25.46 4.66
C THR G 142 51.02 -24.64 3.42
N GLY G 143 50.26 -23.56 3.25
CA GLY G 143 50.45 -22.67 2.11
C GLY G 143 51.29 -21.46 2.44
N SER G 144 51.15 -20.42 1.63
CA SER G 144 51.89 -19.18 1.82
C SER G 144 51.46 -18.45 3.10
N SER G 145 50.25 -18.71 3.57
CA SER G 145 49.77 -18.10 4.82
C SER G 145 48.98 -19.09 5.67
N VAL G 146 48.85 -18.78 6.96
CA VAL G 146 48.09 -19.62 7.88
C VAL G 146 47.08 -18.78 8.66
N THR G 147 45.92 -19.37 8.92
CA THR G 147 44.88 -18.72 9.69
C THR G 147 44.77 -19.40 11.04
N LEU G 148 44.82 -18.60 12.10
CA LEU G 148 44.63 -19.07 13.46
C LEU G 148 43.27 -18.60 13.96
N GLY G 149 42.80 -19.19 15.05
CA GLY G 149 41.46 -18.89 15.55
C GLY G 149 41.34 -18.85 17.06
N CYS G 150 40.25 -18.25 17.52
CA CYS G 150 39.98 -18.17 18.95
C CYS G 150 38.46 -18.24 19.18
N LEU G 151 38.05 -19.22 19.98
CA LEU G 151 36.64 -19.46 20.23
C LEU G 151 36.28 -19.07 21.66
N VAL G 152 35.21 -18.29 21.81
CA VAL G 152 34.80 -17.80 23.12
C VAL G 152 33.34 -18.16 23.35
N LYS G 153 33.09 -19.21 24.13
CA LYS G 153 31.71 -19.69 24.34
C LYS G 153 31.19 -19.58 25.76
N GLY G 154 29.88 -19.72 25.88
CA GLY G 154 29.21 -19.91 27.15
C GLY G 154 29.19 -18.72 28.10
N TYR G 155 29.20 -17.50 27.55
CA TYR G 155 29.22 -16.33 28.42
C TYR G 155 27.96 -15.47 28.31
N PHE G 156 27.73 -14.70 29.36
CA PHE G 156 26.57 -13.82 29.43
C PHE G 156 26.76 -12.81 30.55
N PRO G 157 26.37 -11.54 30.32
CA PRO G 157 25.87 -10.96 29.07
C PRO G 157 26.96 -10.36 28.19
N GLU G 158 26.56 -9.84 27.04
CA GLU G 158 27.40 -8.99 26.24
C GLU G 158 27.84 -7.86 27.19
N PRO G 159 29.07 -7.32 27.01
CA PRO G 159 30.07 -7.48 25.97
C PRO G 159 31.27 -8.35 26.31
N VAL G 160 32.03 -8.70 25.28
CA VAL G 160 33.32 -9.32 25.43
C VAL G 160 34.29 -8.57 24.53
N THR G 161 35.52 -8.39 24.99
CA THR G 161 36.54 -7.77 24.18
C THR G 161 37.63 -8.78 23.85
N LEU G 162 38.08 -8.76 22.61
CA LEU G 162 39.06 -9.74 22.16
C LEU G 162 40.14 -9.05 21.35
N THR G 163 41.40 -9.35 21.69
CA THR G 163 42.53 -8.83 20.94
C THR G 163 43.54 -9.92 20.68
N TRP G 164 44.45 -9.66 19.74
CA TRP G 164 45.55 -10.57 19.42
C TRP G 164 46.87 -9.94 19.80
N ASN G 165 47.62 -10.62 20.66
CA ASN G 165 48.89 -10.10 21.17
C ASN G 165 48.69 -8.72 21.80
N SER G 166 47.55 -8.55 22.46
CA SER G 166 47.23 -7.33 23.19
C SER G 166 47.17 -6.13 22.27
N GLY G 167 46.48 -6.28 21.14
CA GLY G 167 46.30 -5.17 20.20
C GLY G 167 47.41 -5.01 19.18
N SER G 168 48.63 -5.37 19.54
CA SER G 168 49.77 -5.17 18.66
C SER G 168 49.62 -5.95 17.34
N LEU G 169 48.86 -7.05 17.38
CA LEU G 169 48.56 -7.80 16.16
C LEU G 169 47.15 -7.44 15.72
N SER G 170 47.09 -6.47 14.80
CA SER G 170 45.85 -5.80 14.45
C SER G 170 45.41 -6.13 13.03
N SER G 171 46.38 -6.31 12.15
CA SER G 171 46.10 -6.55 10.74
C SER G 171 45.69 -8.00 10.51
N GLY G 172 44.82 -8.21 9.53
CA GLY G 172 44.40 -9.55 9.15
C GLY G 172 43.51 -10.20 10.19
N VAL G 173 42.80 -9.38 10.96
CA VAL G 173 41.93 -9.88 12.01
C VAL G 173 40.48 -9.82 11.59
N HIS G 174 39.74 -10.88 11.88
CA HIS G 174 38.29 -10.88 11.72
C HIS G 174 37.65 -11.33 13.03
N THR G 175 37.15 -10.37 13.81
CA THR G 175 36.43 -10.73 15.04
C THR G 175 34.94 -10.68 14.75
N PHE G 176 34.27 -11.81 14.97
CA PHE G 176 32.91 -11.98 14.50
C PHE G 176 31.89 -11.57 15.57
N PRO G 177 30.79 -10.94 15.14
CA PRO G 177 29.77 -10.51 16.10
C PRO G 177 29.22 -11.68 16.90
N ALA G 178 28.98 -11.45 18.19
CA ALA G 178 28.48 -12.50 19.06
C ALA G 178 27.11 -12.96 18.62
N VAL G 179 26.76 -14.19 18.97
CA VAL G 179 25.44 -14.73 18.68
C VAL G 179 24.90 -15.34 19.95
N LEU G 180 23.62 -15.08 20.23
CA LEU G 180 22.99 -15.62 21.42
C LEU G 180 22.32 -16.94 21.08
N GLN G 181 22.61 -17.96 21.87
CA GLN G 181 21.98 -19.26 21.70
C GLN G 181 21.72 -19.86 23.08
N SER G 182 20.46 -19.86 23.48
CA SER G 182 20.06 -20.39 24.79
C SER G 182 20.69 -19.61 25.94
N ASP G 183 20.51 -18.29 25.93
CA ASP G 183 20.99 -17.44 27.03
C ASP G 183 22.49 -17.52 27.24
N LEU G 184 23.21 -17.93 26.20
CA LEU G 184 24.67 -17.92 26.22
C LEU G 184 25.19 -17.34 24.92
N TYR G 185 26.27 -16.57 25.01
CA TYR G 185 26.87 -15.97 23.83
C TYR G 185 28.04 -16.79 23.33
N THR G 186 28.22 -16.80 22.02
CA THR G 186 29.38 -17.41 21.39
C THR G 186 29.99 -16.39 20.45
N LEU G 187 31.29 -16.18 20.59
CA LEU G 187 32.04 -15.27 19.76
C LEU G 187 33.31 -15.95 19.28
N SER G 188 33.80 -15.55 18.11
CA SER G 188 35.06 -16.09 17.62
C SER G 188 35.84 -15.01 16.90
N SER G 189 37.13 -15.24 16.74
CA SER G 189 37.99 -14.31 16.01
C SER G 189 38.99 -15.08 15.16
N SER G 190 39.26 -14.55 13.98
CA SER G 190 40.20 -15.12 13.04
C SER G 190 41.40 -14.18 12.84
N VAL G 191 42.58 -14.75 12.66
CA VAL G 191 43.76 -13.95 12.34
C VAL G 191 44.59 -14.71 11.32
N THR G 192 45.08 -13.99 10.32
CA THR G 192 45.87 -14.59 9.26
C THR G 192 47.26 -13.97 9.18
N VAL G 193 48.29 -14.81 9.21
CA VAL G 193 49.66 -14.36 9.04
C VAL G 193 50.36 -15.23 8.00
N THR G 194 51.57 -14.85 7.63
CA THR G 194 52.36 -15.64 6.69
C THR G 194 52.95 -16.84 7.41
N SER G 195 53.08 -17.95 6.71
CA SER G 195 53.57 -19.18 7.30
C SER G 195 54.90 -18.96 8.04
N SER G 196 55.70 -18.01 7.56
CA SER G 196 56.98 -17.71 8.19
C SER G 196 56.78 -17.04 9.55
N THR G 197 55.59 -16.52 9.80
CA THR G 197 55.29 -15.82 11.05
C THR G 197 54.91 -16.77 12.19
N TRP G 198 54.13 -17.80 11.86
CA TRP G 198 53.63 -18.75 12.86
C TRP G 198 53.87 -20.20 12.42
N PRO G 199 54.27 -21.09 13.35
CA PRO G 199 54.42 -20.98 14.81
C PRO G 199 55.73 -20.32 15.25
N SER G 200 56.50 -19.82 14.29
CA SER G 200 57.79 -19.20 14.59
C SER G 200 57.64 -18.11 15.64
N GLN G 201 56.66 -17.21 15.44
CA GLN G 201 56.40 -16.11 16.37
C GLN G 201 55.18 -16.43 17.23
N SER G 202 55.20 -16.00 18.48
CA SER G 202 54.13 -16.27 19.42
C SER G 202 52.87 -15.43 19.15
N ILE G 203 51.74 -16.11 18.97
CA ILE G 203 50.44 -15.44 18.81
C ILE G 203 49.53 -15.80 19.98
N THR G 204 48.86 -14.80 20.55
CA THR G 204 48.04 -15.03 21.73
C THR G 204 46.69 -14.30 21.67
N CYS G 205 45.63 -15.08 21.85
CA CYS G 205 44.29 -14.55 22.00
C CYS G 205 44.13 -13.93 23.39
N ASN G 206 43.67 -12.68 23.45
CA ASN G 206 43.36 -12.04 24.73
C ASN G 206 41.88 -11.75 24.82
N VAL G 207 41.23 -12.33 25.84
CA VAL G 207 39.79 -12.20 25.98
C VAL G 207 39.49 -11.67 27.38
N ALA G 208 38.60 -10.68 27.44
CA ALA G 208 38.19 -10.11 28.72
C ALA G 208 36.67 -9.99 28.77
N HIS G 209 36.13 -10.35 29.93
CA HIS G 209 34.69 -10.29 30.15
C HIS G 209 34.44 -9.50 31.43
N PRO G 210 33.92 -8.27 31.31
CA PRO G 210 33.71 -7.44 32.51
C PRO G 210 32.75 -8.05 33.52
N ALA G 211 31.56 -8.42 33.06
CA ALA G 211 30.49 -8.87 33.96
C ALA G 211 30.95 -9.99 34.90
N SER G 212 31.93 -10.77 34.46
CA SER G 212 32.48 -11.84 35.30
C SER G 212 33.87 -11.44 35.78
N SER G 213 34.38 -10.33 35.25
CA SER G 213 35.70 -9.82 35.60
C SER G 213 36.75 -10.91 35.41
N THR G 214 36.97 -11.28 34.17
CA THR G 214 37.98 -12.28 33.82
C THR G 214 38.86 -11.81 32.68
N LYS G 215 40.16 -11.98 32.83
CA LYS G 215 41.12 -11.75 31.77
C LYS G 215 41.82 -13.07 31.49
N VAL G 216 41.69 -13.56 30.26
CA VAL G 216 42.25 -14.84 29.90
C VAL G 216 43.09 -14.71 28.63
N ASP G 217 44.28 -15.28 28.66
CA ASP G 217 45.12 -15.37 27.47
C ASP G 217 45.23 -16.82 27.03
N LYS G 218 45.15 -17.06 25.73
CA LYS G 218 45.35 -18.41 25.19
C LYS G 218 46.34 -18.33 24.05
N LYS G 219 47.55 -18.83 24.27
CA LYS G 219 48.54 -18.90 23.22
C LYS G 219 48.08 -19.97 22.23
N ILE G 220 48.32 -19.73 20.95
CA ILE G 220 47.97 -20.70 19.93
C ILE G 220 49.21 -21.49 19.55
N GLU G 221 49.17 -22.77 19.87
CA GLU G 221 50.27 -23.67 19.59
C GLU G 221 49.82 -24.81 18.68
N PRO G 222 50.75 -25.38 17.91
CA PRO G 222 50.34 -26.47 17.01
C PRO G 222 49.74 -27.62 17.78
N ARG G 223 48.84 -28.35 17.13
CA ARG G 223 48.19 -29.48 17.78
C ARG G 223 49.17 -30.63 17.94
N GLY G 224 49.18 -31.23 19.14
CA GLY G 224 49.89 -32.47 19.35
C GLY G 224 48.93 -33.62 19.14
N PRO G 225 49.33 -34.83 19.53
CA PRO G 225 48.44 -35.99 19.41
C PRO G 225 47.40 -36.11 20.52
N THR G 226 47.36 -35.16 21.44
CA THR G 226 46.43 -35.24 22.58
C THR G 226 44.98 -35.18 22.09
N ASP H 1 5.14 14.67 17.07
CA ASP H 1 6.61 14.91 16.98
C ASP H 1 7.16 14.41 15.63
N ILE H 2 8.33 14.91 15.27
CA ILE H 2 8.83 14.79 13.90
C ILE H 2 9.38 13.39 13.62
N VAL H 3 8.98 12.86 12.47
CA VAL H 3 9.44 11.56 12.01
C VAL H 3 10.36 11.76 10.82
N MET H 4 11.42 10.97 10.74
CA MET H 4 12.35 11.09 9.63
C MET H 4 12.58 9.77 8.93
N THR H 5 12.43 9.83 7.61
CA THR H 5 12.52 8.66 6.76
C THR H 5 13.72 8.80 5.85
N GLN H 6 14.71 7.95 6.07
CA GLN H 6 15.89 7.92 5.20
C GLN H 6 15.67 6.92 4.09
N SER H 7 16.31 7.16 2.96
CA SER H 7 16.26 6.20 1.85
C SER H 7 17.46 6.39 0.94
N PRO H 8 17.95 5.29 0.33
CA PRO H 8 17.44 3.93 0.56
C PRO H 8 17.84 3.39 1.93
N ALA H 9 17.31 2.24 2.32
CA ALA H 9 17.74 1.60 3.55
C ALA H 9 19.17 1.13 3.40
N SER H 10 19.53 0.74 2.18
CA SER H 10 20.83 0.17 1.89
C SER H 10 21.33 0.65 0.54
N LEU H 11 22.62 0.93 0.45
CA LEU H 11 23.21 1.44 -0.78
C LEU H 11 24.58 0.83 -1.06
N ALA H 12 24.75 0.29 -2.25
CA ALA H 12 26.03 -0.27 -2.67
C ALA H 12 26.58 0.53 -3.86
N VAL H 13 27.79 1.05 -3.69
CA VAL H 13 28.34 1.98 -4.66
C VAL H 13 29.81 1.67 -4.93
N SER H 14 30.19 1.72 -6.20
CA SER H 14 31.57 1.42 -6.59
C SER H 14 32.50 2.49 -6.05
N LEU H 15 33.77 2.10 -5.87
CA LEU H 15 34.79 3.01 -5.39
C LEU H 15 34.95 4.22 -6.31
N GLY H 16 35.13 5.39 -5.71
CA GLY H 16 35.31 6.61 -6.48
C GLY H 16 34.02 7.16 -7.09
N GLN H 17 32.94 6.42 -6.91
CA GLN H 17 31.65 6.84 -7.43
C GLN H 17 30.94 7.76 -6.44
N ARG H 18 29.68 8.08 -6.70
CA ARG H 18 28.93 8.98 -5.83
C ARG H 18 27.85 8.22 -5.08
N ALA H 19 27.88 8.31 -3.75
CA ALA H 19 26.81 7.76 -2.92
C ALA H 19 25.88 8.89 -2.47
N THR H 20 24.59 8.70 -2.64
CA THR H 20 23.62 9.74 -2.29
C THR H 20 22.53 9.22 -1.36
N ILE H 21 22.37 9.91 -0.24
CA ILE H 21 21.41 9.52 0.79
C ILE H 21 20.42 10.65 0.93
N SER H 22 19.15 10.31 1.13
CA SER H 22 18.11 11.31 1.29
C SER H 22 17.42 11.14 2.64
N CYS H 23 16.89 12.25 3.16
CA CYS H 23 16.25 12.26 4.47
C CYS H 23 15.01 13.15 4.43
N ARG H 24 13.83 12.53 4.42
CA ARG H 24 12.57 13.28 4.46
C ARG H 24 12.12 13.55 5.89
N ALA H 25 11.68 14.78 6.15
CA ALA H 25 11.10 15.13 7.44
C ALA H 25 9.57 15.19 7.31
N SER H 26 8.87 14.84 8.38
CA SER H 26 7.40 14.85 8.38
C SER H 26 6.86 16.27 8.34
N GLN H 27 7.70 17.25 8.68
CA GLN H 27 7.35 18.65 8.56
C GLN H 27 8.61 19.46 8.29
N SER H 28 8.44 20.71 7.86
CA SER H 28 9.59 21.54 7.55
C SER H 28 10.45 21.78 8.77
N VAL H 29 11.74 21.98 8.53
CA VAL H 29 12.72 21.99 9.58
C VAL H 29 13.72 23.14 9.37
N SER H 30 13.30 24.17 8.63
CA SER H 30 14.18 25.27 8.30
C SER H 30 13.48 26.63 8.32
N THR H 31 14.21 27.65 8.73
CA THR H 31 13.75 29.04 8.63
C THR H 31 14.19 29.61 7.29
N SER H 32 14.05 30.93 7.15
CA SER H 32 14.46 31.61 5.93
C SER H 32 15.97 31.57 5.71
N SER H 33 16.73 31.28 6.77
CA SER H 33 18.18 31.38 6.71
C SER H 33 18.93 30.11 7.14
N TYR H 34 18.33 29.27 7.97
CA TYR H 34 18.99 28.02 8.39
C TYR H 34 18.07 26.81 8.36
N SER H 35 18.67 25.65 8.11
CA SER H 35 17.98 24.38 8.18
C SER H 35 18.54 23.59 9.34
N TYR H 36 17.66 23.04 10.16
CA TYR H 36 18.09 22.40 11.40
C TYR H 36 18.12 20.88 11.25
N MET H 37 19.02 20.43 10.40
CA MET H 37 19.21 19.02 10.12
C MET H 37 20.68 18.67 10.29
N ASN H 38 20.97 17.57 10.97
CA ASN H 38 22.34 17.14 11.21
C ASN H 38 22.58 15.76 10.60
N TRP H 39 23.84 15.46 10.25
CA TRP H 39 24.20 14.14 9.72
C TRP H 39 25.30 13.46 10.54
N TYR H 40 25.15 12.17 10.80
CA TYR H 40 26.13 11.41 11.60
C TYR H 40 26.62 10.17 10.87
N GLN H 41 27.86 9.80 11.16
CA GLN H 41 28.47 8.59 10.62
C GLN H 41 28.72 7.61 11.76
N GLN H 42 28.19 6.41 11.62
CA GLN H 42 28.47 5.36 12.59
C GLN H 42 29.10 4.15 11.91
N LYS H 43 30.39 3.96 12.14
CA LYS H 43 31.08 2.75 11.70
C LYS H 43 30.79 1.62 12.69
N PRO H 44 30.82 0.36 12.22
CA PRO H 44 30.51 -0.77 13.11
C PRO H 44 31.35 -0.80 14.38
N GLY H 45 30.70 -1.07 15.52
CA GLY H 45 31.38 -1.10 16.80
C GLY H 45 31.84 0.25 17.30
N GLN H 46 31.26 1.31 16.76
CA GLN H 46 31.64 2.68 17.13
C GLN H 46 30.42 3.51 17.50
N PRO H 47 30.64 4.62 18.22
CA PRO H 47 29.57 5.59 18.43
C PRO H 47 29.34 6.43 17.18
N PRO H 48 28.15 7.03 17.03
CA PRO H 48 27.94 7.97 15.93
C PRO H 48 28.95 9.11 15.95
N LYS H 49 29.31 9.62 14.77
CA LYS H 49 30.23 10.75 14.65
C LYS H 49 29.59 11.84 13.81
N LEU H 50 29.73 13.08 14.25
CA LEU H 50 29.12 14.22 13.57
C LEU H 50 29.89 14.62 12.33
N LEU H 51 29.20 14.61 11.19
CA LEU H 51 29.78 15.06 9.93
C LEU H 51 29.28 16.44 9.57
N ILE H 52 27.96 16.58 9.50
CA ILE H 52 27.32 17.78 8.99
C ILE H 52 26.38 18.34 10.05
N LYS H 53 26.48 19.64 10.28
CA LYS H 53 25.48 20.33 11.09
C LYS H 53 24.84 21.43 10.26
N TYR H 54 23.58 21.73 10.55
CA TYR H 54 22.84 22.73 9.82
C TYR H 54 22.83 22.48 8.32
N ALA H 55 22.52 21.23 7.95
CA ALA H 55 22.29 20.83 6.56
C ALA H 55 23.54 20.77 5.69
N SER H 56 24.40 21.78 5.76
CA SER H 56 25.52 21.89 4.82
C SER H 56 26.86 22.23 5.48
N ASN H 57 26.87 22.45 6.78
CA ASN H 57 28.07 22.92 7.45
C ASN H 57 28.93 21.72 7.87
N LEU H 58 30.06 21.56 7.18
CA LEU H 58 30.95 20.43 7.44
C LEU H 58 31.69 20.62 8.76
N GLU H 59 31.61 19.62 9.63
CA GLU H 59 32.26 19.67 10.93
C GLU H 59 33.78 19.68 10.74
N SER H 60 34.49 20.32 11.66
CA SER H 60 35.93 20.49 11.54
C SER H 60 36.67 19.15 11.43
N GLY H 61 37.48 19.01 10.39
CA GLY H 61 38.29 17.82 10.21
C GLY H 61 37.71 16.76 9.27
N VAL H 62 36.42 16.85 8.99
CA VAL H 62 35.78 15.86 8.14
C VAL H 62 36.18 16.08 6.68
N PRO H 63 36.51 14.99 5.97
CA PRO H 63 36.90 15.11 4.56
C PRO H 63 35.85 15.78 3.67
N ALA H 64 36.32 16.49 2.65
CA ALA H 64 35.43 17.25 1.77
C ALA H 64 34.64 16.38 0.82
N ARG H 65 34.94 15.08 0.78
CA ARG H 65 34.19 14.18 -0.09
C ARG H 65 32.78 13.98 0.48
N PHE H 66 32.60 14.37 1.74
CA PHE H 66 31.28 14.43 2.34
C PHE H 66 30.70 15.80 2.10
N SER H 67 29.43 15.86 1.73
CA SER H 67 28.74 17.13 1.56
C SER H 67 27.24 16.97 1.82
N GLY H 68 26.63 18.02 2.35
CA GLY H 68 25.22 18.01 2.65
C GLY H 68 24.48 19.12 1.97
N SER H 69 23.21 18.87 1.65
CA SER H 69 22.37 19.88 1.04
C SER H 69 20.89 19.61 1.30
N GLY H 70 20.05 20.49 0.80
CA GLY H 70 18.61 20.36 0.97
C GLY H 70 18.07 21.43 1.88
N SER H 71 16.74 21.46 1.99
CA SER H 71 16.06 22.42 2.84
C SER H 71 14.59 22.04 2.95
N GLY H 72 13.91 22.58 3.95
CA GLY H 72 12.50 22.30 4.16
C GLY H 72 12.28 20.92 4.74
N THR H 73 11.82 19.99 3.90
CA THR H 73 11.53 18.64 4.36
C THR H 73 12.46 17.61 3.71
N ASP H 74 13.30 18.06 2.78
CA ASP H 74 14.17 17.16 2.01
C ASP H 74 15.64 17.52 2.11
N PHE H 75 16.43 16.55 2.53
CA PHE H 75 17.84 16.74 2.76
C PHE H 75 18.67 15.60 2.19
N THR H 76 19.91 15.90 1.84
CA THR H 76 20.73 14.96 1.10
C THR H 76 22.16 14.95 1.61
N LEU H 77 22.69 13.77 1.84
CA LEU H 77 24.10 13.59 2.10
C LEU H 77 24.73 12.97 0.87
N ASN H 78 25.87 13.52 0.45
CA ASN H 78 26.59 13.02 -0.72
C ASN H 78 28.00 12.63 -0.33
N ILE H 79 28.45 11.48 -0.85
CA ILE H 79 29.82 11.04 -0.66
C ILE H 79 30.43 10.83 -2.03
N HIS H 80 31.37 11.70 -2.39
CA HIS H 80 32.02 11.62 -3.68
C HIS H 80 33.40 12.27 -3.63
N PRO H 81 34.45 11.51 -3.98
CA PRO H 81 34.47 10.08 -4.36
C PRO H 81 34.36 9.13 -3.18
N LEU H 82 33.47 8.14 -3.28
CA LEU H 82 33.32 7.14 -2.22
C LEU H 82 34.62 6.37 -2.02
N GLU H 83 35.04 6.22 -0.77
CA GLU H 83 36.25 5.49 -0.44
C GLU H 83 35.97 4.29 0.47
N GLU H 84 36.94 3.39 0.60
CA GLU H 84 36.74 2.13 1.32
C GLU H 84 36.33 2.34 2.77
N GLU H 85 36.96 3.30 3.44
CA GLU H 85 36.72 3.57 4.85
C GLU H 85 35.35 4.20 5.12
N ASP H 86 34.66 4.59 4.05
CA ASP H 86 33.38 5.28 4.19
C ASP H 86 32.24 4.31 4.42
N THR H 87 32.52 3.01 4.38
CA THR H 87 31.50 2.01 4.64
C THR H 87 30.98 2.18 6.07
N ALA H 88 29.70 2.48 6.19
CA ALA H 88 29.10 2.79 7.48
C ALA H 88 27.61 2.98 7.36
N THR H 89 26.96 3.19 8.50
CA THR H 89 25.56 3.61 8.51
C THR H 89 25.50 5.10 8.79
N TYR H 90 24.65 5.80 8.03
CA TYR H 90 24.53 7.24 8.13
C TYR H 90 23.15 7.65 8.60
N TYR H 91 23.12 8.56 9.58
CA TYR H 91 21.89 8.99 10.22
C TYR H 91 21.68 10.49 10.07
N CYS H 92 20.42 10.89 9.87
CA CYS H 92 20.05 12.29 9.97
C CYS H 92 19.28 12.51 11.27
N GLN H 93 19.38 13.70 11.84
CA GLN H 93 18.52 14.12 12.93
C GLN H 93 18.25 15.62 12.92
N HIS H 94 17.05 15.99 13.35
CA HIS H 94 16.64 17.39 13.37
C HIS H 94 16.85 18.00 14.75
N SER H 95 16.98 19.32 14.79
CA SER H 95 17.03 20.06 16.03
C SER H 95 16.00 21.18 15.99
N TRP H 96 14.85 20.89 15.40
CA TRP H 96 13.80 21.88 15.22
C TRP H 96 12.96 22.01 16.48
N GLU H 97 12.75 20.89 17.17
CA GLU H 97 11.95 20.89 18.38
C GLU H 97 12.29 19.70 19.24
N ILE H 98 11.93 19.77 20.52
CA ILE H 98 11.97 18.62 21.39
C ILE H 98 10.68 17.85 21.15
N PRO H 99 10.75 16.52 20.97
CA PRO H 99 11.93 15.66 21.06
C PRO H 99 12.80 15.66 19.81
N TRP H 100 14.11 15.72 19.98
CA TRP H 100 15.03 15.45 18.90
C TRP H 100 14.85 13.99 18.50
N THR H 101 14.84 13.72 17.21
CA THR H 101 14.69 12.35 16.72
C THR H 101 15.70 12.07 15.63
N PHE H 102 15.93 10.79 15.34
CA PHE H 102 16.83 10.38 14.28
C PHE H 102 16.07 9.67 13.17
N GLY H 103 16.63 9.68 11.97
CA GLY H 103 16.18 8.79 10.92
C GLY H 103 16.62 7.37 11.18
N GLY H 104 16.09 6.43 10.42
CA GLY H 104 16.35 5.02 10.64
C GLY H 104 17.72 4.58 10.18
N GLY H 105 18.40 5.45 9.44
CA GLY H 105 19.75 5.15 9.01
C GLY H 105 19.84 4.57 7.62
N THR H 106 20.95 4.84 6.93
CA THR H 106 21.23 4.24 5.64
C THR H 106 22.61 3.57 5.67
N LYS H 107 22.65 2.27 5.38
CA LYS H 107 23.92 1.54 5.34
C LYS H 107 24.58 1.73 3.97
N VAL H 108 25.76 2.35 3.96
CA VAL H 108 26.51 2.53 2.73
C VAL H 108 27.61 1.49 2.63
N GLU H 109 27.59 0.70 1.55
CA GLU H 109 28.58 -0.35 1.32
C GLU H 109 29.32 -0.13 0.00
N ILE H 110 30.60 -0.50 -0.03
CA ILE H 110 31.40 -0.38 -1.25
C ILE H 110 31.16 -1.59 -2.14
N LYS H 111 30.91 -1.31 -3.42
CA LYS H 111 30.80 -2.36 -4.43
C LYS H 111 32.18 -2.63 -5.03
N ARG H 112 32.62 -3.89 -5.00
CA ARG H 112 33.95 -4.24 -5.49
C ARG H 112 33.95 -5.50 -6.35
N ALA H 113 35.12 -5.85 -6.89
CA ALA H 113 35.31 -7.09 -7.63
C ALA H 113 34.93 -8.31 -6.81
N ASP H 114 34.25 -9.25 -7.42
CA ASP H 114 33.95 -10.53 -6.76
C ASP H 114 35.24 -11.14 -6.24
N ALA H 115 35.13 -11.87 -5.14
CA ALA H 115 36.30 -12.52 -4.56
C ALA H 115 35.87 -13.81 -3.87
N ALA H 116 36.72 -14.82 -3.95
CA ALA H 116 36.41 -16.12 -3.36
C ALA H 116 36.83 -16.12 -1.90
N PRO H 117 36.08 -16.83 -1.05
CA PRO H 117 36.44 -16.95 0.36
C PRO H 117 37.65 -17.84 0.60
N THR H 118 38.49 -17.44 1.55
CA THR H 118 39.56 -18.30 2.03
C THR H 118 38.99 -19.13 3.16
N VAL H 119 38.98 -20.45 3.00
CA VAL H 119 38.26 -21.33 3.91
C VAL H 119 39.22 -22.12 4.79
N SER H 120 38.96 -22.11 6.09
CA SER H 120 39.80 -22.81 7.05
C SER H 120 38.93 -23.57 8.05
N ILE H 121 39.29 -24.82 8.33
CA ILE H 121 38.52 -25.65 9.25
C ILE H 121 39.36 -25.96 10.49
N PHE H 122 38.69 -26.12 11.63
CA PHE H 122 39.39 -26.29 12.91
C PHE H 122 38.71 -27.32 13.80
N PRO H 123 39.39 -28.44 14.06
CA PRO H 123 38.80 -29.40 15.01
C PRO H 123 38.65 -28.81 16.40
N PRO H 124 37.85 -29.45 17.25
CA PRO H 124 37.79 -29.00 18.64
C PRO H 124 39.19 -28.95 19.27
N SER H 125 39.45 -27.92 20.06
CA SER H 125 40.67 -27.84 20.83
C SER H 125 40.65 -28.96 21.86
N SER H 126 41.82 -29.46 22.24
CA SER H 126 41.88 -30.55 23.20
C SER H 126 41.35 -30.08 24.55
N GLU H 127 41.49 -28.78 24.80
CA GLU H 127 41.03 -28.18 26.05
C GLU H 127 39.50 -28.23 26.17
N GLN H 128 38.81 -28.06 25.04
CA GLN H 128 37.36 -28.15 25.04
C GLN H 128 36.92 -29.60 25.20
N LEU H 129 37.59 -30.49 24.49
CA LEU H 129 37.28 -31.91 24.58
C LEU H 129 37.40 -32.39 26.02
N THR H 130 38.37 -31.85 26.74
CA THR H 130 38.58 -32.21 28.14
C THR H 130 37.32 -31.95 28.97
N SER H 131 36.57 -30.91 28.61
CA SER H 131 35.41 -30.50 29.40
C SER H 131 34.11 -31.11 28.87
N GLY H 132 34.20 -31.89 27.80
CA GLY H 132 33.06 -32.66 27.33
C GLY H 132 32.35 -32.05 26.14
N GLY H 133 32.88 -30.93 25.64
CA GLY H 133 32.32 -30.28 24.46
C GLY H 133 33.16 -30.49 23.23
N ALA H 134 32.56 -30.30 22.07
CA ALA H 134 33.29 -30.45 20.81
C ALA H 134 32.73 -29.49 19.76
N SER H 135 33.50 -28.43 19.49
CA SER H 135 33.10 -27.43 18.50
C SER H 135 34.01 -27.47 17.27
N VAL H 136 33.42 -27.66 16.10
CA VAL H 136 34.15 -27.57 14.85
C VAL H 136 33.89 -26.21 14.21
N VAL H 137 34.95 -25.43 14.03
CA VAL H 137 34.83 -24.06 13.53
C VAL H 137 35.32 -23.99 12.09
N CYS H 138 34.65 -23.17 11.29
CA CYS H 138 35.04 -22.96 9.90
C CYS H 138 34.97 -21.47 9.56
N PHE H 139 36.10 -20.92 9.13
CA PHE H 139 36.20 -19.51 8.76
C PHE H 139 36.20 -19.34 7.24
N LEU H 140 35.27 -18.52 6.75
CA LEU H 140 35.17 -18.19 5.33
C LEU H 140 35.49 -16.71 5.16
N ASN H 141 36.73 -16.38 4.83
CA ASN H 141 37.21 -15.01 4.96
C ASN H 141 37.45 -14.27 3.64
N ASN H 142 37.22 -12.96 3.70
CA ASN H 142 37.58 -12.02 2.64
C ASN H 142 36.99 -12.37 1.28
N PHE H 143 35.67 -12.52 1.25
CA PHE H 143 34.94 -12.82 0.03
C PHE H 143 34.02 -11.66 -0.33
N TYR H 144 33.45 -11.71 -1.53
CA TYR H 144 32.48 -10.71 -1.97
C TYR H 144 31.71 -11.26 -3.18
N PRO H 145 30.37 -11.07 -3.21
CA PRO H 145 29.52 -10.33 -2.28
C PRO H 145 29.21 -11.10 -1.00
N LYS H 146 28.49 -10.47 -0.08
CA LYS H 146 28.34 -10.99 1.28
C LYS H 146 27.50 -12.28 1.34
N ASP H 147 26.69 -12.54 0.32
CA ASP H 147 25.88 -13.75 0.32
C ASP H 147 26.74 -14.99 0.09
N ILE H 148 26.58 -15.97 0.98
CA ILE H 148 27.37 -17.19 0.92
C ILE H 148 26.64 -18.29 1.69
N ASN H 149 26.73 -19.52 1.19
CA ASN H 149 26.11 -20.66 1.85
C ASN H 149 27.19 -21.56 2.43
N VAL H 150 26.94 -22.05 3.65
CA VAL H 150 27.84 -23.00 4.29
C VAL H 150 27.11 -24.31 4.60
N LYS H 151 27.72 -25.42 4.22
CA LYS H 151 27.17 -26.75 4.48
C LYS H 151 28.15 -27.56 5.32
N TRP H 152 27.66 -28.19 6.38
CA TRP H 152 28.46 -29.14 7.17
C TRP H 152 28.13 -30.59 6.80
N LYS H 153 29.17 -31.38 6.57
CA LYS H 153 29.02 -32.80 6.25
C LYS H 153 29.82 -33.65 7.24
N ILE H 154 29.14 -34.58 7.90
CA ILE H 154 29.80 -35.52 8.82
C ILE H 154 29.74 -36.92 8.23
N ASP H 155 30.89 -37.45 7.84
CA ASP H 155 30.94 -38.76 7.19
C ASP H 155 30.04 -38.77 5.96
N GLY H 156 30.12 -37.70 5.18
CA GLY H 156 29.41 -37.64 3.91
C GLY H 156 28.02 -37.03 3.96
N SER H 157 27.30 -37.21 5.07
CA SER H 157 25.93 -36.73 5.15
C SER H 157 25.86 -35.34 5.79
N GLU H 158 25.07 -34.47 5.17
CA GLU H 158 25.02 -33.08 5.56
C GLU H 158 24.34 -32.90 6.91
N ARG H 159 24.84 -31.94 7.68
CA ARG H 159 24.27 -31.62 8.98
C ARG H 159 23.88 -30.14 9.01
N GLN H 160 22.73 -29.83 9.62
CA GLN H 160 22.23 -28.46 9.66
C GLN H 160 22.05 -27.89 11.06
N ASN H 161 21.72 -28.76 11.99
CA ASN H 161 21.46 -28.36 13.37
C ASN H 161 22.73 -28.37 14.23
N GLY H 162 22.79 -27.42 15.16
CA GLY H 162 23.95 -27.23 16.01
C GLY H 162 24.91 -26.23 15.39
N VAL H 163 24.56 -25.77 14.19
CA VAL H 163 25.34 -24.74 13.51
C VAL H 163 24.88 -23.37 13.95
N LEU H 164 25.82 -22.44 14.10
CA LEU H 164 25.45 -21.04 14.20
C LEU H 164 26.50 -20.20 13.50
N ASN H 165 26.03 -19.21 12.76
CA ASN H 165 26.88 -18.41 11.92
C ASN H 165 26.87 -16.95 12.34
N SER H 166 27.88 -16.22 11.88
CA SER H 166 28.03 -14.82 12.20
C SER H 166 28.83 -14.14 11.10
N TRP H 167 28.31 -13.03 10.59
CA TRP H 167 28.96 -12.29 9.52
C TRP H 167 29.69 -11.07 10.04
N THR H 168 30.88 -10.85 9.49
CA THR H 168 31.61 -9.61 9.68
C THR H 168 30.92 -8.49 8.91
N ASP H 169 31.02 -7.26 9.41
CA ASP H 169 30.57 -6.10 8.63
C ASP H 169 31.66 -5.80 7.60
N GLN H 170 31.27 -5.20 6.47
CA GLN H 170 32.22 -4.96 5.39
C GLN H 170 33.54 -4.37 5.90
N ASP H 171 34.64 -5.02 5.53
CA ASP H 171 35.97 -4.59 5.92
C ASP H 171 36.27 -3.20 5.36
N SER H 172 36.68 -2.29 6.24
CA SER H 172 36.93 -0.90 5.86
C SER H 172 38.17 -0.68 4.99
N LYS H 173 38.97 -1.71 4.76
CA LYS H 173 40.19 -1.55 3.97
C LYS H 173 40.10 -2.23 2.61
N ASP H 174 39.55 -3.43 2.56
CA ASP H 174 39.46 -4.17 1.29
C ASP H 174 38.01 -4.47 0.87
N SER H 175 37.05 -4.00 1.66
CA SER H 175 35.66 -4.05 1.25
C SER H 175 35.13 -5.47 1.08
N THR H 176 35.81 -6.44 1.69
CA THR H 176 35.33 -7.82 1.67
C THR H 176 34.47 -8.12 2.89
N TYR H 177 33.81 -9.27 2.88
CA TYR H 177 33.10 -9.78 4.03
C TYR H 177 33.74 -11.10 4.49
N SER H 178 33.51 -11.45 5.74
CA SER H 178 33.92 -12.74 6.27
C SER H 178 32.77 -13.34 7.09
N MET H 179 32.82 -14.64 7.34
CA MET H 179 31.87 -15.24 8.28
C MET H 179 32.42 -16.48 8.94
N SER H 180 31.74 -16.89 10.01
CA SER H 180 32.22 -17.91 10.92
C SER H 180 31.11 -18.92 11.22
N SER H 181 31.31 -20.16 10.78
CA SER H 181 30.41 -21.26 11.15
C SER H 181 30.98 -22.08 12.31
N THR H 182 30.14 -22.35 13.29
CA THR H 182 30.54 -23.19 14.41
C THR H 182 29.55 -24.33 14.61
N LEU H 183 30.02 -25.55 14.37
CA LEU H 183 29.23 -26.75 14.63
C LEU H 183 29.56 -27.29 16.01
N THR H 184 28.56 -27.30 16.89
CA THR H 184 28.80 -27.74 18.26
C THR H 184 28.10 -29.06 18.53
N LEU H 185 28.91 -30.06 18.85
CA LEU H 185 28.44 -31.37 19.28
C LEU H 185 28.93 -31.65 20.68
N THR H 186 28.45 -32.73 21.27
CA THR H 186 29.06 -33.25 22.49
C THR H 186 30.31 -34.02 22.11
N LYS H 187 31.24 -34.16 23.06
CA LYS H 187 32.43 -34.98 22.88
C LYS H 187 32.02 -36.39 22.44
N ASP H 188 31.00 -36.92 23.11
CA ASP H 188 30.50 -38.26 22.84
C ASP H 188 30.17 -38.48 21.37
N GLU H 189 29.32 -37.63 20.80
CA GLU H 189 28.96 -37.77 19.39
C GLU H 189 30.15 -37.52 18.47
N TYR H 190 30.97 -36.54 18.80
CA TYR H 190 32.11 -36.18 17.97
C TYR H 190 33.04 -37.38 17.75
N GLU H 191 33.23 -38.17 18.80
CA GLU H 191 34.18 -39.28 18.77
C GLU H 191 33.64 -40.49 18.00
N ARG H 192 32.32 -40.51 17.81
CA ARG H 192 31.67 -41.60 17.11
C ARG H 192 31.83 -41.50 15.58
N HIS H 193 32.28 -40.35 15.11
CA HIS H 193 32.43 -40.10 13.67
C HIS H 193 33.87 -39.77 13.30
N ASN H 194 34.17 -39.83 12.01
CA ASN H 194 35.55 -39.72 11.55
C ASN H 194 35.83 -38.44 10.75
N SER H 195 35.13 -38.26 9.63
CA SER H 195 35.41 -37.13 8.74
C SER H 195 34.46 -35.94 8.99
N TYR H 196 35.05 -34.77 9.11
CA TYR H 196 34.27 -33.55 9.31
C TYR H 196 34.58 -32.54 8.20
N THR H 197 33.52 -32.02 7.59
CA THR H 197 33.66 -31.19 6.41
C THR H 197 32.77 -29.95 6.48
N CYS H 198 33.34 -28.79 6.14
CA CYS H 198 32.53 -27.60 5.90
C CYS H 198 32.70 -27.22 4.43
N GLU H 199 31.57 -27.01 3.77
CA GLU H 199 31.53 -26.68 2.35
C GLU H 199 30.98 -25.27 2.14
N ALA H 200 31.74 -24.45 1.43
CA ALA H 200 31.36 -23.06 1.18
C ALA H 200 30.92 -22.82 -0.26
N THR H 201 29.65 -22.49 -0.45
CA THR H 201 29.12 -22.20 -1.78
C THR H 201 28.98 -20.70 -1.98
N HIS H 202 29.54 -20.22 -3.09
CA HIS H 202 29.65 -18.80 -3.33
C HIS H 202 29.56 -18.54 -4.83
N LYS H 203 28.98 -17.42 -5.22
CA LYS H 203 28.85 -17.06 -6.63
C LYS H 203 30.16 -17.21 -7.40
N THR H 204 31.27 -16.98 -6.70
CA THR H 204 32.58 -16.88 -7.32
C THR H 204 32.94 -18.15 -8.10
N SER H 205 32.42 -19.30 -7.66
CA SER H 205 32.67 -20.55 -8.35
C SER H 205 31.43 -21.45 -8.31
N THR H 206 31.29 -22.29 -9.33
CA THR H 206 30.21 -23.27 -9.39
C THR H 206 30.50 -24.37 -8.39
N SER H 207 31.79 -24.62 -8.19
CA SER H 207 32.23 -25.66 -7.28
C SER H 207 32.41 -25.12 -5.87
N PRO H 208 31.76 -25.76 -4.87
CA PRO H 208 31.99 -25.35 -3.49
C PRO H 208 33.44 -25.49 -3.07
N ILE H 209 33.91 -24.60 -2.21
CA ILE H 209 35.23 -24.77 -1.61
C ILE H 209 35.04 -25.61 -0.35
N VAL H 210 35.79 -26.70 -0.24
CA VAL H 210 35.58 -27.66 0.84
C VAL H 210 36.88 -27.91 1.58
N LYS H 211 36.75 -27.99 2.90
CA LYS H 211 37.86 -28.30 3.78
C LYS H 211 37.45 -29.48 4.66
N SER H 212 38.38 -30.37 4.93
CA SER H 212 38.09 -31.58 5.70
C SER H 212 39.22 -31.95 6.63
N PHE H 213 38.87 -32.73 7.64
CA PHE H 213 39.86 -33.44 8.44
C PHE H 213 39.21 -34.73 8.91
N ASN H 214 40.05 -35.69 9.28
CA ASN H 214 39.56 -36.91 9.90
C ASN H 214 39.97 -36.87 11.36
N ARG H 215 39.03 -37.20 12.24
CA ARG H 215 39.29 -37.15 13.67
C ARG H 215 40.48 -38.05 14.02
N ASN H 216 41.35 -37.56 14.91
CA ASN H 216 42.43 -38.37 15.45
C ASN H 216 43.33 -38.91 14.32
N GLU H 217 43.32 -38.24 13.18
CA GLU H 217 44.18 -38.62 12.06
C GLU H 217 44.95 -37.39 11.60
N CYS H 218 46.09 -37.60 10.96
CA CYS H 218 46.95 -36.48 10.56
C CYS H 218 47.87 -36.85 9.39
#